data_1N3N
#
_entry.id   1N3N
#
_cell.length_a   129.276
_cell.length_b   122.995
_cell.length_c   150.833
_cell.angle_alpha   90.00
_cell.angle_beta   90.01
_cell.angle_gamma   90.00
#
_symmetry.space_group_name_H-M   'C 1 2 1'
#
loop_
_entity.id
_entity.type
_entity.pdbx_description
1 polymer 'H-2 CLASS I HISTOCOMPATIBILITY ANTIGEN, D-B ALPHA CHAIN'
2 polymer BETA-2-MICROGLOBULIN
3 polymer 'mycobacterial hsp60 decameric epitope'
4 non-polymer 'SULFATE ION'
5 water water
#
loop_
_entity_poly.entity_id
_entity_poly.type
_entity_poly.pdbx_seq_one_letter_code
_entity_poly.pdbx_strand_id
1 'polypeptide(L)'
;GPHSMRYFETAVSRPGLEEPRYISVGYVDNKEFVRFDSDAENPRYEPRAPWMEQEGPEYWERETQKAKGQEQWFRVSLRN
LLGYYNQSAGGSHTLQQMSGCDLGSDWRLLRGYLQFAYEGRDYIALNEDLKTWTAADMAAQITRRKWEQSGAAEHYKAYL
EGECVEWLHRYLKNGNATLLRTDSPKAHVTHHPRSKGEVTLRCWALGFYPADITLTWQLNGEELTQDMELVETRPAGDGT
FQKWASVVVPLGKEQNYTCRVYHEGLPEPLTLRWEPPPST
;
A,C,E,G
2 'polypeptide(L)'
;IQKTPQIQVYSRHPPENGKPNILNCYVTQFHPPHIEIQMLKNGKKIPKVEMSDMSFSKDWSFYILAHTEFTPTETDTYAC
RVKHDSMAEPKTVYWDRDM
;
B,D,F,H
3 'polypeptide(L)' SALQNAASIA I,J,K,L
#
# COMPACT_ATOMS: atom_id res chain seq x y z
N GLY A 1 -63.86 43.29 -5.75
CA GLY A 1 -63.05 42.78 -4.60
C GLY A 1 -61.72 43.52 -4.51
N PRO A 2 -60.78 43.03 -3.69
CA PRO A 2 -59.45 43.61 -3.48
C PRO A 2 -58.45 43.24 -4.59
N HIS A 3 -57.32 43.94 -4.59
CA HIS A 3 -56.31 43.72 -5.60
C HIS A 3 -54.91 43.88 -5.05
N SER A 4 -53.92 43.62 -5.91
CA SER A 4 -52.54 43.71 -5.48
C SER A 4 -51.61 43.62 -6.66
N MET A 5 -50.34 43.92 -6.41
CA MET A 5 -49.31 43.82 -7.42
C MET A 5 -48.04 43.51 -6.66
N ARG A 6 -47.31 42.51 -7.12
CA ARG A 6 -46.05 42.16 -6.50
C ARG A 6 -45.01 41.98 -7.56
N TYR A 7 -43.74 42.11 -7.17
CA TYR A 7 -42.62 41.87 -8.07
C TYR A 7 -41.66 40.99 -7.32
N PHE A 8 -41.67 39.72 -7.70
CA PHE A 8 -40.79 38.72 -7.10
C PHE A 8 -39.52 38.72 -7.91
N GLU A 9 -38.42 39.08 -7.26
CA GLU A 9 -37.14 39.13 -7.93
C GLU A 9 -36.14 38.15 -7.29
N THR A 10 -35.48 37.36 -8.13
CA THR A 10 -34.49 36.36 -7.73
C THR A 10 -33.16 36.52 -8.44
N ALA A 11 -32.08 36.36 -7.72
CA ALA A 11 -30.77 36.46 -8.35
C ALA A 11 -30.08 35.22 -7.86
N VAL A 12 -29.67 34.36 -8.78
CA VAL A 12 -29.06 33.13 -8.32
C VAL A 12 -27.68 32.91 -8.89
N SER A 13 -26.69 32.75 -8.01
CA SER A 13 -25.30 32.55 -8.46
C SER A 13 -24.84 31.11 -8.49
N ARG A 14 -23.98 30.85 -9.48
CA ARG A 14 -23.33 29.55 -9.72
C ARG A 14 -21.83 29.86 -9.90
N PRO A 15 -20.95 28.84 -9.73
CA PRO A 15 -19.51 29.04 -9.88
C PRO A 15 -19.03 29.01 -11.32
N GLY A 16 -17.76 29.37 -11.51
CA GLY A 16 -17.17 29.40 -12.84
C GLY A 16 -17.42 30.74 -13.51
N LEU A 17 -18.11 30.70 -14.64
CA LEU A 17 -18.45 31.91 -15.40
C LEU A 17 -19.28 32.79 -14.46
N GLU A 18 -18.61 33.68 -13.73
CA GLU A 18 -19.37 34.51 -12.80
C GLU A 18 -20.53 35.19 -13.51
N GLU A 19 -21.23 36.00 -12.73
CA GLU A 19 -22.38 36.76 -13.17
C GLU A 19 -23.64 35.95 -12.97
N PRO A 20 -24.29 36.15 -11.83
CA PRO A 20 -25.52 35.44 -11.51
C PRO A 20 -26.67 35.71 -12.48
N ARG A 21 -27.65 34.81 -12.51
CA ARG A 21 -28.82 34.96 -13.36
C ARG A 21 -29.85 35.76 -12.53
N TYR A 22 -30.46 36.73 -13.18
CA TYR A 22 -31.40 37.63 -12.52
C TYR A 22 -32.78 37.43 -13.09
N ILE A 23 -33.78 37.26 -12.25
CA ILE A 23 -35.10 37.08 -12.80
C ILE A 23 -36.10 37.89 -12.07
N SER A 24 -37.08 38.42 -12.79
CA SER A 24 -38.05 39.24 -12.15
C SER A 24 -39.38 38.97 -12.73
N VAL A 25 -40.30 38.54 -11.89
CA VAL A 25 -41.63 38.24 -12.34
C VAL A 25 -42.51 39.18 -11.59
N GLY A 26 -43.44 39.80 -12.30
CA GLY A 26 -44.34 40.68 -11.60
C GLY A 26 -45.74 40.15 -11.73
N TYR A 27 -46.59 40.39 -10.75
CA TYR A 27 -47.95 39.90 -10.85
C TYR A 27 -48.92 41.00 -10.49
N VAL A 28 -50.13 40.96 -11.03
CA VAL A 28 -51.20 41.88 -10.60
C VAL A 28 -52.33 40.93 -10.23
N ASP A 29 -52.75 40.97 -8.97
CA ASP A 29 -53.78 40.04 -8.49
C ASP A 29 -53.26 38.60 -8.69
N ASN A 30 -52.01 38.40 -8.29
CA ASN A 30 -51.31 37.11 -8.35
C ASN A 30 -51.40 36.39 -9.66
N LYS A 31 -51.40 37.16 -10.73
CA LYS A 31 -51.46 36.61 -12.08
C LYS A 31 -50.23 37.17 -12.79
N GLU A 32 -49.34 36.31 -13.28
CA GLU A 32 -48.12 36.78 -13.96
C GLU A 32 -48.46 37.74 -15.08
N PHE A 33 -47.74 38.85 -15.20
CA PHE A 33 -48.07 39.74 -16.31
C PHE A 33 -46.85 40.35 -16.94
N VAL A 34 -45.68 40.09 -16.38
CA VAL A 34 -44.47 40.64 -16.96
C VAL A 34 -43.30 39.81 -16.49
N ARG A 35 -42.32 39.56 -17.35
CA ARG A 35 -41.19 38.75 -16.92
C ARG A 35 -39.86 39.16 -17.49
N PHE A 36 -38.82 39.11 -16.67
CA PHE A 36 -37.49 39.46 -17.12
C PHE A 36 -36.48 38.39 -16.75
N ASP A 37 -35.66 37.98 -17.72
CA ASP A 37 -34.68 36.92 -17.47
C ASP A 37 -33.31 37.23 -18.03
N SER A 38 -32.37 37.58 -17.17
CA SER A 38 -31.06 37.91 -17.65
C SER A 38 -30.48 36.82 -18.52
N ASP A 39 -31.08 35.63 -18.54
CA ASP A 39 -30.54 34.52 -19.33
C ASP A 39 -31.01 34.53 -20.77
N ALA A 40 -31.96 35.41 -21.06
CA ALA A 40 -32.48 35.50 -22.42
C ALA A 40 -31.42 35.97 -23.40
N GLU A 41 -31.73 35.79 -24.68
CA GLU A 41 -30.86 36.20 -25.78
C GLU A 41 -30.79 37.71 -25.67
N ASN A 42 -31.97 38.31 -25.53
CA ASN A 42 -32.10 39.75 -25.41
C ASN A 42 -32.91 40.09 -24.16
N PRO A 43 -32.23 40.24 -23.04
CA PRO A 43 -32.87 40.56 -21.77
C PRO A 43 -33.78 41.75 -21.89
N ARG A 44 -35.02 41.62 -21.43
CA ARG A 44 -35.97 42.73 -21.48
C ARG A 44 -37.34 42.29 -20.99
N TYR A 45 -37.93 43.05 -20.08
CA TYR A 45 -39.25 42.70 -19.59
C TYR A 45 -40.20 42.37 -20.74
N GLU A 46 -40.74 41.17 -20.77
CA GLU A 46 -41.65 40.79 -21.82
C GLU A 46 -43.07 40.86 -21.29
N PRO A 47 -44.05 41.12 -22.14
CA PRO A 47 -45.40 41.16 -21.60
C PRO A 47 -45.76 39.70 -21.43
N ARG A 48 -46.60 39.38 -20.45
CA ARG A 48 -46.99 37.99 -20.25
C ARG A 48 -48.48 37.81 -20.07
N ALA A 49 -49.24 38.50 -20.90
CA ALA A 49 -50.67 38.40 -20.85
C ALA A 49 -51.19 39.25 -21.99
N PRO A 50 -52.16 38.72 -22.75
CA PRO A 50 -52.71 39.46 -23.87
C PRO A 50 -52.88 40.96 -23.58
N TRP A 51 -53.61 41.29 -22.52
CA TRP A 51 -53.83 42.71 -22.22
C TRP A 51 -52.58 43.54 -22.13
N MET A 52 -51.67 43.16 -21.24
CA MET A 52 -50.45 43.92 -21.10
C MET A 52 -49.71 44.16 -22.42
N GLU A 53 -50.18 43.57 -23.51
CA GLU A 53 -49.50 43.78 -24.78
C GLU A 53 -49.74 45.18 -25.38
N GLN A 54 -50.69 45.90 -24.81
CA GLN A 54 -51.03 47.24 -25.29
C GLN A 54 -50.18 48.32 -24.62
N GLU A 55 -48.92 48.06 -24.31
CA GLU A 55 -48.13 49.06 -23.62
C GLU A 55 -47.23 49.96 -24.43
N GLY A 56 -46.55 49.42 -25.43
CA GLY A 56 -45.70 50.31 -26.21
C GLY A 56 -44.27 50.38 -25.70
N PRO A 57 -43.30 50.48 -26.63
CA PRO A 57 -41.87 50.54 -26.36
C PRO A 57 -41.39 51.48 -25.30
N GLU A 58 -41.90 52.71 -25.30
CA GLU A 58 -41.46 53.67 -24.29
C GLU A 58 -41.47 52.95 -22.94
N TYR A 59 -42.59 52.31 -22.65
CA TYR A 59 -42.75 51.56 -21.41
C TYR A 59 -41.70 50.45 -21.25
N TRP A 60 -41.77 49.42 -22.08
CA TRP A 60 -40.83 48.29 -22.03
C TRP A 60 -39.41 48.76 -21.92
N GLU A 61 -39.06 49.79 -22.68
CA GLU A 61 -37.71 50.29 -22.58
C GLU A 61 -37.41 50.71 -21.14
N ARG A 62 -38.26 51.58 -20.57
CA ARG A 62 -38.13 52.10 -19.21
C ARG A 62 -38.08 50.97 -18.17
N GLU A 63 -38.92 49.95 -18.36
CA GLU A 63 -38.91 48.81 -17.44
C GLU A 63 -37.62 48.09 -17.64
N THR A 64 -37.34 47.61 -18.84
CA THR A 64 -36.07 46.90 -19.05
C THR A 64 -34.92 47.64 -18.43
N GLN A 65 -34.92 48.95 -18.53
CA GLN A 65 -33.83 49.66 -17.89
C GLN A 65 -33.80 49.34 -16.40
N LYS A 66 -34.92 49.54 -15.72
CA LYS A 66 -35.00 49.28 -14.28
C LYS A 66 -34.53 47.84 -13.97
N ALA A 67 -34.99 46.86 -14.74
CA ALA A 67 -34.55 45.51 -14.48
C ALA A 67 -33.03 45.46 -14.57
N LYS A 68 -32.45 46.12 -15.58
CA LYS A 68 -30.97 46.14 -15.73
C LYS A 68 -30.35 46.70 -14.44
N GLY A 69 -31.10 47.61 -13.84
CA GLY A 69 -30.69 48.27 -12.62
C GLY A 69 -30.72 47.33 -11.45
N GLN A 70 -31.81 46.60 -11.28
CA GLN A 70 -31.91 45.66 -10.18
C GLN A 70 -30.79 44.68 -10.35
N GLU A 71 -30.70 44.09 -11.53
CA GLU A 71 -29.65 43.11 -11.78
C GLU A 71 -28.32 43.50 -11.12
N GLN A 72 -27.90 44.74 -11.32
CA GLN A 72 -26.63 45.15 -10.74
C GLN A 72 -26.62 45.15 -9.25
N TRP A 73 -27.69 45.68 -8.66
CA TRP A 73 -27.87 45.76 -7.22
C TRP A 73 -27.76 44.36 -6.61
N PHE A 74 -28.52 43.41 -7.15
CA PHE A 74 -28.46 42.04 -6.65
C PHE A 74 -27.02 41.56 -6.80
N ARG A 75 -26.50 41.63 -8.03
CA ARG A 75 -25.13 41.22 -8.37
C ARG A 75 -24.13 41.55 -7.29
N VAL A 76 -24.27 42.73 -6.71
CA VAL A 76 -23.37 43.19 -5.68
C VAL A 76 -23.78 42.81 -4.28
N SER A 77 -25.06 42.93 -3.97
CA SER A 77 -25.51 42.56 -2.63
C SER A 77 -25.11 41.12 -2.39
N LEU A 78 -25.16 40.34 -3.46
CA LEU A 78 -24.79 38.94 -3.42
C LEU A 78 -23.32 38.77 -3.02
N ARG A 79 -22.39 39.55 -3.60
CA ARG A 79 -20.99 39.45 -3.22
C ARG A 79 -20.91 39.82 -1.75
N ASN A 80 -21.60 40.87 -1.34
CA ASN A 80 -21.54 41.25 0.08
C ASN A 80 -22.06 40.16 1.02
N LEU A 81 -23.25 39.62 0.77
CA LEU A 81 -23.81 38.56 1.63
C LEU A 81 -22.85 37.41 1.74
N LEU A 82 -22.21 37.08 0.62
CA LEU A 82 -21.24 36.00 0.58
C LEU A 82 -20.18 36.23 1.67
N GLY A 83 -19.70 37.46 1.78
CA GLY A 83 -18.74 37.76 2.80
C GLY A 83 -19.34 37.73 4.20
N TYR A 84 -20.58 38.21 4.35
CA TYR A 84 -21.23 38.27 5.67
C TYR A 84 -21.35 36.91 6.31
N TYR A 85 -21.66 35.90 5.52
CA TYR A 85 -21.82 34.59 6.10
C TYR A 85 -20.55 33.78 5.99
N ASN A 86 -19.46 34.44 5.62
CA ASN A 86 -18.20 33.75 5.54
C ASN A 86 -18.26 32.49 4.67
N GLN A 87 -19.09 32.52 3.64
CA GLN A 87 -19.21 31.37 2.77
C GLN A 87 -18.06 31.39 1.74
N SER A 88 -17.41 30.24 1.61
CA SER A 88 -16.29 30.08 0.69
C SER A 88 -16.76 30.37 -0.71
N ALA A 89 -15.84 30.90 -1.52
CA ALA A 89 -16.16 31.20 -2.91
C ALA A 89 -16.38 29.92 -3.74
N GLY A 90 -16.90 30.10 -4.95
CA GLY A 90 -17.17 28.98 -5.84
C GLY A 90 -18.47 28.25 -5.53
N GLY A 91 -19.30 28.84 -4.66
CA GLY A 91 -20.57 28.21 -4.29
C GLY A 91 -21.69 28.41 -5.28
N SER A 92 -22.93 28.43 -4.78
CA SER A 92 -24.12 28.65 -5.59
C SER A 92 -25.08 29.25 -4.59
N HIS A 93 -25.48 30.50 -4.77
CA HIS A 93 -26.32 31.16 -3.77
C HIS A 93 -27.55 31.85 -4.31
N THR A 94 -28.46 32.23 -3.41
CA THR A 94 -29.68 32.85 -3.84
C THR A 94 -30.11 34.09 -3.11
N LEU A 95 -30.42 35.15 -3.85
CA LEU A 95 -30.95 36.33 -3.20
C LEU A 95 -32.37 36.54 -3.75
N GLN A 96 -33.33 36.68 -2.84
CA GLN A 96 -34.70 36.87 -3.25
C GLN A 96 -35.34 38.10 -2.69
N GLN A 97 -36.21 38.73 -3.49
CA GLN A 97 -36.88 39.93 -3.05
C GLN A 97 -38.32 39.99 -3.42
N MET A 98 -39.20 40.30 -2.47
CA MET A 98 -40.65 40.44 -2.75
C MET A 98 -41.02 41.88 -2.44
N SER A 99 -41.64 42.59 -3.39
CA SER A 99 -42.03 44.00 -3.16
C SER A 99 -43.34 44.24 -3.85
N GLY A 100 -44.14 45.14 -3.29
CA GLY A 100 -45.46 45.38 -3.88
C GLY A 100 -46.44 46.03 -2.93
N CYS A 101 -47.69 46.14 -3.34
CA CYS A 101 -48.70 46.81 -2.53
C CYS A 101 -50.07 46.19 -2.62
N ASP A 102 -50.89 46.32 -1.58
CA ASP A 102 -52.26 45.76 -1.59
C ASP A 102 -53.34 46.83 -1.59
N LEU A 103 -54.46 46.56 -2.25
CA LEU A 103 -55.56 47.53 -2.30
C LEU A 103 -56.87 46.97 -1.78
N GLY A 104 -57.67 47.82 -1.15
CA GLY A 104 -58.96 47.40 -0.64
C GLY A 104 -59.92 47.22 -1.80
N SER A 105 -61.18 46.94 -1.50
CA SER A 105 -62.21 46.77 -2.53
C SER A 105 -62.51 48.14 -3.12
N ASP A 106 -62.00 49.17 -2.45
CA ASP A 106 -62.17 50.57 -2.83
C ASP A 106 -61.02 51.06 -3.67
N TRP A 107 -59.99 50.23 -3.81
CA TRP A 107 -58.80 50.57 -4.58
C TRP A 107 -57.80 51.42 -3.83
N ARG A 108 -58.07 51.75 -2.58
CA ARG A 108 -57.11 52.52 -1.82
C ARG A 108 -56.01 51.59 -1.27
N LEU A 109 -54.85 52.15 -0.96
CA LEU A 109 -53.75 51.35 -0.42
C LEU A 109 -54.17 50.70 0.89
N LEU A 110 -53.48 49.64 1.28
CA LEU A 110 -53.78 48.95 2.53
C LEU A 110 -52.47 48.54 3.15
N ARG A 111 -51.50 48.25 2.30
CA ARG A 111 -50.23 47.85 2.83
C ARG A 111 -49.15 47.85 1.76
N GLY A 112 -47.92 48.05 2.20
CA GLY A 112 -46.81 48.04 1.29
C GLY A 112 -46.08 46.77 1.64
N TYR A 113 -45.30 46.23 0.72
CA TYR A 113 -44.55 45.03 1.04
C TYR A 113 -43.17 45.13 0.46
N LEU A 114 -42.16 44.87 1.29
CA LEU A 114 -40.81 44.85 0.80
C LEU A 114 -40.03 43.95 1.73
N GLN A 115 -39.69 42.74 1.30
CA GLN A 115 -38.87 41.84 2.14
C GLN A 115 -37.81 41.10 1.34
N PHE A 116 -36.71 40.74 1.98
CA PHE A 116 -35.62 40.07 1.28
C PHE A 116 -35.34 38.70 1.87
N ALA A 117 -34.67 37.84 1.11
CA ALA A 117 -34.36 36.54 1.62
C ALA A 117 -33.04 36.11 1.06
N TYR A 118 -32.21 35.51 1.91
CA TYR A 118 -30.93 35.01 1.41
C TYR A 118 -30.88 33.56 1.71
N GLU A 119 -30.60 32.80 0.66
CA GLU A 119 -30.50 31.35 0.71
C GLU A 119 -31.86 30.77 1.03
N GLY A 120 -32.91 31.54 0.81
CA GLY A 120 -34.24 31.05 1.10
C GLY A 120 -34.73 31.39 2.49
N ARG A 121 -33.88 32.04 3.29
CA ARG A 121 -34.27 32.40 4.65
C ARG A 121 -34.52 33.88 4.69
N ASP A 122 -35.40 34.28 5.61
CA ASP A 122 -35.71 35.69 5.81
C ASP A 122 -34.40 36.43 6.12
N TYR A 123 -34.21 37.58 5.49
CA TYR A 123 -32.98 38.33 5.71
C TYR A 123 -33.31 39.63 6.37
N ILE A 124 -34.10 40.44 5.68
CA ILE A 124 -34.52 41.73 6.23
C ILE A 124 -35.77 42.13 5.52
N ALA A 125 -36.72 42.68 6.27
CA ALA A 125 -37.99 43.11 5.69
C ALA A 125 -38.46 44.43 6.25
N LEU A 126 -39.13 45.19 5.40
CA LEU A 126 -39.66 46.49 5.81
C LEU A 126 -40.90 46.19 6.62
N ASN A 127 -41.04 46.87 7.75
CA ASN A 127 -42.19 46.66 8.59
C ASN A 127 -43.36 47.38 7.95
N GLU A 128 -44.56 47.17 8.50
CA GLU A 128 -45.82 47.79 8.04
C GLU A 128 -45.74 49.33 8.00
N ASP A 129 -45.08 49.93 8.98
CA ASP A 129 -44.96 51.37 9.01
C ASP A 129 -44.20 51.90 7.80
N LEU A 130 -43.40 51.03 7.16
CA LEU A 130 -42.62 51.44 6.00
C LEU A 130 -41.54 52.40 6.47
N LYS A 131 -41.28 52.39 7.78
CA LYS A 131 -40.29 53.28 8.37
C LYS A 131 -39.16 52.53 9.09
N THR A 132 -39.51 51.35 9.60
CA THR A 132 -38.54 50.54 10.32
C THR A 132 -38.33 49.17 9.73
N TRP A 133 -37.17 48.58 10.05
CA TRP A 133 -36.82 47.27 9.54
C TRP A 133 -36.87 46.19 10.58
N THR A 134 -36.46 44.99 10.18
CA THR A 134 -36.44 43.80 11.02
C THR A 134 -35.33 42.88 10.48
N ALA A 135 -34.22 42.74 11.17
CA ALA A 135 -33.17 41.88 10.65
C ALA A 135 -33.20 40.50 11.28
N ALA A 136 -33.56 39.52 10.48
CA ALA A 136 -33.59 38.11 10.88
C ALA A 136 -32.37 37.58 11.62
N ASP A 137 -31.15 38.04 11.32
CA ASP A 137 -29.95 37.59 12.03
C ASP A 137 -28.84 38.63 12.10
N MET A 138 -27.72 38.23 12.66
CA MET A 138 -26.59 39.13 12.81
C MET A 138 -26.09 39.76 11.53
N ALA A 139 -25.97 38.97 10.47
CA ALA A 139 -25.52 39.52 9.21
C ALA A 139 -26.50 40.60 8.74
N ALA A 140 -27.79 40.35 8.94
CA ALA A 140 -28.84 41.30 8.54
C ALA A 140 -28.81 42.55 9.38
N GLN A 141 -28.26 42.47 10.60
CA GLN A 141 -28.12 43.64 11.47
C GLN A 141 -27.27 44.66 10.70
N ILE A 142 -26.06 44.25 10.30
CA ILE A 142 -25.16 45.09 9.54
C ILE A 142 -25.97 45.76 8.44
N THR A 143 -26.66 44.95 7.64
CA THR A 143 -27.45 45.49 6.57
C THR A 143 -28.46 46.49 7.13
N ARG A 144 -29.23 46.09 8.12
CA ARG A 144 -30.20 47.02 8.67
C ARG A 144 -29.54 48.34 9.08
N ARG A 145 -28.47 48.29 9.87
CA ARG A 145 -27.80 49.52 10.29
C ARG A 145 -27.53 50.39 9.08
N LYS A 146 -26.79 49.84 8.12
CA LYS A 146 -26.45 50.57 6.89
C LYS A 146 -27.66 51.22 6.22
N TRP A 147 -28.78 50.52 6.22
CA TRP A 147 -29.99 51.02 5.59
C TRP A 147 -30.72 52.05 6.39
N GLU A 148 -30.41 52.14 7.67
CA GLU A 148 -31.07 53.14 8.50
C GLU A 148 -30.33 54.46 8.36
N GLN A 149 -29.01 54.42 8.49
CA GLN A 149 -28.19 55.62 8.37
C GLN A 149 -28.31 56.27 7.00
N SER A 150 -28.99 55.61 6.06
CA SER A 150 -29.15 56.17 4.72
C SER A 150 -30.61 56.42 4.41
N GLY A 151 -31.47 56.22 5.40
CA GLY A 151 -32.90 56.44 5.19
C GLY A 151 -33.49 55.75 3.97
N ALA A 152 -32.79 54.75 3.46
CA ALA A 152 -33.25 53.98 2.31
C ALA A 152 -34.70 53.53 2.45
N ALA A 153 -35.20 53.48 3.69
CA ALA A 153 -36.60 53.06 3.90
C ALA A 153 -37.56 54.06 3.30
N GLU A 154 -37.23 55.34 3.40
CA GLU A 154 -38.08 56.39 2.83
C GLU A 154 -38.25 56.10 1.33
N HIS A 155 -37.12 55.89 0.66
CA HIS A 155 -37.11 55.59 -0.76
C HIS A 155 -38.11 54.51 -1.12
N TYR A 156 -38.11 53.41 -0.36
CA TYR A 156 -39.05 52.36 -0.66
C TYR A 156 -40.47 52.81 -0.26
N LYS A 157 -40.58 53.60 0.80
CA LYS A 157 -41.90 54.03 1.24
C LYS A 157 -42.57 54.87 0.18
N ALA A 158 -41.75 55.61 -0.57
CA ALA A 158 -42.25 56.47 -1.63
C ALA A 158 -42.82 55.62 -2.74
N TYR A 159 -42.03 54.67 -3.22
CA TYR A 159 -42.48 53.79 -4.28
C TYR A 159 -43.74 52.99 -3.92
N LEU A 160 -43.72 52.32 -2.78
CA LEU A 160 -44.84 51.49 -2.36
C LEU A 160 -46.13 52.24 -2.19
N GLU A 161 -46.07 53.50 -1.76
CA GLU A 161 -47.31 54.22 -1.56
C GLU A 161 -47.71 54.95 -2.81
N GLY A 162 -46.75 55.19 -3.68
CA GLY A 162 -47.04 55.92 -4.89
C GLY A 162 -47.12 55.12 -6.17
N GLU A 163 -45.99 55.11 -6.89
CA GLU A 163 -45.88 54.42 -8.15
C GLU A 163 -46.57 53.05 -8.13
N CYS A 164 -46.30 52.28 -7.08
CA CYS A 164 -46.93 50.99 -6.98
C CYS A 164 -48.43 51.14 -7.14
N VAL A 165 -49.05 51.96 -6.31
CA VAL A 165 -50.49 52.14 -6.40
C VAL A 165 -50.94 52.82 -7.67
N GLU A 166 -50.19 53.82 -8.12
CA GLU A 166 -50.57 54.51 -9.34
C GLU A 166 -50.62 53.53 -10.50
N TRP A 167 -49.58 52.71 -10.66
CA TRP A 167 -49.60 51.78 -11.77
C TRP A 167 -50.57 50.64 -11.64
N LEU A 168 -50.79 50.14 -10.43
CA LEU A 168 -51.74 49.06 -10.25
C LEU A 168 -53.10 49.52 -10.77
N HIS A 169 -53.49 50.76 -10.42
CA HIS A 169 -54.77 51.29 -10.89
C HIS A 169 -54.79 51.20 -12.41
N ARG A 170 -53.74 51.74 -13.03
CA ARG A 170 -53.63 51.71 -14.47
C ARG A 170 -53.82 50.30 -14.98
N TYR A 171 -53.02 49.36 -14.46
CA TYR A 171 -53.12 47.98 -14.91
C TYR A 171 -54.52 47.42 -14.78
N LEU A 172 -55.11 47.63 -13.60
CA LEU A 172 -56.46 47.16 -13.31
C LEU A 172 -57.44 47.70 -14.33
N LYS A 173 -57.25 48.97 -14.69
CA LYS A 173 -58.13 49.58 -15.69
C LYS A 173 -58.03 48.94 -17.07
N ASN A 174 -56.81 48.61 -17.51
CA ASN A 174 -56.67 47.99 -18.82
C ASN A 174 -57.18 46.55 -18.80
N GLY A 175 -56.35 45.62 -18.31
CA GLY A 175 -56.80 44.23 -18.27
C GLY A 175 -58.05 44.02 -17.46
N ASN A 176 -59.20 43.89 -18.12
CA ASN A 176 -60.47 43.65 -17.42
C ASN A 176 -61.27 42.52 -18.08
N ALA A 177 -60.60 41.37 -18.28
CA ALA A 177 -61.18 40.18 -18.90
C ALA A 177 -60.84 38.89 -18.12
N THR A 178 -60.65 39.04 -16.81
CA THR A 178 -60.30 37.93 -15.93
C THR A 178 -59.92 38.45 -14.52
N LEU A 179 -59.47 39.71 -14.48
CA LEU A 179 -59.07 40.37 -13.23
C LEU A 179 -60.31 40.81 -12.44
N LEU A 180 -61.37 41.17 -13.17
CA LEU A 180 -62.67 41.55 -12.59
C LEU A 180 -63.49 40.24 -12.66
N ARG A 181 -62.82 39.14 -12.34
CA ARG A 181 -63.43 37.81 -12.39
C ARG A 181 -62.66 36.72 -11.67
N THR A 182 -63.39 35.67 -11.33
CA THR A 182 -62.88 34.49 -10.63
C THR A 182 -63.74 33.31 -11.06
N ASP A 183 -63.31 32.10 -10.72
CA ASP A 183 -64.02 30.89 -11.08
C ASP A 183 -64.46 30.16 -9.83
N SER A 184 -65.72 29.74 -9.80
CA SER A 184 -66.27 29.03 -8.66
C SER A 184 -65.98 27.54 -8.78
N PRO A 185 -65.57 26.91 -7.68
CA PRO A 185 -65.25 25.48 -7.66
C PRO A 185 -66.48 24.59 -7.86
N LYS A 186 -66.39 23.63 -8.77
CA LYS A 186 -67.46 22.68 -9.02
C LYS A 186 -67.09 21.55 -8.06
N ALA A 187 -68.05 20.85 -7.48
CA ALA A 187 -67.70 19.78 -6.56
C ALA A 187 -68.40 18.45 -6.77
N HIS A 188 -67.90 17.42 -6.08
CA HIS A 188 -68.47 16.07 -6.14
C HIS A 188 -67.64 15.11 -5.31
N VAL A 189 -68.26 14.04 -4.82
CA VAL A 189 -67.56 13.05 -4.03
C VAL A 189 -67.43 11.72 -4.79
N THR A 190 -66.45 10.91 -4.41
CA THR A 190 -66.22 9.62 -5.06
C THR A 190 -66.04 8.49 -4.06
N HIS A 191 -66.59 7.32 -4.40
CA HIS A 191 -66.52 6.17 -3.53
C HIS A 191 -65.32 5.30 -3.86
N HIS A 192 -64.58 4.94 -2.83
CA HIS A 192 -63.40 4.10 -3.01
C HIS A 192 -63.30 3.02 -1.95
N PRO A 193 -63.33 1.74 -2.38
CA PRO A 193 -63.22 0.65 -1.40
C PRO A 193 -61.89 0.89 -0.70
N ARG A 194 -61.87 0.80 0.62
CA ARG A 194 -60.63 1.08 1.34
C ARG A 194 -60.12 -0.04 2.23
N SER A 195 -61.00 -0.91 2.70
CA SER A 195 -60.57 -1.99 3.57
C SER A 195 -61.65 -3.01 3.88
N LYS A 196 -61.63 -3.51 5.12
CA LYS A 196 -62.60 -4.49 5.58
C LYS A 196 -63.89 -3.77 6.01
N GLY A 197 -64.90 -3.78 5.15
CA GLY A 197 -66.16 -3.14 5.47
C GLY A 197 -66.09 -1.62 5.46
N GLU A 198 -64.90 -1.06 5.26
CA GLU A 198 -64.70 0.39 5.21
C GLU A 198 -64.46 0.89 3.80
N VAL A 199 -64.61 2.20 3.61
CA VAL A 199 -64.41 2.83 2.32
C VAL A 199 -63.82 4.21 2.50
N THR A 200 -63.53 4.88 1.39
CA THR A 200 -62.98 6.21 1.45
C THR A 200 -63.77 7.16 0.57
N LEU A 201 -64.18 8.28 1.14
CA LEU A 201 -64.93 9.27 0.39
C LEU A 201 -63.92 10.35 0.03
N ARG A 202 -63.96 10.80 -1.22
CA ARG A 202 -63.06 11.86 -1.68
C ARG A 202 -63.85 13.09 -2.16
N CYS A 203 -63.78 14.19 -1.40
CA CYS A 203 -64.46 15.45 -1.73
C CYS A 203 -63.50 16.13 -2.70
N TRP A 204 -63.94 16.29 -3.94
CA TRP A 204 -63.14 16.90 -4.98
C TRP A 204 -63.67 18.27 -5.34
N ALA A 205 -62.76 19.22 -5.45
CA ALA A 205 -63.05 20.59 -5.88
C ALA A 205 -62.22 20.82 -7.17
N LEU A 206 -62.91 21.17 -8.24
CA LEU A 206 -62.20 21.36 -9.48
C LEU A 206 -62.57 22.64 -10.23
N GLY A 207 -61.64 23.07 -11.08
CA GLY A 207 -61.85 24.26 -11.90
C GLY A 207 -62.17 25.55 -11.19
N PHE A 208 -61.47 25.81 -10.09
CA PHE A 208 -61.69 27.02 -9.30
C PHE A 208 -60.52 27.99 -9.31
N TYR A 209 -60.83 29.25 -9.06
CA TYR A 209 -59.83 30.32 -9.02
C TYR A 209 -60.43 31.50 -8.33
N PRO A 210 -59.66 32.19 -7.48
CA PRO A 210 -58.26 31.92 -7.12
C PRO A 210 -58.06 30.62 -6.35
N ALA A 211 -56.81 30.27 -6.10
CA ALA A 211 -56.48 29.03 -5.44
C ALA A 211 -56.86 28.85 -3.99
N ASP A 212 -57.08 29.93 -3.27
CA ASP A 212 -57.46 29.77 -1.86
C ASP A 212 -58.79 29.06 -1.80
N ILE A 213 -58.89 28.08 -0.92
CA ILE A 213 -60.10 27.27 -0.85
C ILE A 213 -60.05 26.39 0.39
N THR A 214 -61.20 25.91 0.85
CA THR A 214 -61.21 25.05 2.00
C THR A 214 -62.23 23.94 1.94
N LEU A 215 -61.72 22.73 2.27
CA LEU A 215 -62.51 21.50 2.28
C LEU A 215 -62.59 20.92 3.69
N THR A 216 -63.74 20.37 4.06
CA THR A 216 -63.88 19.78 5.39
C THR A 216 -64.95 18.69 5.37
N TRP A 217 -64.73 17.65 6.17
CA TRP A 217 -65.70 16.57 6.25
C TRP A 217 -66.43 16.63 7.59
N GLN A 218 -67.73 16.37 7.58
CA GLN A 218 -68.50 16.39 8.81
C GLN A 218 -69.29 15.12 9.07
N LEU A 219 -69.25 14.71 10.33
CA LEU A 219 -69.96 13.54 10.83
C LEU A 219 -70.83 14.01 11.96
N ASN A 220 -72.08 14.34 11.66
CA ASN A 220 -73.00 14.83 12.69
C ASN A 220 -72.55 16.24 13.13
N GLY A 221 -72.63 17.20 12.22
CA GLY A 221 -72.26 18.56 12.55
C GLY A 221 -70.80 18.83 12.87
N GLU A 222 -70.15 17.93 13.61
CA GLU A 222 -68.73 18.07 13.99
C GLU A 222 -67.76 17.85 12.81
N GLU A 223 -66.80 18.77 12.66
CA GLU A 223 -65.81 18.69 11.58
C GLU A 223 -64.70 17.69 11.93
N LEU A 224 -64.45 16.76 11.00
CA LEU A 224 -63.45 15.73 11.16
C LEU A 224 -62.07 16.22 10.79
N THR A 225 -61.44 16.92 11.73
CA THR A 225 -60.10 17.47 11.51
C THR A 225 -59.01 16.51 12.01
N GLN A 226 -59.17 15.24 11.69
CA GLN A 226 -58.21 14.22 12.09
C GLN A 226 -58.50 12.94 11.32
N ASP A 227 -57.46 12.36 10.72
CA ASP A 227 -57.61 11.14 9.92
C ASP A 227 -58.18 11.48 8.56
N MET A 228 -58.18 12.78 8.27
CA MET A 228 -58.66 13.29 6.99
C MET A 228 -57.46 13.38 6.06
N GLU A 229 -57.71 13.22 4.77
CA GLU A 229 -56.65 13.29 3.78
C GLU A 229 -56.79 14.48 2.86
N LEU A 230 -55.76 15.33 2.86
CA LEU A 230 -55.74 16.52 2.03
C LEU A 230 -54.81 16.31 0.85
N VAL A 231 -54.31 17.40 0.30
CA VAL A 231 -53.40 17.40 -0.83
C VAL A 231 -53.25 18.87 -1.17
N GLU A 232 -52.02 19.38 -1.17
CA GLU A 232 -51.81 20.78 -1.46
C GLU A 232 -52.48 21.17 -2.77
N THR A 233 -53.19 22.30 -2.74
CA THR A 233 -53.90 22.76 -3.92
C THR A 233 -52.99 22.83 -5.13
N ARG A 234 -53.44 22.32 -6.26
CA ARG A 234 -52.57 22.33 -7.41
C ARG A 234 -53.22 22.83 -8.67
N PRO A 235 -52.39 23.38 -9.55
CA PRO A 235 -52.81 23.94 -10.84
C PRO A 235 -53.29 22.92 -11.84
N ALA A 236 -54.49 23.12 -12.36
CA ALA A 236 -54.97 22.17 -13.34
C ALA A 236 -54.17 22.39 -14.61
N GLY A 237 -53.50 23.53 -14.68
CA GLY A 237 -52.70 23.88 -15.85
C GLY A 237 -53.40 24.81 -16.86
N ASP A 238 -54.69 25.01 -16.64
CA ASP A 238 -55.50 25.87 -17.49
C ASP A 238 -55.75 27.21 -16.79
N GLY A 239 -55.27 27.37 -15.57
CA GLY A 239 -55.51 28.60 -14.88
C GLY A 239 -56.36 28.37 -13.64
N THR A 240 -57.18 27.34 -13.67
CA THR A 240 -57.99 27.02 -12.50
C THR A 240 -57.18 26.13 -11.56
N PHE A 241 -57.79 25.67 -10.48
CA PHE A 241 -57.08 24.79 -9.55
C PHE A 241 -57.89 23.60 -9.07
N GLN A 242 -57.21 22.69 -8.37
CA GLN A 242 -57.87 21.52 -7.85
C GLN A 242 -57.34 21.18 -6.51
N LYS A 243 -58.16 20.44 -5.74
CA LYS A 243 -57.76 19.96 -4.42
C LYS A 243 -58.79 18.96 -3.98
N TRP A 244 -58.43 18.06 -3.07
CA TRP A 244 -59.40 17.10 -2.58
C TRP A 244 -59.17 16.65 -1.18
N ALA A 245 -60.24 16.32 -0.47
CA ALA A 245 -60.09 15.83 0.90
C ALA A 245 -60.81 14.50 0.92
N SER A 246 -60.37 13.63 1.83
CA SER A 246 -60.92 12.27 1.96
C SER A 246 -60.90 11.74 3.39
N VAL A 247 -61.77 10.78 3.63
CA VAL A 247 -61.89 10.16 4.96
C VAL A 247 -62.28 8.72 4.75
N VAL A 248 -62.04 7.91 5.78
CA VAL A 248 -62.37 6.49 5.79
C VAL A 248 -63.68 6.23 6.53
N VAL A 249 -64.75 6.02 5.78
CA VAL A 249 -66.08 5.81 6.34
C VAL A 249 -66.61 4.39 6.27
N PRO A 250 -66.92 3.78 7.42
CA PRO A 250 -67.44 2.42 7.46
C PRO A 250 -68.57 2.19 6.45
N LEU A 251 -68.33 1.35 5.45
CA LEU A 251 -69.31 1.05 4.40
C LEU A 251 -70.74 0.96 4.89
N GLY A 252 -71.66 1.58 4.14
CA GLY A 252 -73.07 1.57 4.50
C GLY A 252 -73.51 2.83 5.25
N LYS A 253 -72.54 3.46 5.93
CA LYS A 253 -72.79 4.67 6.72
C LYS A 253 -72.24 5.91 5.99
N GLU A 254 -72.35 5.88 4.67
CA GLU A 254 -71.86 6.97 3.84
C GLU A 254 -72.57 8.28 4.14
N GLN A 255 -73.89 8.30 4.02
CA GLN A 255 -74.67 9.52 4.23
C GLN A 255 -74.38 10.28 5.53
N ASN A 256 -73.90 9.59 6.55
CA ASN A 256 -73.62 10.24 7.82
C ASN A 256 -72.38 11.13 7.72
N TYR A 257 -71.95 11.38 6.49
CA TYR A 257 -70.73 12.17 6.22
C TYR A 257 -70.92 13.19 5.11
N THR A 258 -70.64 14.46 5.41
CA THR A 258 -70.77 15.53 4.41
C THR A 258 -69.57 16.44 4.43
N CYS A 259 -69.27 17.05 3.27
CA CYS A 259 -68.13 17.96 3.17
C CYS A 259 -68.56 19.23 2.55
N ARG A 260 -68.15 20.33 3.16
CA ARG A 260 -68.47 21.68 2.66
C ARG A 260 -67.27 22.23 1.93
N VAL A 261 -67.53 22.99 0.88
CA VAL A 261 -66.45 23.56 0.11
C VAL A 261 -66.50 25.05 0.18
N TYR A 262 -65.64 25.65 1.01
CA TYR A 262 -65.63 27.12 1.15
C TYR A 262 -64.74 27.84 0.14
N HIS A 263 -65.27 28.84 -0.55
CA HIS A 263 -64.45 29.56 -1.51
C HIS A 263 -65.09 30.90 -1.86
N GLU A 264 -64.28 31.94 -1.96
CA GLU A 264 -64.83 33.25 -2.27
C GLU A 264 -65.77 33.29 -3.47
N GLY A 265 -65.31 32.82 -4.62
CA GLY A 265 -66.17 32.88 -5.79
C GLY A 265 -67.50 32.20 -5.60
N LEU A 266 -67.70 31.55 -4.45
CA LEU A 266 -68.93 30.82 -4.24
C LEU A 266 -70.00 31.63 -3.54
N PRO A 267 -71.24 31.58 -4.07
CA PRO A 267 -72.36 32.32 -3.47
C PRO A 267 -72.34 31.94 -1.99
N GLU A 268 -72.54 30.66 -1.74
CA GLU A 268 -72.56 30.16 -0.39
C GLU A 268 -71.79 28.85 -0.45
N PRO A 269 -71.24 28.42 0.69
CA PRO A 269 -70.49 27.17 0.77
C PRO A 269 -71.28 26.01 0.17
N LEU A 270 -70.58 25.08 -0.49
CA LEU A 270 -71.22 23.92 -1.07
C LEU A 270 -71.30 22.79 -0.03
N THR A 271 -72.36 21.98 -0.12
CA THR A 271 -72.56 20.84 0.77
C THR A 271 -72.66 19.57 -0.06
N LEU A 272 -71.76 18.62 0.18
CA LEU A 272 -71.71 17.37 -0.57
C LEU A 272 -71.80 16.10 0.26
N ARG A 273 -72.25 15.03 -0.39
CA ARG A 273 -72.38 13.73 0.22
C ARG A 273 -72.29 12.71 -0.92
N TRP A 274 -71.89 11.48 -0.60
CA TRP A 274 -71.77 10.43 -1.60
C TRP A 274 -73.11 10.17 -2.31
N GLU A 275 -73.10 10.15 -3.63
CA GLU A 275 -74.32 9.88 -4.41
C GLU A 275 -74.19 8.55 -5.17
N PRO A 276 -74.59 7.44 -4.53
CA PRO A 276 -74.54 6.07 -5.07
C PRO A 276 -75.33 5.83 -6.36
N ILE B 1 -28.61 25.21 3.40
CA ILE B 1 -29.82 24.37 3.59
C ILE B 1 -30.59 24.16 2.29
N GLN B 2 -31.28 23.02 2.20
CA GLN B 2 -32.06 22.65 1.03
C GLN B 2 -33.50 22.35 1.41
N LYS B 3 -34.28 21.85 0.46
CA LYS B 3 -35.66 21.56 0.73
C LYS B 3 -36.23 20.56 -0.24
N THR B 4 -36.57 19.37 0.27
CA THR B 4 -37.09 18.30 -0.54
C THR B 4 -38.38 18.59 -1.31
N PRO B 5 -38.32 18.47 -2.63
CA PRO B 5 -39.45 18.71 -3.51
C PRO B 5 -40.67 17.83 -3.28
N GLN B 6 -41.86 18.43 -3.31
CA GLN B 6 -43.11 17.70 -3.18
C GLN B 6 -43.61 17.47 -4.60
N ILE B 7 -43.72 16.22 -5.00
CA ILE B 7 -44.18 15.90 -6.35
C ILE B 7 -45.64 15.48 -6.36
N GLN B 8 -46.34 15.75 -7.44
CA GLN B 8 -47.73 15.38 -7.57
C GLN B 8 -47.95 15.09 -9.04
N VAL B 9 -48.58 13.98 -9.36
CA VAL B 9 -48.86 13.71 -10.75
C VAL B 9 -50.35 13.61 -10.84
N TYR B 10 -50.96 14.21 -11.85
CA TYR B 10 -52.41 14.17 -11.99
C TYR B 10 -52.79 14.67 -13.38
N SER B 11 -53.99 14.30 -13.81
CA SER B 11 -54.45 14.70 -15.12
C SER B 11 -55.12 16.07 -14.99
N ARG B 12 -55.15 16.84 -16.07
CA ARG B 12 -55.82 18.14 -16.02
C ARG B 12 -57.30 17.90 -15.78
N HIS B 13 -57.94 17.24 -16.73
CA HIS B 13 -59.37 16.87 -16.67
C HIS B 13 -59.56 15.45 -16.17
N PRO B 14 -60.79 15.14 -15.74
CA PRO B 14 -61.08 13.81 -15.25
C PRO B 14 -60.59 12.80 -16.28
N PRO B 15 -59.82 11.78 -15.85
CA PRO B 15 -59.29 10.77 -16.76
C PRO B 15 -60.39 9.88 -17.34
N GLU B 16 -60.33 9.67 -18.63
CA GLU B 16 -61.31 8.82 -19.27
C GLU B 16 -60.50 8.02 -20.28
N ASN B 17 -60.14 6.78 -19.92
CA ASN B 17 -59.37 5.89 -20.80
C ASN B 17 -59.85 6.02 -22.23
N GLY B 18 -58.96 6.39 -23.13
CA GLY B 18 -59.34 6.54 -24.52
C GLY B 18 -59.41 7.98 -24.99
N LYS B 19 -59.86 8.85 -24.10
CA LYS B 19 -59.96 10.27 -24.38
C LYS B 19 -58.68 11.00 -24.02
N PRO B 20 -58.26 11.97 -24.85
CA PRO B 20 -57.05 12.75 -24.60
C PRO B 20 -57.14 13.53 -23.30
N ASN B 21 -56.06 14.20 -22.94
CA ASN B 21 -56.01 14.92 -21.66
C ASN B 21 -54.61 15.51 -21.53
N ILE B 22 -54.28 15.90 -20.30
CA ILE B 22 -52.99 16.47 -19.97
C ILE B 22 -52.53 15.85 -18.64
N LEU B 23 -51.27 15.49 -18.59
CA LEU B 23 -50.76 14.91 -17.40
C LEU B 23 -49.81 15.90 -16.80
N ASN B 24 -50.12 16.39 -15.61
CA ASN B 24 -49.26 17.35 -14.96
C ASN B 24 -48.35 16.73 -13.93
N CYS B 25 -47.11 17.20 -13.84
CA CYS B 25 -46.23 16.74 -12.76
C CYS B 25 -45.95 18.02 -11.99
N TYR B 26 -46.56 18.20 -10.83
CA TYR B 26 -46.35 19.44 -10.08
C TYR B 26 -45.29 19.34 -8.99
N VAL B 27 -44.09 19.85 -9.27
CA VAL B 27 -43.00 19.77 -8.28
C VAL B 27 -42.96 21.04 -7.49
N THR B 28 -42.96 21.00 -6.16
CA THR B 28 -42.98 22.25 -5.41
C THR B 28 -42.20 22.20 -4.12
N GLN B 29 -42.17 23.32 -3.39
CA GLN B 29 -41.51 23.36 -2.10
C GLN B 29 -40.03 23.10 -2.06
N PHE B 30 -39.36 23.16 -3.22
CA PHE B 30 -37.93 22.91 -3.30
C PHE B 30 -37.01 24.12 -3.31
N HIS B 31 -35.72 23.86 -3.16
CA HIS B 31 -34.70 24.90 -3.13
C HIS B 31 -33.36 24.24 -2.90
N PRO B 32 -32.32 24.68 -3.62
CA PRO B 32 -32.18 25.71 -4.63
C PRO B 32 -33.09 25.48 -5.85
N PRO B 33 -33.20 26.47 -6.75
CA PRO B 33 -34.04 26.38 -7.93
C PRO B 33 -33.60 25.38 -8.97
N HIS B 34 -32.34 24.96 -8.95
CA HIS B 34 -31.94 23.99 -9.96
C HIS B 34 -32.67 22.66 -9.76
N ILE B 35 -33.32 22.16 -10.81
CA ILE B 35 -34.08 20.91 -10.68
C ILE B 35 -34.27 20.18 -12.02
N GLU B 36 -34.24 18.86 -12.00
CA GLU B 36 -34.39 18.09 -13.23
C GLU B 36 -35.71 17.32 -13.14
N ILE B 37 -36.50 17.38 -14.21
CA ILE B 37 -37.80 16.76 -14.20
C ILE B 37 -38.16 16.00 -15.45
N GLN B 38 -38.23 14.68 -15.35
CA GLN B 38 -38.62 13.83 -16.49
C GLN B 38 -40.00 13.26 -16.30
N MET B 39 -40.78 13.18 -17.36
CA MET B 39 -42.09 12.55 -17.27
C MET B 39 -41.99 11.23 -18.03
N LEU B 40 -42.54 10.17 -17.45
CA LEU B 40 -42.46 8.85 -18.06
C LEU B 40 -43.75 8.16 -18.51
N LYS B 41 -43.59 7.31 -19.52
CA LYS B 41 -44.67 6.48 -20.06
C LYS B 41 -44.10 5.09 -20.18
N ASN B 42 -44.46 4.24 -19.24
CA ASN B 42 -43.98 2.89 -19.22
C ASN B 42 -42.47 2.82 -19.05
N GLY B 43 -41.91 3.62 -18.17
CA GLY B 43 -40.49 3.55 -17.94
C GLY B 43 -39.63 4.41 -18.85
N LYS B 44 -40.14 4.68 -20.07
CA LYS B 44 -39.44 5.49 -21.08
C LYS B 44 -39.76 6.94 -20.88
N LYS B 45 -38.79 7.81 -21.15
CA LYS B 45 -38.93 9.26 -21.01
C LYS B 45 -39.79 9.86 -22.11
N ILE B 46 -40.68 10.76 -21.74
CA ILE B 46 -41.54 11.43 -22.70
C ILE B 46 -40.76 12.65 -23.16
N PRO B 47 -40.57 12.79 -24.47
CA PRO B 47 -39.86 13.87 -25.16
C PRO B 47 -40.35 15.31 -25.00
N LYS B 48 -41.32 15.76 -25.78
CA LYS B 48 -41.78 17.15 -25.67
C LYS B 48 -42.60 17.40 -24.40
N VAL B 49 -41.89 17.77 -23.33
CA VAL B 49 -42.54 18.05 -22.08
C VAL B 49 -42.50 19.55 -21.79
N GLU B 50 -43.67 20.14 -21.60
CA GLU B 50 -43.75 21.54 -21.28
C GLU B 50 -43.30 21.77 -19.85
N MET B 51 -42.39 22.72 -19.66
CA MET B 51 -41.88 23.09 -18.34
C MET B 51 -42.20 24.57 -18.07
N SER B 52 -42.92 24.87 -17.00
CA SER B 52 -43.22 26.28 -16.66
C SER B 52 -41.88 27.03 -16.35
N ASP B 53 -41.95 28.34 -16.10
CA ASP B 53 -40.75 29.14 -15.82
C ASP B 53 -40.52 29.33 -14.34
N MET B 54 -39.25 29.39 -13.95
CA MET B 54 -38.86 29.51 -12.56
C MET B 54 -39.76 30.38 -11.72
N SER B 55 -40.39 29.85 -10.69
CA SER B 55 -41.24 30.71 -9.88
C SER B 55 -41.08 30.37 -8.44
N PHE B 56 -41.56 31.23 -7.53
CA PHE B 56 -41.42 30.94 -6.11
C PHE B 56 -42.54 31.57 -5.27
N SER B 57 -42.80 31.06 -4.09
CA SER B 57 -43.89 31.60 -3.34
C SER B 57 -43.43 32.28 -2.08
N LYS B 58 -44.40 32.90 -1.40
CA LYS B 58 -44.16 33.61 -0.16
C LYS B 58 -43.15 32.87 0.72
N ASP B 59 -43.21 31.56 0.83
CA ASP B 59 -42.24 30.95 1.71
C ASP B 59 -40.86 30.82 1.08
N TRP B 60 -40.60 31.60 0.03
CA TRP B 60 -39.31 31.60 -0.68
C TRP B 60 -38.97 30.33 -1.44
N SER B 61 -39.94 29.43 -1.63
CA SER B 61 -39.60 28.20 -2.29
C SER B 61 -40.04 28.18 -3.73
N PHE B 62 -39.26 27.50 -4.57
CA PHE B 62 -39.57 27.41 -5.99
C PHE B 62 -40.57 26.30 -6.30
N TYR B 63 -41.04 26.30 -7.55
CA TYR B 63 -41.99 25.32 -8.03
C TYR B 63 -42.10 25.38 -9.53
N ILE B 64 -42.17 24.20 -10.16
CA ILE B 64 -42.30 24.09 -11.60
C ILE B 64 -43.48 23.21 -11.90
N LEU B 65 -44.14 23.44 -13.03
CA LEU B 65 -45.25 22.61 -13.40
C LEU B 65 -44.97 22.09 -14.77
N ALA B 66 -44.50 20.84 -14.83
CA ALA B 66 -44.22 20.20 -16.10
C ALA B 66 -45.49 19.51 -16.55
N HIS B 67 -45.77 19.50 -17.84
CA HIS B 67 -46.97 18.82 -18.30
C HIS B 67 -46.82 18.32 -19.75
N THR B 68 -47.75 17.46 -20.16
CA THR B 68 -47.73 16.86 -21.50
C THR B 68 -49.05 16.18 -21.85
N GLU B 69 -49.29 16.02 -23.15
CA GLU B 69 -50.53 15.39 -23.62
C GLU B 69 -50.41 13.92 -23.41
N PHE B 70 -51.54 13.24 -23.31
CA PHE B 70 -51.47 11.82 -23.13
C PHE B 70 -52.87 11.29 -23.16
N THR B 71 -53.01 9.99 -23.38
CA THR B 71 -54.31 9.38 -23.40
C THR B 71 -54.24 8.20 -22.50
N PRO B 72 -54.86 8.35 -21.34
CA PRO B 72 -54.86 7.28 -20.36
C PRO B 72 -55.51 6.01 -20.92
N THR B 73 -55.08 4.85 -20.43
CA THR B 73 -55.59 3.53 -20.82
C THR B 73 -55.28 2.60 -19.65
N GLU B 74 -55.83 1.39 -19.63
CA GLU B 74 -55.55 0.49 -18.51
C GLU B 74 -54.08 0.05 -18.60
N THR B 75 -53.65 -0.25 -19.82
CA THR B 75 -52.31 -0.70 -20.10
C THR B 75 -51.20 0.24 -19.65
N ASP B 76 -51.18 1.42 -20.25
CA ASP B 76 -50.15 2.42 -19.95
C ASP B 76 -50.05 2.95 -18.54
N THR B 77 -48.82 2.96 -18.06
CA THR B 77 -48.49 3.46 -16.74
C THR B 77 -47.55 4.66 -16.92
N TYR B 78 -47.92 5.77 -16.28
CA TYR B 78 -47.21 7.04 -16.36
C TYR B 78 -46.60 7.44 -15.05
N ALA B 79 -45.47 8.13 -15.10
CA ALA B 79 -44.83 8.55 -13.86
C ALA B 79 -43.97 9.77 -14.04
N CYS B 80 -43.47 10.32 -12.94
CA CYS B 80 -42.64 11.48 -13.02
C CYS B 80 -41.41 11.25 -12.17
N ARG B 81 -40.22 11.48 -12.73
CA ARG B 81 -39.03 11.30 -11.91
C ARG B 81 -38.39 12.65 -11.74
N VAL B 82 -38.00 12.98 -10.51
CA VAL B 82 -37.43 14.26 -10.18
C VAL B 82 -36.06 14.16 -9.58
N LYS B 83 -35.06 14.76 -10.21
CA LYS B 83 -33.68 14.77 -9.68
C LYS B 83 -33.48 16.13 -9.01
N HIS B 84 -32.72 16.20 -7.94
CA HIS B 84 -32.52 17.49 -7.23
C HIS B 84 -31.50 17.32 -6.11
N ASP B 85 -30.79 18.39 -5.78
CA ASP B 85 -29.76 18.33 -4.74
C ASP B 85 -30.18 17.92 -3.36
N SER B 86 -31.37 18.36 -2.93
CA SER B 86 -31.87 18.04 -1.57
C SER B 86 -32.10 16.53 -1.36
N MET B 87 -31.92 15.77 -2.44
CA MET B 87 -32.10 14.34 -2.41
C MET B 87 -30.87 13.67 -2.99
N ALA B 88 -30.54 12.53 -2.42
CA ALA B 88 -29.39 11.74 -2.84
C ALA B 88 -29.73 10.93 -4.06
N GLU B 89 -30.95 10.42 -4.11
CA GLU B 89 -31.33 9.63 -5.23
C GLU B 89 -32.61 10.25 -5.73
N PRO B 90 -32.90 10.08 -7.04
CA PRO B 90 -34.10 10.58 -7.71
C PRO B 90 -35.37 10.12 -7.06
N LYS B 91 -36.49 10.80 -7.32
CA LYS B 91 -37.74 10.39 -6.74
C LYS B 91 -38.71 10.11 -7.87
N THR B 92 -39.40 8.99 -7.84
CA THR B 92 -40.32 8.78 -8.92
C THR B 92 -41.67 8.63 -8.32
N VAL B 93 -42.67 9.27 -8.88
CA VAL B 93 -44.00 9.08 -8.33
C VAL B 93 -44.89 8.73 -9.50
N TYR B 94 -45.72 7.70 -9.31
CA TYR B 94 -46.60 7.22 -10.37
C TYR B 94 -47.95 7.85 -10.35
N TRP B 95 -48.52 7.97 -11.55
CA TRP B 95 -49.84 8.57 -11.72
C TRP B 95 -50.90 7.73 -11.07
N ASP B 96 -52.00 8.34 -10.69
CA ASP B 96 -53.02 7.56 -10.07
C ASP B 96 -54.33 8.27 -10.35
N ARG B 97 -55.09 7.77 -11.31
CA ARG B 97 -56.34 8.39 -11.67
C ARG B 97 -57.28 8.70 -10.52
N ASP B 98 -57.15 8.04 -9.38
CA ASP B 98 -58.05 8.33 -8.28
C ASP B 98 -57.47 9.44 -7.39
N MET B 99 -56.17 9.74 -7.54
CA MET B 99 -55.55 10.79 -6.73
C MET B 99 -55.41 12.08 -7.56
N GLY C 1 9.06 -18.36 20.93
CA GLY C 1 9.94 -18.81 22.03
C GLY C 1 11.27 -18.08 22.01
N PRO C 2 12.31 -18.57 22.73
CA PRO C 2 13.64 -17.97 22.80
C PRO C 2 14.50 -18.33 21.60
N HIS C 3 15.63 -17.64 21.44
CA HIS C 3 16.51 -17.88 20.31
C HIS C 3 17.98 -17.70 20.67
N SER C 4 18.83 -18.04 19.72
CA SER C 4 20.25 -17.94 19.97
C SER C 4 21.07 -18.04 18.71
N MET C 5 22.35 -17.73 18.81
CA MET C 5 23.25 -17.86 17.70
C MET C 5 24.63 -18.15 18.28
N ARG C 6 25.34 -19.14 17.75
CA ARG C 6 26.68 -19.42 18.25
C ARG C 6 27.64 -19.69 17.11
N TYR C 7 28.92 -19.46 17.37
CA TYR C 7 29.91 -19.75 16.36
C TYR C 7 30.96 -20.66 17.02
N PHE C 8 30.87 -21.94 16.69
CA PHE C 8 31.80 -22.93 17.19
C PHE C 8 33.01 -22.99 16.26
N GLU C 9 34.16 -22.64 16.77
CA GLU C 9 35.34 -22.60 15.93
C GLU C 9 36.43 -23.53 16.42
N THR C 10 37.02 -24.27 15.50
CA THR C 10 38.08 -25.19 15.84
C THR C 10 39.30 -24.97 14.96
N ALA C 11 40.46 -25.24 15.53
CA ALA C 11 41.70 -25.13 14.76
C ALA C 11 42.44 -26.36 15.22
N VAL C 12 42.75 -27.24 14.30
CA VAL C 12 43.43 -28.46 14.74
C VAL C 12 44.72 -28.74 13.98
N SER C 13 45.82 -28.76 14.70
CA SER C 13 47.12 -29.00 14.10
C SER C 13 47.55 -30.43 14.09
N ARG C 14 48.30 -30.77 13.04
CA ARG C 14 48.89 -32.09 12.83
C ARG C 14 50.34 -31.81 12.40
N PRO C 15 51.23 -32.81 12.52
CA PRO C 15 52.64 -32.65 12.16
C PRO C 15 52.91 -32.76 10.67
N GLY C 16 54.14 -32.44 10.28
CA GLY C 16 54.54 -32.49 8.89
C GLY C 16 54.27 -31.16 8.18
N LEU C 17 53.36 -31.19 7.19
CA LEU C 17 52.94 -29.99 6.44
C LEU C 17 52.24 -29.07 7.43
N GLU C 18 53.00 -28.17 8.05
CA GLU C 18 52.39 -27.30 9.05
C GLU C 18 51.17 -26.61 8.46
N GLU C 19 50.59 -25.79 9.32
CA GLU C 19 49.41 -25.00 9.03
C GLU C 19 48.19 -25.79 9.39
N PRO C 20 47.69 -25.55 10.59
CA PRO C 20 46.50 -26.24 11.08
C PRO C 20 45.22 -26.02 10.26
N ARG C 21 44.28 -26.94 10.36
CA ARG C 21 43.01 -26.84 9.67
C ARG C 21 42.12 -25.98 10.57
N TYR C 22 41.46 -24.99 9.98
CA TYR C 22 40.60 -24.08 10.74
C TYR C 22 39.19 -24.32 10.30
N ILE C 23 38.25 -24.44 11.23
CA ILE C 23 36.89 -24.67 10.81
C ILE C 23 36.00 -23.81 11.64
N SER C 24 34.94 -23.29 11.04
CA SER C 24 34.04 -22.47 11.80
C SER C 24 32.63 -22.80 11.42
N VAL C 25 31.85 -23.20 12.43
CA VAL C 25 30.46 -23.56 12.19
C VAL C 25 29.64 -22.64 12.99
N GLY C 26 28.62 -22.05 12.39
CA GLY C 26 27.77 -21.16 13.13
C GLY C 26 26.37 -21.73 13.17
N TYR C 27 25.61 -21.39 14.22
CA TYR C 27 24.25 -21.87 14.29
C TYR C 27 23.34 -20.78 14.81
N VAL C 28 22.08 -20.80 14.37
CA VAL C 28 21.07 -19.88 14.91
C VAL C 28 20.02 -20.85 15.43
N ASP C 29 19.72 -20.76 16.73
CA ASP C 29 18.77 -21.66 17.39
C ASP C 29 19.23 -23.09 17.18
N ASN C 30 20.54 -23.28 17.36
CA ASN C 30 21.23 -24.57 17.23
C ASN C 30 21.01 -25.34 15.97
N LYS C 31 20.89 -24.63 14.86
CA LYS C 31 20.65 -25.25 13.57
C LYS C 31 21.78 -24.71 12.71
N GLU C 32 22.65 -25.57 12.18
CA GLU C 32 23.75 -25.11 11.36
C GLU C 32 23.20 -24.21 10.25
N PHE C 33 23.95 -23.16 9.88
CA PHE C 33 23.48 -22.28 8.82
C PHE C 33 24.61 -21.72 8.03
N VAL C 34 25.83 -21.90 8.49
CA VAL C 34 26.98 -21.39 7.74
C VAL C 34 28.23 -22.19 8.10
N ARG C 35 29.10 -22.42 7.14
CA ARG C 35 30.27 -23.20 7.49
C ARG C 35 31.55 -22.83 6.73
N PHE C 36 32.67 -22.79 7.45
CA PHE C 36 33.91 -22.47 6.80
C PHE C 36 34.99 -23.52 7.08
N ASP C 37 35.64 -24.01 6.02
CA ASP C 37 36.70 -25.03 6.17
C ASP C 37 37.97 -24.72 5.42
N SER C 38 39.02 -24.37 6.15
CA SER C 38 40.26 -24.04 5.52
C SER C 38 40.69 -25.15 4.59
N ASP C 39 40.15 -26.34 4.79
CA ASP C 39 40.54 -27.49 3.96
C ASP C 39 39.90 -27.53 2.58
N ALA C 40 38.95 -26.64 2.33
CA ALA C 40 38.29 -26.63 1.04
C ALA C 40 39.23 -26.19 -0.05
N GLU C 41 38.77 -26.41 -1.28
CA GLU C 41 39.49 -26.07 -2.49
C GLU C 41 39.54 -24.56 -2.41
N ASN C 42 38.38 -23.95 -2.25
CA ASN C 42 38.25 -22.51 -2.13
C ASN C 42 37.60 -22.15 -0.79
N PRO C 43 38.42 -21.95 0.25
CA PRO C 43 37.88 -21.61 1.56
C PRO C 43 36.97 -20.39 1.46
N ARG C 44 35.82 -20.46 2.12
CA ARG C 44 34.87 -19.35 2.14
C ARG C 44 33.58 -19.77 2.83
N TYR C 45 33.06 -18.96 3.74
CA TYR C 45 31.84 -19.34 4.42
C TYR C 45 30.80 -19.72 3.38
N GLU C 46 30.22 -20.91 3.52
CA GLU C 46 29.18 -21.35 2.58
C GLU C 46 27.81 -21.30 3.29
N PRO C 47 26.75 -21.04 2.54
CA PRO C 47 25.48 -21.03 3.23
C PRO C 47 25.18 -22.48 3.53
N ARG C 48 24.39 -22.74 4.56
CA ARG C 48 24.07 -24.11 4.88
C ARG C 48 22.63 -24.29 5.27
N ALA C 49 21.75 -23.65 4.50
CA ALA C 49 20.32 -23.73 4.74
C ALA C 49 19.65 -22.94 3.65
N PRO C 50 18.66 -23.54 3.00
CA PRO C 50 18.00 -22.81 1.93
C PRO C 50 17.86 -21.31 2.16
N TRP C 51 17.27 -20.92 3.29
CA TRP C 51 17.05 -19.50 3.56
C TRP C 51 18.29 -18.65 3.46
N MET C 52 19.29 -18.99 4.25
CA MET C 52 20.53 -18.25 4.22
C MET C 52 21.07 -18.06 2.80
N GLU C 53 20.46 -18.68 1.80
CA GLU C 53 20.95 -18.51 0.43
C GLU C 53 20.60 -17.17 -0.16
N GLN C 54 19.79 -16.40 0.54
CA GLN C 54 19.38 -15.10 0.05
C GLN C 54 20.30 -14.01 0.55
N GLU C 55 21.60 -14.26 0.70
CA GLU C 55 22.45 -13.19 1.23
C GLU C 55 23.23 -12.30 0.27
N GLY C 56 23.90 -12.88 -0.73
CA GLY C 56 24.61 -12.01 -1.66
C GLY C 56 26.09 -11.88 -1.36
N PRO C 57 26.93 -11.87 -2.41
CA PRO C 57 28.40 -11.77 -2.35
C PRO C 57 29.00 -10.79 -1.37
N GLU C 58 28.52 -9.55 -1.36
CA GLU C 58 29.05 -8.56 -0.43
C GLU C 58 29.17 -9.25 0.95
N TYR C 59 28.08 -9.87 1.38
CA TYR C 59 28.03 -10.56 2.65
C TYR C 59 29.11 -11.65 2.73
N TRP C 60 28.91 -12.75 2.01
CA TRP C 60 29.87 -13.85 2.01
C TRP C 60 31.31 -13.38 1.92
N GLU C 61 31.56 -12.34 1.14
CA GLU C 61 32.91 -11.85 1.03
C GLU C 61 33.35 -11.37 2.41
N ARG C 62 32.55 -10.47 2.98
CA ARG C 62 32.84 -9.92 4.30
C ARG C 62 33.07 -11.01 5.32
N GLU C 63 32.23 -12.04 5.30
CA GLU C 63 32.40 -13.13 6.24
C GLU C 63 33.67 -13.87 5.96
N THR C 64 33.85 -14.32 4.72
CA THR C 64 35.05 -15.06 4.39
C THR C 64 36.27 -14.34 4.80
N GLN C 65 36.21 -13.01 4.76
CA GLN C 65 37.36 -12.24 5.19
C GLN C 65 37.59 -12.49 6.67
N LYS C 66 36.54 -12.33 7.48
CA LYS C 66 36.65 -12.56 8.92
C LYS C 66 37.14 -13.97 9.16
N ALA C 67 36.58 -14.95 8.48
CA ALA C 67 37.07 -16.29 8.71
C ALA C 67 38.58 -16.33 8.52
N LYS C 68 39.10 -15.80 7.41
CA LYS C 68 40.56 -15.79 7.12
C LYS C 68 41.31 -15.14 8.27
N GLY C 69 40.61 -14.19 8.89
CA GLY C 69 41.12 -13.47 10.04
C GLY C 69 41.23 -14.42 11.24
N GLN C 70 40.16 -15.11 11.57
CA GLN C 70 40.19 -16.03 12.68
C GLN C 70 41.27 -17.06 12.46
N GLU C 71 41.26 -17.69 11.29
CA GLU C 71 42.28 -18.66 11.00
C GLU C 71 43.65 -18.20 11.50
N GLN C 72 44.09 -17.00 11.13
CA GLN C 72 45.41 -16.54 11.58
C GLN C 72 45.57 -16.47 13.07
N TRP C 73 44.55 -15.93 13.74
CA TRP C 73 44.54 -15.77 15.17
C TRP C 73 44.77 -17.11 15.87
N PHE C 74 44.00 -18.11 15.44
CA PHE C 74 44.13 -19.44 15.99
C PHE C 74 45.52 -19.97 15.66
N ARG C 75 45.90 -19.89 14.38
CA ARG C 75 47.21 -20.35 13.88
C ARG C 75 48.38 -19.98 14.77
N VAL C 76 48.29 -18.79 15.36
CA VAL C 76 49.33 -18.32 16.24
C VAL C 76 49.05 -18.63 17.71
N SER C 77 47.79 -18.51 18.13
CA SER C 77 47.48 -18.81 19.52
C SER C 77 47.91 -20.23 19.76
N LEU C 78 47.77 -21.06 18.74
CA LEU C 78 48.16 -22.45 18.79
C LEU C 78 49.66 -22.57 19.04
N ARG C 79 50.49 -21.77 18.35
CA ARG C 79 51.92 -21.85 18.56
C ARG C 79 52.26 -21.47 19.99
N ASN C 80 51.66 -20.40 20.46
CA ASN C 80 51.88 -19.97 21.84
C ASN C 80 51.48 -21.06 22.85
N LEU C 81 50.23 -21.54 22.78
CA LEU C 81 49.78 -22.57 23.68
C LEU C 81 50.82 -23.66 23.71
N LEU C 82 51.30 -24.02 22.54
CA LEU C 82 52.28 -25.07 22.44
C LEU C 82 53.48 -24.83 23.36
N GLY C 83 53.91 -23.59 23.44
CA GLY C 83 55.02 -23.23 24.31
C GLY C 83 54.60 -23.22 25.78
N TYR C 84 53.41 -22.69 26.09
CA TYR C 84 52.89 -22.64 27.46
C TYR C 84 52.86 -24.01 28.12
N TYR C 85 52.43 -25.02 27.39
CA TYR C 85 52.36 -26.33 27.98
C TYR C 85 53.58 -27.20 27.75
N ASN C 86 54.63 -26.57 27.23
CA ASN C 86 55.90 -27.24 27.01
C ASN C 86 55.73 -28.51 26.19
N GLN C 87 54.72 -28.53 25.34
CA GLN C 87 54.50 -29.74 24.53
C GLN C 87 55.56 -29.78 23.43
N SER C 88 56.15 -30.94 23.22
CA SER C 88 57.16 -31.13 22.19
C SER C 88 56.55 -30.96 20.80
N ALA C 89 57.36 -30.47 19.86
CA ALA C 89 56.89 -30.25 18.51
C ALA C 89 56.54 -31.56 17.81
N GLY C 90 55.89 -31.42 16.65
CA GLY C 90 55.48 -32.55 15.85
C GLY C 90 54.24 -33.26 16.35
N GLY C 91 53.52 -32.63 17.29
CA GLY C 91 52.33 -33.23 17.86
C GLY C 91 51.07 -33.01 17.04
N SER C 92 49.94 -32.98 17.73
CA SER C 92 48.63 -32.75 17.11
C SER C 92 47.78 -32.12 18.21
N HIS C 93 47.34 -30.90 18.00
CA HIS C 93 46.62 -30.23 19.05
C HIS C 93 45.33 -29.60 18.61
N THR C 94 44.57 -29.11 19.57
CA THR C 94 43.28 -28.55 19.24
C THR C 94 42.91 -27.32 20.00
N LEU C 95 42.50 -26.27 19.27
CA LEU C 95 42.05 -25.05 19.90
C LEU C 95 40.59 -24.87 19.48
N GLN C 96 39.75 -24.70 20.48
CA GLN C 96 38.36 -24.54 20.23
C GLN C 96 37.83 -23.26 20.82
N GLN C 97 36.78 -22.73 20.23
CA GLN C 97 36.22 -21.51 20.75
C GLN C 97 34.72 -21.51 20.52
N MET C 98 33.96 -21.10 21.53
CA MET C 98 32.51 -21.00 21.40
C MET C 98 32.17 -19.53 21.67
N SER C 99 31.32 -18.94 20.85
CA SER C 99 30.96 -17.56 21.09
C SER C 99 29.54 -17.43 20.59
N GLY C 100 28.79 -16.47 21.11
CA GLY C 100 27.43 -16.32 20.68
C GLY C 100 26.62 -15.59 21.69
N CYS C 101 25.31 -15.53 21.51
CA CYS C 101 24.48 -14.75 22.42
C CYS C 101 23.10 -15.36 22.52
N ASP C 102 22.39 -15.17 23.63
CA ASP C 102 21.02 -15.70 23.81
C ASP C 102 19.96 -14.63 23.93
N LEU C 103 18.78 -14.91 23.40
CA LEU C 103 17.68 -13.96 23.43
C LEU C 103 16.50 -14.56 24.11
N GLY C 104 15.72 -13.73 24.80
CA GLY C 104 14.52 -14.22 25.46
C GLY C 104 13.41 -14.37 24.44
N SER C 105 12.18 -14.58 24.88
CA SER C 105 11.07 -14.72 23.94
C SER C 105 10.71 -13.37 23.34
N ASP C 106 11.27 -12.32 23.93
CA ASP C 106 11.04 -10.95 23.50
C ASP C 106 12.07 -10.50 22.49
N TRP C 107 13.08 -11.35 22.31
CA TRP C 107 14.19 -11.10 21.38
C TRP C 107 15.26 -10.25 21.98
N ARG C 108 15.08 -9.81 23.23
CA ARG C 108 16.13 -9.00 23.84
C ARG C 108 17.28 -9.89 24.27
N LEU C 109 18.47 -9.32 24.46
CA LEU C 109 19.64 -10.07 24.90
C LEU C 109 19.40 -10.68 26.27
N LEU C 110 20.12 -11.74 26.58
CA LEU C 110 19.98 -12.37 27.88
C LEU C 110 21.36 -12.76 28.39
N ARG C 111 22.25 -13.06 27.46
CA ARG C 111 23.59 -13.43 27.83
C ARG C 111 24.53 -13.50 26.67
N GLY C 112 25.80 -13.25 26.93
CA GLY C 112 26.79 -13.34 25.89
C GLY C 112 27.62 -14.58 26.18
N TYR C 113 28.22 -15.18 25.17
CA TYR C 113 29.03 -16.35 25.42
C TYR C 113 30.33 -16.28 24.67
N LEU C 114 31.42 -16.46 25.41
CA LEU C 114 32.73 -16.44 24.80
C LEU C 114 33.65 -17.26 25.67
N GLN C 115 33.93 -18.51 25.28
CA GLN C 115 34.85 -19.34 26.06
C GLN C 115 35.80 -20.07 25.15
N PHE C 116 36.98 -20.40 25.67
CA PHE C 116 37.96 -21.13 24.86
C PHE C 116 38.34 -22.47 25.46
N ALA C 117 38.92 -23.34 24.65
CA ALA C 117 39.31 -24.66 25.09
C ALA C 117 40.57 -25.13 24.38
N TYR C 118 41.53 -25.65 25.12
CA TYR C 118 42.74 -26.16 24.50
C TYR C 118 42.91 -27.62 24.83
N GLU C 119 42.96 -28.44 23.80
CA GLU C 119 43.11 -29.87 23.97
C GLU C 119 41.79 -30.46 24.49
N GLY C 120 40.70 -29.72 24.38
CA GLY C 120 39.44 -30.24 24.87
C GLY C 120 39.16 -29.76 26.27
N ARG C 121 40.15 -29.17 26.92
CA ARG C 121 39.92 -28.70 28.27
C ARG C 121 39.62 -27.21 28.35
N ASP C 122 38.79 -26.80 29.32
CA ASP C 122 38.48 -25.39 29.50
C ASP C 122 39.85 -24.67 29.58
N TYR C 123 39.95 -23.50 28.96
CA TYR C 123 41.21 -22.73 28.95
C TYR C 123 40.94 -21.37 29.56
N ILE C 124 40.05 -20.61 28.97
CA ILE C 124 39.71 -19.30 29.49
C ILE C 124 38.37 -18.94 28.95
N ALA C 125 37.52 -18.36 29.80
CA ALA C 125 36.20 -17.99 29.35
C ALA C 125 35.84 -16.65 29.91
N LEU C 126 34.94 -15.97 29.18
CA LEU C 126 34.45 -14.66 29.56
C LEU C 126 33.25 -14.87 30.49
N ASN C 127 33.29 -14.19 31.63
CA ASN C 127 32.24 -14.27 32.60
C ASN C 127 31.01 -13.51 32.07
N GLU C 128 29.87 -13.81 32.69
CA GLU C 128 28.59 -13.21 32.36
C GLU C 128 28.66 -11.68 32.26
N ASP C 129 29.48 -11.06 33.11
CA ASP C 129 29.55 -9.62 33.10
C ASP C 129 30.21 -9.11 31.83
N LEU C 130 30.80 -10.03 31.07
CA LEU C 130 31.47 -9.64 29.82
C LEU C 130 32.63 -8.66 30.10
N LYS C 131 33.02 -8.58 31.38
CA LYS C 131 34.09 -7.69 31.82
C LYS C 131 35.31 -8.40 32.45
N THR C 132 35.08 -9.57 33.05
CA THR C 132 36.14 -10.34 33.71
C THR C 132 36.30 -11.72 33.15
N TRP C 133 37.49 -12.29 33.33
CA TRP C 133 37.77 -13.61 32.83
C TRP C 133 37.84 -14.68 33.92
N THR C 134 38.20 -15.90 33.49
CA THR C 134 38.33 -17.05 34.37
C THR C 134 39.33 -17.98 33.68
N ALA C 135 40.53 -18.10 34.25
CA ALA C 135 41.57 -18.94 33.65
C ALA C 135 41.64 -20.34 34.29
N ALA C 136 41.29 -21.34 33.50
CA ALA C 136 41.27 -22.72 33.92
C ALA C 136 42.54 -23.19 34.58
N ASP C 137 43.68 -22.79 34.06
CA ASP C 137 44.92 -23.20 34.68
C ASP C 137 46.03 -22.12 34.66
N MET C 138 47.24 -22.52 35.05
CA MET C 138 48.37 -21.61 35.10
C MET C 138 48.68 -20.98 33.75
N ALA C 139 48.80 -21.80 32.71
CA ALA C 139 49.07 -21.26 31.39
C ALA C 139 47.99 -20.21 31.05
N ALA C 140 46.74 -20.49 31.41
CA ALA C 140 45.62 -19.60 31.15
C ALA C 140 45.74 -18.30 31.89
N GLN C 141 46.43 -18.32 33.04
CA GLN C 141 46.64 -17.12 33.86
C GLN C 141 47.39 -16.09 33.01
N ILE C 142 48.54 -16.50 32.48
CA ILE C 142 49.34 -15.66 31.61
C ILE C 142 48.43 -15.03 30.54
N THR C 143 47.73 -15.85 29.75
CA THR C 143 46.82 -15.32 28.74
C THR C 143 45.84 -14.35 29.40
N ARG C 144 45.16 -14.75 30.48
CA ARG C 144 44.22 -13.86 31.12
C ARG C 144 44.88 -12.54 31.45
N ARG C 145 46.08 -12.59 32.01
CA ARG C 145 46.76 -11.33 32.38
C ARG C 145 46.92 -10.44 31.15
N LYS C 146 47.45 -11.03 30.08
CA LYS C 146 47.67 -10.34 28.83
C LYS C 146 46.36 -9.74 28.27
N TRP C 147 45.25 -10.46 28.34
CA TRP C 147 44.00 -9.92 27.80
C TRP C 147 43.36 -8.89 28.72
N GLU C 148 43.84 -8.80 29.95
CA GLU C 148 43.29 -7.83 30.88
C GLU C 148 43.97 -6.49 30.63
N GLN C 149 45.29 -6.55 30.56
CA GLN C 149 46.07 -5.35 30.32
C GLN C 149 45.79 -4.74 28.95
N SER C 150 45.03 -5.45 28.11
CA SER C 150 44.71 -4.91 26.80
C SER C 150 43.20 -4.64 26.64
N GLY C 151 42.43 -4.79 27.72
CA GLY C 151 40.99 -4.55 27.65
C GLY C 151 40.24 -5.33 26.58
N ALA C 152 40.92 -6.30 25.97
CA ALA C 152 40.33 -7.14 24.95
C ALA C 152 38.91 -7.62 25.33
N ALA C 153 38.59 -7.63 26.62
CA ALA C 153 37.27 -8.06 27.03
C ALA C 153 36.22 -7.10 26.46
N GLU C 154 36.54 -5.81 26.47
CA GLU C 154 35.62 -4.83 25.96
C GLU C 154 35.27 -5.14 24.52
N HIS C 155 36.30 -5.49 23.75
CA HIS C 155 36.12 -5.84 22.35
C HIS C 155 35.02 -6.90 22.15
N TYR C 156 35.13 -8.03 22.85
CA TYR C 156 34.14 -9.08 22.73
C TYR C 156 32.81 -8.59 23.27
N LYS C 157 32.84 -7.82 24.35
CA LYS C 157 31.62 -7.31 24.96
C LYS C 157 30.78 -6.55 23.94
N ALA C 158 31.48 -5.75 23.13
CA ALA C 158 30.85 -4.94 22.10
C ALA C 158 30.12 -5.83 21.09
N TYR C 159 30.85 -6.78 20.52
CA TYR C 159 30.31 -7.69 19.54
C TYR C 159 29.11 -8.51 20.06
N LEU C 160 29.28 -9.11 21.24
CA LEU C 160 28.24 -9.94 21.83
C LEU C 160 26.96 -9.18 22.09
N GLU C 161 27.08 -7.96 22.56
CA GLU C 161 25.87 -7.23 22.85
C GLU C 161 25.34 -6.59 21.58
N GLY C 162 26.24 -6.29 20.65
CA GLY C 162 25.81 -5.63 19.43
C GLY C 162 25.57 -6.48 18.20
N GLU C 163 26.58 -6.53 17.36
CA GLU C 163 26.53 -7.27 16.10
C GLU C 163 25.85 -8.63 16.25
N CYS C 164 26.25 -9.39 17.26
CA CYS C 164 25.66 -10.70 17.50
C CYS C 164 24.15 -10.58 17.54
N VAL C 165 23.65 -9.66 18.36
CA VAL C 165 22.21 -9.51 18.45
C VAL C 165 21.58 -8.87 17.22
N GLU C 166 22.27 -7.90 16.63
CA GLU C 166 21.71 -7.22 15.47
C GLU C 166 21.53 -8.24 14.34
N TRP C 167 22.54 -9.07 14.12
CA TRP C 167 22.43 -10.06 13.06
C TRP C 167 21.49 -11.23 13.36
N LEU C 168 21.44 -11.64 14.62
CA LEU C 168 20.52 -12.71 14.98
C LEU C 168 19.09 -12.27 14.64
N HIS C 169 18.77 -11.01 14.92
CA HIS C 169 17.43 -10.52 14.60
C HIS C 169 17.23 -10.67 13.09
N ARG C 170 18.19 -10.16 12.33
CA ARG C 170 18.13 -10.22 10.88
C ARG C 170 17.81 -11.65 10.47
N TYR C 171 18.71 -12.55 10.81
CA TYR C 171 18.57 -13.96 10.46
C TYR C 171 17.20 -14.50 10.81
N LEU C 172 16.80 -14.32 12.06
CA LEU C 172 15.48 -14.77 12.55
C LEU C 172 14.37 -14.28 11.61
N LYS C 173 14.49 -13.04 11.16
CA LYS C 173 13.49 -12.47 10.27
C LYS C 173 13.51 -13.20 8.93
N ASN C 174 14.67 -13.69 8.51
CA ASN C 174 14.76 -14.39 7.24
C ASN C 174 14.42 -15.86 7.36
N GLY C 175 13.76 -16.37 6.33
CA GLY C 175 13.38 -17.77 6.26
C GLY C 175 13.00 -18.51 7.53
N ASN C 176 11.81 -19.09 7.48
CA ASN C 176 11.25 -19.87 8.57
C ASN C 176 11.12 -21.34 8.12
N ALA C 177 12.15 -22.14 8.41
CA ALA C 177 12.19 -23.57 8.05
C ALA C 177 11.73 -24.47 9.22
N THR C 178 12.70 -25.02 9.97
CA THR C 178 12.41 -25.88 11.14
C THR C 178 12.58 -25.11 12.46
N LEU C 179 13.41 -24.06 12.42
CA LEU C 179 13.66 -23.19 13.58
C LEU C 179 12.33 -22.63 14.10
N LEU C 180 11.68 -21.85 13.22
CA LEU C 180 10.39 -21.20 13.49
C LEU C 180 9.53 -21.95 14.50
N ARG C 181 9.42 -23.26 14.31
CA ARG C 181 8.63 -24.06 15.21
C ARG C 181 9.41 -25.27 15.71
N THR C 182 8.70 -26.19 16.33
CA THR C 182 9.34 -27.37 16.88
C THR C 182 8.44 -28.60 16.78
N ASP C 183 9.03 -29.70 16.33
CA ASP C 183 8.30 -30.95 16.16
C ASP C 183 8.05 -31.63 17.48
N SER C 184 6.81 -32.06 17.68
CA SER C 184 6.38 -32.74 18.90
C SER C 184 6.68 -34.23 18.83
N PRO C 185 7.30 -34.77 19.86
CA PRO C 185 7.61 -36.18 19.84
C PRO C 185 6.36 -37.06 19.78
N LYS C 186 6.40 -38.13 18.97
CA LYS C 186 5.32 -39.09 18.88
C LYS C 186 5.79 -40.24 19.78
N ALA C 187 4.91 -40.89 20.53
CA ALA C 187 5.37 -41.94 21.42
C ALA C 187 4.62 -43.27 21.39
N HIS C 188 5.19 -44.26 22.07
CA HIS C 188 4.60 -45.59 22.15
C HIS C 188 5.53 -46.51 22.93
N VAL C 189 4.96 -47.57 23.49
CA VAL C 189 5.75 -48.52 24.27
C VAL C 189 5.80 -49.87 23.54
N THR C 190 6.80 -50.68 23.86
CA THR C 190 6.96 -51.98 23.23
C THR C 190 7.27 -53.06 24.26
N HIS C 191 6.76 -54.25 24.00
CA HIS C 191 6.94 -55.39 24.89
C HIS C 191 8.11 -56.24 24.45
N HIS C 192 8.96 -56.59 25.42
CA HIS C 192 10.10 -57.42 25.11
C HIS C 192 10.35 -58.46 26.19
N PRO C 193 10.27 -59.74 25.82
CA PRO C 193 10.51 -60.78 26.83
C PRO C 193 11.90 -60.49 27.39
N ARG C 194 12.03 -60.46 28.70
CA ARG C 194 13.31 -60.15 29.31
C ARG C 194 13.94 -61.25 30.15
N SER C 195 13.13 -62.11 30.74
CA SER C 195 13.68 -63.18 31.57
C SER C 195 12.65 -64.20 32.04
N LYS C 196 12.83 -64.68 33.26
CA LYS C 196 11.94 -65.67 33.86
C LYS C 196 10.73 -64.92 34.41
N GLY C 197 9.62 -64.99 33.67
CA GLY C 197 8.39 -64.31 34.10
C GLY C 197 8.41 -62.79 34.05
N GLU C 198 9.57 -62.20 33.73
CA GLU C 198 9.71 -60.76 33.64
C GLU C 198 9.78 -60.34 32.18
N VAL C 199 9.63 -59.05 31.95
CA VAL C 199 9.71 -58.51 30.61
C VAL C 199 10.30 -57.10 30.70
N THR C 200 10.43 -56.47 29.53
CA THR C 200 10.96 -55.11 29.42
C THR C 200 10.02 -54.24 28.59
N LEU C 201 9.76 -53.06 29.13
CA LEU C 201 8.90 -52.10 28.47
C LEU C 201 9.83 -51.01 27.99
N ARG C 202 9.64 -50.59 26.74
CA ARG C 202 10.49 -49.57 26.19
C ARG C 202 9.66 -48.37 25.75
N CYS C 203 9.83 -47.24 26.44
CA CYS C 203 9.07 -46.02 26.08
C CYS C 203 9.91 -45.37 24.99
N TRP C 204 9.29 -45.25 23.81
CA TRP C 204 9.95 -44.68 22.65
C TRP C 204 9.41 -43.34 22.21
N ALA C 205 10.32 -42.39 22.03
CA ALA C 205 9.99 -41.04 21.58
C ALA C 205 10.67 -40.82 20.24
N LEU C 206 9.89 -40.54 19.21
CA LEU C 206 10.43 -40.37 17.88
C LEU C 206 9.95 -39.15 17.13
N GLY C 207 10.79 -38.69 16.20
CA GLY C 207 10.46 -37.55 15.36
C GLY C 207 10.23 -36.23 16.06
N PHE C 208 11.07 -35.94 17.05
CA PHE C 208 10.91 -34.71 17.79
C PHE C 208 12.04 -33.74 17.61
N TYR C 209 11.75 -32.47 17.87
CA TYR C 209 12.74 -31.39 17.75
C TYR C 209 12.20 -30.19 18.49
N PRO C 210 13.05 -29.49 19.24
CA PRO C 210 14.48 -29.76 19.49
C PRO C 210 14.75 -31.04 20.24
N ALA C 211 16.03 -31.35 20.39
CA ALA C 211 16.44 -32.59 21.02
C ALA C 211 16.32 -32.71 22.53
N ASP C 212 16.09 -31.60 23.23
CA ASP C 212 15.92 -31.69 24.67
C ASP C 212 14.60 -32.38 24.89
N ILE C 213 14.56 -33.33 25.82
CA ILE C 213 13.34 -34.10 26.06
C ILE C 213 13.52 -34.91 27.32
N THR C 214 12.41 -35.32 27.92
CA THR C 214 12.50 -36.15 29.10
C THR C 214 11.50 -37.32 29.17
N LEU C 215 12.01 -38.51 29.54
CA LEU C 215 11.26 -39.77 29.66
C LEU C 215 11.44 -40.28 31.08
N THR C 216 10.38 -40.85 31.62
CA THR C 216 10.39 -41.40 32.98
C THR C 216 9.35 -42.50 33.12
N TRP C 217 9.66 -43.51 33.95
CA TRP C 217 8.72 -44.60 34.17
C TRP C 217 8.18 -44.52 35.58
N GLN C 218 6.88 -44.71 35.69
CA GLN C 218 6.23 -44.65 36.99
C GLN C 218 5.47 -45.90 37.39
N LEU C 219 5.72 -46.31 38.64
CA LEU C 219 5.09 -47.47 39.28
C LEU C 219 4.39 -46.94 40.51
N ASN C 220 3.11 -46.61 40.37
CA ASN C 220 2.32 -46.06 41.48
C ASN C 220 2.79 -44.63 41.81
N GLY C 221 2.62 -43.72 40.85
CA GLY C 221 3.02 -42.34 41.07
C GLY C 221 4.51 -42.08 41.19
N GLU C 222 5.24 -42.94 41.89
CA GLU C 222 6.68 -42.77 42.06
C GLU C 222 7.49 -43.01 40.77
N GLU C 223 8.42 -42.11 40.47
CA GLU C 223 9.24 -42.26 39.26
C GLU C 223 10.35 -43.27 39.56
N LEU C 224 10.56 -44.18 38.62
CA LEU C 224 11.60 -45.20 38.76
C LEU C 224 12.93 -44.72 38.21
N THR C 225 13.68 -44.00 39.05
CA THR C 225 14.98 -43.47 38.65
C THR C 225 16.12 -44.39 39.08
N GLN C 226 15.94 -45.68 38.82
CA GLN C 226 16.95 -46.68 39.15
C GLN C 226 16.58 -47.98 38.45
N ASP C 227 17.56 -48.60 37.80
CA ASP C 227 17.34 -49.85 37.06
C ASP C 227 16.60 -49.54 35.77
N MET C 228 16.55 -48.25 35.44
CA MET C 228 15.89 -47.82 34.22
C MET C 228 16.96 -47.72 33.14
N GLU C 229 16.56 -47.96 31.90
CA GLU C 229 17.51 -47.90 30.81
C GLU C 229 17.22 -46.73 29.89
N LEU C 230 18.23 -45.88 29.71
CA LEU C 230 18.11 -44.73 28.84
C LEU C 230 18.88 -44.96 27.55
N VAL C 231 19.34 -43.87 26.96
CA VAL C 231 20.11 -43.91 25.72
C VAL C 231 20.21 -42.46 25.29
N GLU C 232 21.42 -41.95 25.17
CA GLU C 232 21.60 -40.56 24.78
C GLU C 232 20.79 -40.25 23.54
N THR C 233 20.07 -39.13 23.58
CA THR C 233 19.24 -38.74 22.47
C THR C 233 20.07 -38.69 21.21
N ARG C 234 19.51 -39.22 20.14
CA ARG C 234 20.24 -39.28 18.91
C ARG C 234 19.44 -38.80 17.72
N PRO C 235 20.14 -38.34 16.69
CA PRO C 235 19.55 -37.83 15.45
C PRO C 235 19.05 -38.91 14.55
N ALA C 236 17.78 -38.78 14.16
CA ALA C 236 17.19 -39.73 13.23
C ALA C 236 17.86 -39.52 11.86
N GLY C 237 18.50 -38.38 11.70
CA GLY C 237 19.15 -38.08 10.43
C GLY C 237 18.30 -37.18 9.53
N ASP C 238 17.02 -36.99 9.87
CA ASP C 238 16.12 -36.17 9.07
C ASP C 238 15.95 -34.81 9.71
N GLY C 239 16.63 -34.60 10.83
CA GLY C 239 16.50 -33.34 11.56
C GLY C 239 15.82 -33.54 12.92
N THR C 240 14.94 -34.55 13.00
CA THR C 240 14.24 -34.85 14.22
C THR C 240 15.15 -35.66 15.14
N PHE C 241 14.65 -36.10 16.30
CA PHE C 241 15.46 -36.92 17.23
C PHE C 241 14.71 -38.07 17.85
N GLN C 242 15.48 -38.97 18.47
CA GLN C 242 14.89 -40.14 19.09
C GLN C 242 15.58 -40.43 20.40
N LYS C 243 14.87 -41.14 21.25
CA LYS C 243 15.38 -41.58 22.54
C LYS C 243 14.39 -42.54 23.13
N TRP C 244 14.85 -43.40 24.03
CA TRP C 244 13.96 -44.34 24.70
C TRP C 244 14.43 -44.69 26.08
N ALA C 245 13.45 -45.06 26.90
CA ALA C 245 13.72 -45.48 28.28
C ALA C 245 13.01 -46.82 28.43
N SER C 246 13.57 -47.67 29.27
CA SER C 246 13.00 -49.01 29.49
C SER C 246 13.21 -49.50 30.91
N VAL C 247 12.34 -50.43 31.30
CA VAL C 247 12.38 -51.02 32.64
C VAL C 247 11.95 -52.48 32.60
N VAL C 248 12.44 -53.25 33.58
CA VAL C 248 12.13 -54.69 33.70
C VAL C 248 10.91 -54.89 34.61
N VAL C 249 9.77 -55.14 33.97
CA VAL C 249 8.51 -55.31 34.68
C VAL C 249 7.93 -56.71 34.73
N PRO C 250 7.80 -57.30 35.95
CA PRO C 250 7.25 -58.66 36.10
C PRO C 250 6.02 -58.84 35.20
N LEU C 251 6.14 -59.77 34.25
CA LEU C 251 5.10 -60.10 33.27
C LEU C 251 3.73 -60.22 33.90
N GLY C 252 2.73 -59.63 33.23
CA GLY C 252 1.38 -59.66 33.74
C GLY C 252 1.04 -58.40 34.54
N LYS C 253 2.07 -57.75 35.09
CA LYS C 253 1.92 -56.51 35.88
C LYS C 253 2.31 -55.28 35.04
N GLU C 254 2.02 -55.36 33.75
CA GLU C 254 2.36 -54.30 32.81
C GLU C 254 1.74 -52.95 33.11
N GLN C 255 0.40 -52.92 33.21
CA GLN C 255 -0.33 -51.67 33.47
C GLN C 255 0.07 -50.86 34.72
N ASN C 256 0.71 -51.50 35.70
CA ASN C 256 1.13 -50.83 36.92
C ASN C 256 2.36 -49.95 36.65
N TYR C 257 2.62 -49.77 35.35
CA TYR C 257 3.78 -49.03 34.87
C TYR C 257 3.47 -48.05 33.73
N THR C 258 3.78 -46.76 33.94
CA THR C 258 3.53 -45.72 32.92
C THR C 258 4.74 -44.80 32.78
N CYS C 259 4.90 -44.26 31.57
CA CYS C 259 6.01 -43.35 31.26
C CYS C 259 5.51 -42.08 30.64
N ARG C 260 5.94 -40.96 31.20
CA ARG C 260 5.56 -39.67 30.69
C ARG C 260 6.64 -39.17 29.76
N VAL C 261 6.22 -38.42 28.76
CA VAL C 261 7.15 -37.83 27.79
C VAL C 261 7.11 -36.30 27.81
N TYR C 262 8.01 -35.68 28.56
CA TYR C 262 8.04 -34.22 28.63
C TYR C 262 8.86 -33.60 27.49
N HIS C 263 8.26 -32.64 26.80
CA HIS C 263 8.95 -31.96 25.71
C HIS C 263 8.29 -30.62 25.37
N GLU C 264 9.09 -29.56 25.22
CA GLU C 264 8.52 -28.24 24.93
C GLU C 264 7.45 -28.20 23.86
N GLY C 265 7.73 -28.81 22.70
CA GLY C 265 6.77 -28.79 21.62
C GLY C 265 5.48 -29.51 21.94
N LEU C 266 5.40 -30.11 23.12
CA LEU C 266 4.20 -30.83 23.49
C LEU C 266 3.22 -29.96 24.28
N PRO C 267 1.92 -30.03 23.94
CA PRO C 267 0.88 -29.26 24.63
C PRO C 267 1.00 -29.55 26.10
N GLU C 268 0.94 -30.84 26.41
CA GLU C 268 1.07 -31.33 27.78
C GLU C 268 1.83 -32.64 27.74
N PRO C 269 2.50 -33.00 28.86
CA PRO C 269 3.25 -34.25 28.89
C PRO C 269 2.39 -35.40 28.37
N LEU C 270 3.01 -36.39 27.73
CA LEU C 270 2.31 -37.57 27.22
C LEU C 270 2.39 -38.69 28.23
N THR C 271 1.29 -39.44 28.36
CA THR C 271 1.26 -40.56 29.30
C THR C 271 1.10 -41.86 28.50
N LEU C 272 2.01 -42.80 28.74
CA LEU C 272 1.98 -44.06 28.04
C LEU C 272 1.99 -45.27 28.94
N ARG C 273 1.45 -46.35 28.38
CA ARG C 273 1.38 -47.65 29.03
C ARG C 273 1.36 -48.71 27.93
N TRP C 274 1.81 -49.92 28.26
CA TRP C 274 1.85 -51.03 27.31
C TRP C 274 0.47 -51.36 26.77
N GLU C 275 0.35 -51.36 25.45
CA GLU C 275 -0.92 -51.69 24.81
C GLU C 275 -0.83 -53.04 24.12
N PRO C 276 -1.19 -54.13 24.84
CA PRO C 276 -1.16 -55.50 24.32
C PRO C 276 -2.08 -55.74 23.11
N ILE D 1 45.18 -35.47 27.37
CA ILE D 1 44.02 -36.35 27.73
C ILE D 1 43.15 -36.66 26.51
N GLN D 2 42.44 -37.78 26.59
CA GLN D 2 41.54 -38.23 25.52
C GLN D 2 40.16 -38.51 26.08
N LYS D 3 39.26 -39.01 25.23
CA LYS D 3 37.89 -39.32 25.63
C LYS D 3 37.27 -40.41 24.77
N THR D 4 37.00 -41.55 25.39
CA THR D 4 36.43 -42.71 24.69
C THR D 4 35.05 -42.52 24.07
N PRO D 5 34.99 -42.69 22.74
CA PRO D 5 33.78 -42.55 21.93
C PRO D 5 32.58 -43.38 22.30
N GLN D 6 31.42 -42.76 22.37
CA GLN D 6 30.22 -43.51 22.67
C GLN D 6 29.57 -43.82 21.35
N ILE D 7 29.44 -45.10 21.07
CA ILE D 7 28.84 -45.51 19.81
C ILE D 7 27.38 -45.84 19.93
N GLN D 8 26.64 -45.76 18.83
CA GLN D 8 25.23 -46.11 18.88
C GLN D 8 24.85 -46.47 17.46
N VAL D 9 24.19 -47.60 17.28
CA VAL D 9 23.78 -47.96 15.93
C VAL D 9 22.28 -48.10 15.97
N TYR D 10 21.58 -47.55 14.99
CA TYR D 10 20.12 -47.62 15.04
C TYR D 10 19.59 -47.19 13.68
N SER D 11 18.40 -47.67 13.33
CA SER D 11 17.82 -47.29 12.06
C SER D 11 17.19 -45.91 12.19
N ARG D 12 16.99 -45.22 11.07
CA ARG D 12 16.37 -43.90 11.10
C ARG D 12 14.91 -44.11 11.46
N HIS D 13 14.21 -44.86 10.64
CA HIS D 13 12.79 -45.17 10.84
C HIS D 13 12.68 -46.54 11.48
N PRO D 14 11.48 -46.89 11.97
CA PRO D 14 11.30 -48.20 12.60
C PRO D 14 11.70 -49.29 11.59
N PRO D 15 12.54 -50.25 12.02
CA PRO D 15 12.99 -51.32 11.14
C PRO D 15 11.88 -52.23 10.71
N GLU D 16 11.78 -52.48 9.42
CA GLU D 16 10.76 -53.40 8.94
C GLU D 16 11.47 -54.29 7.93
N ASN D 17 11.86 -55.49 8.35
CA ASN D 17 12.56 -56.41 7.45
C ASN D 17 11.95 -56.38 6.06
N GLY D 18 12.77 -56.17 5.04
CA GLY D 18 12.24 -56.12 3.69
C GLY D 18 12.05 -54.70 3.19
N LYS D 19 11.74 -53.78 4.11
CA LYS D 19 11.55 -52.39 3.74
C LYS D 19 12.87 -51.62 3.90
N PRO D 20 13.19 -50.71 2.95
CA PRO D 20 14.44 -49.93 3.04
C PRO D 20 14.47 -49.05 4.29
N ASN D 21 15.57 -48.33 4.48
CA ASN D 21 15.73 -47.49 5.67
C ASN D 21 17.13 -46.85 5.66
N ILE D 22 17.56 -46.36 6.81
CA ILE D 22 18.87 -45.74 6.97
C ILE D 22 19.44 -46.26 8.26
N LEU D 23 20.72 -46.57 8.24
CA LEU D 23 21.37 -47.06 9.43
C LEU D 23 22.41 -46.04 9.86
N ASN D 24 22.22 -45.49 11.05
CA ASN D 24 23.11 -44.49 11.61
C ASN D 24 24.07 -45.04 12.63
N CYS D 25 25.34 -44.67 12.53
CA CYS D 25 26.29 -45.04 13.55
C CYS D 25 26.57 -43.70 14.17
N TYR D 26 26.12 -43.47 15.41
CA TYR D 26 26.30 -42.18 16.04
C TYR D 26 27.46 -42.20 17.00
N VAL D 27 28.63 -41.73 16.58
CA VAL D 27 29.78 -41.76 17.48
C VAL D 27 29.93 -40.43 18.15
N THR D 28 30.02 -40.36 19.48
CA THR D 28 30.10 -39.04 20.12
C THR D 28 31.03 -39.07 21.31
N GLN D 29 31.07 -37.97 22.07
CA GLN D 29 31.90 -37.88 23.27
C GLN D 29 33.41 -38.11 23.14
N PHE D 30 33.93 -38.09 21.92
CA PHE D 30 35.35 -38.33 21.70
C PHE D 30 36.23 -37.12 21.46
N HIS D 31 37.54 -37.32 21.54
CA HIS D 31 38.51 -36.25 21.39
C HIS D 31 39.89 -36.86 21.54
N PRO D 32 40.86 -36.48 20.71
CA PRO D 32 40.94 -35.53 19.61
C PRO D 32 39.91 -35.81 18.55
N PRO D 33 39.73 -34.89 17.60
CA PRO D 33 38.74 -35.08 16.54
C PRO D 33 39.02 -36.15 15.54
N HIS D 34 40.28 -36.55 15.41
CA HIS D 34 40.62 -37.57 14.43
C HIS D 34 39.96 -38.89 14.78
N ILE D 35 39.17 -39.42 13.85
CA ILE D 35 38.45 -40.66 14.11
C ILE D 35 38.18 -41.47 12.85
N GLU D 36 38.25 -42.80 12.97
CA GLU D 36 38.01 -43.68 11.84
C GLU D 36 36.72 -44.41 12.15
N ILE D 37 35.80 -44.46 11.17
CA ILE D 37 34.50 -45.09 11.38
C ILE D 37 34.02 -45.91 10.22
N GLN D 38 33.98 -47.23 10.39
CA GLN D 38 33.49 -48.12 9.34
C GLN D 38 32.10 -48.64 9.70
N MET D 39 31.28 -48.90 8.70
CA MET D 39 29.99 -49.47 8.97
C MET D 39 30.02 -50.78 8.25
N LEU D 40 29.58 -51.83 8.94
CA LEU D 40 29.63 -53.16 8.35
C LEU D 40 28.33 -53.92 8.04
N LYS D 41 28.42 -54.80 7.06
CA LYS D 41 27.32 -55.69 6.66
C LYS D 41 27.87 -57.13 6.63
N ASN D 42 27.57 -57.91 7.67
CA ASN D 42 28.05 -59.28 7.72
C ASN D 42 29.56 -59.32 7.75
N GLY D 43 30.15 -58.45 8.54
CA GLY D 43 31.60 -58.44 8.66
C GLY D 43 32.34 -57.67 7.61
N LYS D 44 31.71 -57.50 6.44
CA LYS D 44 32.33 -56.78 5.34
C LYS D 44 32.03 -55.29 5.50
N LYS D 45 32.98 -54.45 5.07
CA LYS D 45 32.85 -53.00 5.15
C LYS D 45 31.90 -52.46 4.10
N ILE D 46 31.02 -51.55 4.49
CA ILE D 46 30.10 -50.98 3.54
C ILE D 46 30.82 -49.81 2.91
N PRO D 47 30.79 -49.70 1.59
CA PRO D 47 31.43 -48.67 0.76
C PRO D 47 30.97 -47.20 0.89
N LYS D 48 29.87 -46.84 0.23
CA LYS D 48 29.40 -45.44 0.28
C LYS D 48 28.73 -45.10 1.59
N VAL D 49 29.54 -44.66 2.53
CA VAL D 49 29.05 -44.31 3.84
C VAL D 49 29.15 -42.80 4.00
N GLU D 50 28.00 -42.19 4.29
CA GLU D 50 27.90 -40.75 4.51
C GLU D 50 28.44 -40.44 5.89
N MET D 51 29.32 -39.45 5.95
CA MET D 51 29.91 -39.03 7.20
C MET D 51 29.61 -37.55 7.39
N SER D 52 28.99 -37.20 8.50
CA SER D 52 28.69 -35.78 8.77
C SER D 52 30.04 -35.01 8.89
N ASP D 53 29.97 -33.68 9.07
CA ASP D 53 31.17 -32.84 9.21
C ASP D 53 31.56 -32.57 10.66
N MET D 54 32.86 -32.43 10.89
CA MET D 54 33.40 -32.21 12.24
C MET D 54 32.59 -31.25 13.10
N SER D 55 32.06 -31.76 14.20
CA SER D 55 31.30 -30.89 15.05
C SER D 55 31.62 -31.16 16.49
N PHE D 56 31.26 -30.23 17.37
CA PHE D 56 31.53 -30.46 18.77
C PHE D 56 30.50 -29.81 19.66
N SER D 57 30.40 -30.24 20.90
CA SER D 57 29.39 -29.68 21.77
C SER D 57 29.92 -28.93 22.96
N LYS D 58 28.99 -28.27 23.65
CA LYS D 58 29.29 -27.48 24.80
C LYS D 58 30.41 -28.07 25.61
N ASP D 59 30.39 -29.37 25.84
CA ASP D 59 31.46 -29.95 26.64
C ASP D 59 32.74 -30.14 25.87
N TRP D 60 32.90 -29.43 24.75
CA TRP D 60 34.13 -29.48 23.93
C TRP D 60 34.42 -30.78 23.19
N SER D 61 33.51 -31.76 23.26
CA SER D 61 33.75 -33.03 22.60
C SER D 61 33.15 -33.12 21.20
N PHE D 62 33.86 -33.77 20.29
CA PHE D 62 33.45 -33.91 18.89
C PHE D 62 32.49 -35.05 18.72
N TYR D 63 31.83 -35.09 17.56
CA TYR D 63 30.88 -36.15 17.26
C TYR D 63 30.62 -36.23 15.77
N ILE D 64 30.38 -37.43 15.28
CA ILE D 64 30.13 -37.60 13.87
C ILE D 64 28.94 -38.50 13.67
N LEU D 65 28.21 -38.31 12.60
CA LEU D 65 27.09 -39.17 12.39
C LEU D 65 27.28 -39.77 11.05
N ALA D 66 27.68 -41.04 11.04
CA ALA D 66 27.88 -41.75 9.78
C ALA D 66 26.61 -42.50 9.52
N HIS D 67 26.22 -42.61 8.26
CA HIS D 67 24.99 -43.34 7.96
C HIS D 67 25.03 -43.96 6.55
N THR D 68 24.04 -44.83 6.28
CA THR D 68 23.93 -45.50 4.99
C THR D 68 22.59 -46.17 4.81
N GLU D 69 22.26 -46.49 3.56
CA GLU D 69 21.01 -47.14 3.20
C GLU D 69 21.16 -48.62 3.47
N PHE D 70 20.06 -49.29 3.81
CA PHE D 70 20.10 -50.71 4.06
C PHE D 70 18.70 -51.21 4.25
N THR D 71 18.54 -52.50 4.09
CA THR D 71 17.25 -53.12 4.26
C THR D 71 17.45 -54.28 5.21
N PRO D 72 17.03 -54.07 6.44
CA PRO D 72 17.17 -55.11 7.46
C PRO D 72 16.49 -56.40 7.04
N THR D 73 17.09 -57.53 7.44
CA THR D 73 16.58 -58.87 7.16
C THR D 73 17.05 -59.72 8.33
N GLU D 74 16.51 -60.92 8.47
CA GLU D 74 16.92 -61.83 9.55
C GLU D 74 18.37 -62.22 9.33
N THR D 75 18.69 -62.51 8.07
CA THR D 75 20.01 -62.93 7.64
C THR D 75 21.12 -61.95 7.99
N ASP D 76 21.07 -60.79 7.35
CA ASP D 76 22.09 -59.78 7.53
C ASP D 76 22.28 -59.24 8.94
N THR D 77 23.55 -59.12 9.30
CA THR D 77 23.94 -58.62 10.60
C THR D 77 24.77 -57.37 10.34
N TYR D 78 24.35 -56.26 10.94
CA TYR D 78 25.03 -54.98 10.74
C TYR D 78 25.81 -54.51 11.97
N ALA D 79 26.85 -53.72 11.73
CA ALA D 79 27.63 -53.24 12.84
C ALA D 79 28.41 -52.01 12.48
N CYS D 80 29.06 -51.45 13.48
CA CYS D 80 29.84 -50.26 13.28
C CYS D 80 31.12 -50.48 14.07
N ARG D 81 32.27 -50.26 13.44
CA ARG D 81 33.53 -50.40 14.14
C ARG D 81 34.15 -49.01 14.12
N VAL D 82 34.67 -48.59 15.27
CA VAL D 82 35.25 -47.28 15.46
C VAL D 82 36.67 -47.34 15.93
N LYS D 83 37.60 -46.76 15.18
CA LYS D 83 39.00 -46.75 15.58
C LYS D 83 39.26 -45.35 16.07
N HIS D 84 40.06 -45.23 17.13
CA HIS D 84 40.35 -43.91 17.69
C HIS D 84 41.47 -44.03 18.74
N ASP D 85 42.21 -42.93 18.92
CA ASP D 85 43.34 -42.89 19.87
C ASP D 85 43.01 -43.15 21.34
N SER D 86 41.84 -42.74 21.81
CA SER D 86 41.51 -42.97 23.20
C SER D 86 41.33 -44.45 23.51
N MET D 87 41.46 -45.29 22.48
CA MET D 87 41.29 -46.72 22.62
C MET D 87 42.46 -47.43 22.02
N ALA D 88 42.85 -48.54 22.63
CA ALA D 88 43.97 -49.32 22.12
C ALA D 88 43.48 -50.23 20.99
N GLU D 89 42.32 -50.83 21.18
CA GLU D 89 41.76 -51.69 20.16
C GLU D 89 40.43 -51.11 19.70
N PRO D 90 40.08 -51.29 18.42
CA PRO D 90 38.83 -50.76 17.87
C PRO D 90 37.68 -51.16 18.73
N LYS D 91 36.50 -50.60 18.45
CA LYS D 91 35.32 -50.95 19.19
C LYS D 91 34.25 -51.26 18.19
N THR D 92 33.62 -52.41 18.30
CA THR D 92 32.58 -52.71 17.35
C THR D 92 31.28 -52.82 18.12
N VAL D 93 30.20 -52.28 17.60
CA VAL D 93 28.93 -52.45 18.28
C VAL D 93 27.97 -52.86 17.22
N TYR D 94 27.13 -53.86 17.52
CA TYR D 94 26.20 -54.40 16.53
C TYR D 94 24.85 -53.77 16.59
N TRP D 95 24.21 -53.66 15.44
CA TRP D 95 22.87 -53.12 15.36
C TRP D 95 21.87 -53.93 16.18
N ASP D 96 20.78 -53.34 16.59
CA ASP D 96 19.81 -54.08 17.37
C ASP D 96 18.46 -53.43 17.22
N ARG D 97 17.63 -53.98 16.36
CA ARG D 97 16.32 -53.39 16.09
C ARG D 97 15.50 -53.02 17.32
N ASP D 98 15.79 -53.64 18.46
CA ASP D 98 15.03 -53.30 19.66
C ASP D 98 15.67 -52.16 20.44
N MET D 99 16.90 -51.84 20.11
CA MET D 99 17.60 -50.75 20.78
C MET D 99 17.62 -49.50 19.86
N GLY E 1 4.72 -22.50 26.15
CA GLY E 1 5.63 -21.76 27.06
C GLY E 1 5.70 -22.30 28.48
N PRO E 2 6.37 -21.58 29.42
CA PRO E 2 6.49 -22.01 30.83
C PRO E 2 5.26 -21.69 31.66
N HIS E 3 5.18 -22.30 32.85
CA HIS E 3 4.06 -22.09 33.74
C HIS E 3 4.44 -22.00 35.21
N SER E 4 3.44 -21.63 36.02
CA SER E 4 3.69 -21.50 37.45
C SER E 4 2.45 -21.48 38.30
N MET E 5 2.66 -21.66 39.58
CA MET E 5 1.58 -21.57 40.54
C MET E 5 2.11 -21.00 41.83
N ARG E 6 1.40 -20.05 42.40
CA ARG E 6 1.81 -19.48 43.67
C ARG E 6 0.61 -19.26 44.56
N TYR E 7 0.85 -19.19 45.86
CA TYR E 7 -0.20 -18.91 46.80
C TYR E 7 0.34 -17.80 47.65
N PHE E 8 -0.19 -16.58 47.46
CA PHE E 8 0.27 -15.45 48.25
C PHE E 8 -0.62 -15.34 49.48
N GLU E 9 -0.04 -15.48 50.67
CA GLU E 9 -0.81 -15.43 51.90
C GLU E 9 -0.44 -14.30 52.87
N THR E 10 -1.44 -13.53 53.29
CA THR E 10 -1.22 -12.43 54.21
C THR E 10 -2.10 -12.57 55.46
N ALA E 11 -1.60 -12.09 56.57
CA ALA E 11 -2.37 -12.13 57.78
C ALA E 11 -2.04 -10.76 58.34
N VAL E 12 -3.07 -9.95 58.57
CA VAL E 12 -2.77 -8.63 59.06
C VAL E 12 -3.53 -8.25 60.30
N SER E 13 -2.78 -7.87 61.31
CA SER E 13 -3.38 -7.50 62.58
C SER E 13 -3.47 -5.99 62.70
N ARG E 14 -4.63 -5.48 63.10
CA ARG E 14 -4.84 -4.05 63.26
C ARG E 14 -4.90 -3.77 64.75
N PRO E 15 -4.56 -2.55 65.16
CA PRO E 15 -4.56 -2.17 66.57
C PRO E 15 -5.98 -1.95 67.08
N GLY E 16 -6.19 -2.19 68.37
CA GLY E 16 -7.53 -2.04 68.91
C GLY E 16 -8.43 -2.91 68.06
N LEU E 17 -8.21 -4.22 68.15
CA LEU E 17 -8.98 -5.17 67.37
C LEU E 17 -8.26 -6.51 67.46
N GLU E 18 -8.96 -7.56 67.90
CA GLU E 18 -8.33 -8.87 68.02
C GLU E 18 -8.63 -9.77 66.84
N GLU E 19 -7.83 -10.83 66.67
CA GLU E 19 -7.97 -11.77 65.56
C GLU E 19 -7.71 -11.10 64.23
N PRO E 20 -6.49 -11.26 63.70
CA PRO E 20 -6.10 -10.67 62.43
C PRO E 20 -6.89 -11.21 61.24
N ARG E 21 -6.93 -10.42 60.18
CA ARG E 21 -7.58 -10.82 58.97
C ARG E 21 -6.54 -11.67 58.18
N TYR E 22 -6.98 -12.81 57.65
CA TYR E 22 -6.10 -13.71 56.90
C TYR E 22 -6.59 -13.76 55.47
N ILE E 23 -5.70 -13.63 54.51
CA ILE E 23 -6.17 -13.66 53.14
C ILE E 23 -5.26 -14.54 52.34
N SER E 24 -5.83 -15.24 51.37
CA SER E 24 -5.03 -16.11 50.56
C SER E 24 -5.41 -16.00 49.10
N VAL E 25 -4.45 -15.63 48.28
CA VAL E 25 -4.75 -15.51 46.87
C VAL E 25 -3.82 -16.47 46.17
N GLY E 26 -4.40 -17.28 45.29
CA GLY E 26 -3.61 -18.24 44.54
C GLY E 26 -3.60 -17.85 43.08
N TYR E 27 -2.48 -18.07 42.40
CA TYR E 27 -2.40 -17.77 41.00
C TYR E 27 -1.77 -18.90 40.21
N VAL E 28 -2.20 -19.07 38.96
CA VAL E 28 -1.59 -20.05 38.04
C VAL E 28 -1.22 -19.20 36.83
N ASP E 29 0.08 -19.14 36.57
CA ASP E 29 0.62 -18.32 35.49
C ASP E 29 0.25 -16.86 35.77
N ASN E 30 0.44 -16.47 37.03
CA ASN E 30 0.18 -15.14 37.54
C ASN E 30 -1.17 -14.57 37.24
N LYS E 31 -2.18 -15.41 37.24
CA LYS E 31 -3.52 -15.00 36.94
C LYS E 31 -4.30 -15.50 38.16
N GLU E 32 -4.90 -14.60 38.93
CA GLU E 32 -5.65 -15.03 40.11
C GLU E 32 -6.71 -16.07 39.71
N PHE E 33 -6.82 -17.14 40.50
CA PHE E 33 -7.84 -18.14 40.20
C PHE E 33 -8.57 -18.62 41.43
N VAL E 34 -8.11 -18.23 42.62
CA VAL E 34 -8.81 -18.63 43.86
C VAL E 34 -8.51 -17.67 44.98
N ARG E 35 -9.51 -17.39 45.79
CA ARG E 35 -9.26 -16.44 46.86
C ARG E 35 -9.99 -16.74 48.16
N PHE E 36 -9.35 -16.41 49.27
CA PHE E 36 -9.95 -16.67 50.56
C PHE E 36 -9.75 -15.48 51.49
N ASP E 37 -10.85 -15.04 52.10
CA ASP E 37 -10.81 -13.90 52.99
C ASP E 37 -11.50 -14.13 54.30
N SER E 38 -10.72 -14.20 55.37
CA SER E 38 -11.33 -14.42 56.65
C SER E 38 -12.37 -13.36 57.02
N ASP E 39 -12.43 -12.28 56.25
CA ASP E 39 -13.36 -11.21 56.56
C ASP E 39 -14.71 -11.42 55.93
N ALA E 40 -14.82 -12.47 55.13
CA ALA E 40 -16.08 -12.73 54.48
C ALA E 40 -17.14 -13.13 55.48
N GLU E 41 -18.38 -13.17 55.00
CA GLU E 41 -19.56 -13.57 55.78
C GLU E 41 -19.35 -15.05 56.04
N ASN E 42 -19.07 -15.77 54.97
CA ASN E 42 -18.81 -17.20 55.03
C ASN E 42 -17.43 -17.48 54.40
N PRO E 43 -16.36 -17.42 55.20
CA PRO E 43 -15.00 -17.66 54.74
C PRO E 43 -14.87 -18.97 53.99
N ARG E 44 -14.32 -18.93 52.78
CA ARG E 44 -14.15 -20.15 52.01
C ARG E 44 -13.54 -19.85 50.66
N TYR E 45 -12.49 -20.55 50.27
CA TYR E 45 -11.90 -20.31 48.95
C TYR E 45 -12.98 -20.24 47.88
N GLU E 46 -13.06 -19.10 47.19
CA GLU E 46 -14.02 -18.92 46.11
C GLU E 46 -13.31 -19.04 44.77
N PRO E 47 -13.98 -19.58 43.77
CA PRO E 47 -13.30 -19.70 42.49
C PRO E 47 -13.18 -18.27 41.97
N ARG E 48 -12.19 -17.98 41.14
CA ARG E 48 -12.04 -16.63 40.62
C ARG E 48 -11.67 -16.62 39.15
N ALA E 49 -12.38 -17.43 38.39
CA ALA E 49 -12.13 -17.52 36.98
C ALA E 49 -13.14 -18.50 36.47
N PRO E 50 -13.82 -18.16 35.38
CA PRO E 50 -14.83 -19.06 34.83
C PRO E 50 -14.41 -20.54 34.86
N TRP E 51 -13.24 -20.86 34.31
CA TRP E 51 -12.83 -22.26 34.29
C TRP E 51 -12.83 -22.95 35.64
N MET E 52 -12.08 -22.41 36.58
CA MET E 52 -12.01 -23.01 37.89
C MET E 52 -13.39 -23.30 38.49
N GLU E 53 -14.47 -22.85 37.85
CA GLU E 53 -15.80 -23.10 38.38
C GLU E 53 -16.26 -24.54 38.23
N GLN E 54 -15.49 -25.34 37.49
CA GLN E 54 -15.83 -26.74 37.27
C GLN E 54 -15.16 -27.64 38.34
N GLU E 55 -15.03 -27.19 39.58
CA GLU E 55 -14.36 -28.02 40.56
C GLU E 55 -15.19 -28.90 41.44
N GLY E 56 -16.28 -28.37 41.98
CA GLY E 56 -17.11 -29.19 42.85
C GLY E 56 -16.79 -29.06 44.33
N PRO E 57 -17.81 -29.09 45.18
CA PRO E 57 -17.73 -28.95 46.64
C PRO E 57 -16.64 -29.76 47.35
N GLU E 58 -16.49 -31.04 47.02
CA GLU E 58 -15.45 -31.85 47.65
C GLU E 58 -14.18 -31.03 47.67
N TYR E 59 -13.83 -30.47 46.51
CA TYR E 59 -12.64 -29.66 46.36
C TYR E 59 -12.64 -28.43 47.26
N TRP E 60 -13.60 -27.53 47.04
CA TRP E 60 -13.72 -26.32 47.84
C TRP E 60 -13.70 -26.58 49.36
N GLU E 61 -14.44 -27.60 49.77
CA GLU E 61 -14.46 -27.95 51.16
C GLU E 61 -13.00 -28.17 51.58
N ARG E 62 -12.34 -29.16 50.96
CA ARG E 62 -10.96 -29.51 51.27
C ARG E 62 -10.02 -28.32 51.29
N GLU E 63 -10.24 -27.37 50.40
CA GLU E 63 -9.40 -26.19 50.34
C GLU E 63 -9.75 -25.26 51.47
N THR E 64 -11.03 -24.97 51.64
CA THR E 64 -11.40 -24.08 52.71
C THR E 64 -10.86 -24.64 54.01
N GLN E 65 -10.84 -25.95 54.15
CA GLN E 65 -10.29 -26.49 55.36
C GLN E 65 -8.83 -26.07 55.51
N LYS E 66 -8.03 -26.27 54.47
CA LYS E 66 -6.63 -25.87 54.52
C LYS E 66 -6.52 -24.37 54.86
N ALA E 67 -7.32 -23.54 54.21
CA ALA E 67 -7.25 -22.13 54.51
C ALA E 67 -7.49 -21.92 55.99
N LYS E 68 -8.51 -22.57 56.54
CA LYS E 68 -8.82 -22.41 57.95
C LYS E 68 -7.57 -22.78 58.72
N GLY E 69 -6.81 -23.73 58.16
CA GLY E 69 -5.60 -24.20 58.81
C GLY E 69 -4.52 -23.14 58.84
N GLN E 70 -4.29 -22.55 57.67
CA GLN E 70 -3.29 -21.53 57.56
C GLN E 70 -3.62 -20.42 58.50
N GLU E 71 -4.85 -19.94 58.42
CA GLU E 71 -5.28 -18.86 59.30
C GLU E 71 -4.75 -19.02 60.73
N GLN E 72 -4.89 -20.20 61.33
CA GLN E 72 -4.41 -20.42 62.70
C GLN E 72 -2.92 -20.33 62.87
N TRP E 73 -2.21 -20.90 61.91
CA TRP E 73 -0.77 -20.92 61.92
C TRP E 73 -0.27 -19.46 61.94
N PHE E 74 -0.80 -18.65 61.02
CA PHE E 74 -0.45 -17.26 60.94
C PHE E 74 -0.81 -16.56 62.25
N ARG E 75 -2.06 -16.74 62.65
CA ARG E 75 -2.58 -16.18 63.89
C ARG E 75 -1.60 -16.32 65.05
N VAL E 76 -0.96 -17.47 65.14
CA VAL E 76 -0.03 -17.70 66.21
C VAL E 76 1.41 -17.25 65.93
N SER E 77 1.84 -17.41 64.68
CA SER E 77 3.18 -17.00 64.29
C SER E 77 3.28 -15.51 64.59
N LEU E 78 2.20 -14.82 64.22
CA LEU E 78 2.07 -13.39 64.46
C LEU E 78 2.28 -13.09 65.94
N ARG E 79 1.62 -13.82 66.83
CA ARG E 79 1.83 -13.57 68.26
C ARG E 79 3.30 -13.68 68.61
N ASN E 80 3.95 -14.74 68.15
CA ASN E 80 5.37 -14.94 68.43
C ASN E 80 6.26 -13.84 67.83
N LEU E 81 6.10 -13.57 66.53
CA LEU E 81 6.88 -12.51 65.89
C LEU E 81 6.84 -11.30 66.78
N LEU E 82 5.62 -10.87 67.10
CA LEU E 82 5.40 -9.75 67.99
C LEU E 82 6.39 -9.72 69.18
N GLY E 83 6.55 -10.86 69.84
CA GLY E 83 7.45 -10.93 70.97
C GLY E 83 8.89 -10.87 70.55
N TYR E 84 9.20 -11.49 69.41
CA TYR E 84 10.58 -11.52 68.94
C TYR E 84 11.07 -10.10 68.76
N TYR E 85 10.29 -9.26 68.11
CA TYR E 85 10.78 -7.91 67.92
C TYR E 85 10.46 -6.96 69.04
N ASN E 86 10.04 -7.50 70.18
CA ASN E 86 9.76 -6.67 71.33
C ASN E 86 8.79 -5.53 71.02
N GLN E 87 7.90 -5.76 70.08
CA GLN E 87 6.96 -4.73 69.69
C GLN E 87 5.85 -4.74 70.72
N SER E 88 5.61 -3.64 71.41
CA SER E 88 4.54 -3.71 72.40
C SER E 88 3.25 -3.85 71.64
N ALA E 89 2.15 -3.98 72.37
CA ALA E 89 0.85 -4.08 71.76
C ALA E 89 0.39 -2.66 71.37
N GLY E 90 -0.52 -2.60 70.41
CA GLY E 90 -1.02 -1.31 69.97
C GLY E 90 -0.58 -0.93 68.58
N GLY E 91 0.14 -1.84 67.93
CA GLY E 91 0.62 -1.57 66.59
C GLY E 91 -0.14 -2.35 65.57
N SER E 92 0.21 -2.13 64.31
CA SER E 92 -0.41 -2.84 63.22
C SER E 92 0.70 -3.75 62.65
N HIS E 93 0.40 -5.01 62.35
CA HIS E 93 1.44 -5.85 61.80
C HIS E 93 1.04 -6.73 60.68
N THR E 94 2.03 -7.24 59.98
CA THR E 94 1.74 -8.06 58.82
C THR E 94 2.64 -9.28 58.65
N LEU E 95 2.03 -10.42 58.32
CA LEU E 95 2.81 -11.62 58.07
C LEU E 95 2.48 -12.07 56.66
N GLN E 96 3.50 -12.06 55.81
CA GLN E 96 3.32 -12.49 54.43
C GLN E 96 4.04 -13.75 54.05
N GLN E 97 3.40 -14.53 53.17
CA GLN E 97 4.00 -15.77 52.74
C GLN E 97 3.78 -16.03 51.29
N MET E 98 4.85 -16.35 50.57
CA MET E 98 4.71 -16.70 49.15
C MET E 98 5.19 -18.15 48.99
N SER E 99 4.40 -19.00 48.36
CA SER E 99 4.81 -20.39 48.13
C SER E 99 4.29 -20.86 46.78
N GLY E 100 5.03 -21.78 46.15
CA GLY E 100 4.60 -22.29 44.84
C GLY E 100 5.69 -23.00 44.05
N CYS E 101 5.49 -23.18 42.76
CA CYS E 101 6.48 -23.89 42.00
C CYS E 101 6.48 -23.42 40.54
N ASP E 102 7.63 -23.57 39.86
CA ASP E 102 7.78 -23.18 38.45
C ASP E 102 8.02 -24.35 37.50
N LEU E 103 7.46 -24.29 36.31
CA LEU E 103 7.63 -25.36 35.35
C LEU E 103 8.17 -24.88 34.05
N GLY E 104 9.04 -25.65 33.42
CA GLY E 104 9.56 -25.23 32.12
C GLY E 104 8.49 -25.37 31.05
N SER E 105 8.89 -25.27 29.78
CA SER E 105 7.98 -25.38 28.64
C SER E 105 7.56 -26.84 28.47
N ASP E 106 8.29 -27.73 29.13
CA ASP E 106 8.03 -29.16 29.10
C ASP E 106 7.07 -29.59 30.23
N TRP E 107 6.77 -28.66 31.12
CA TRP E 107 5.88 -28.87 32.27
C TRP E 107 6.57 -29.46 33.45
N ARG E 108 7.86 -29.75 33.33
CA ARG E 108 8.57 -30.33 34.46
C ARG E 108 8.91 -29.27 35.51
N LEU E 109 9.12 -29.71 36.74
CA LEU E 109 9.49 -28.80 37.79
C LEU E 109 10.75 -28.06 37.40
N LEU E 110 11.01 -26.93 38.03
CA LEU E 110 12.22 -26.16 37.75
C LEU E 110 12.67 -25.57 39.07
N ARG E 111 11.71 -25.23 39.93
CA ARG E 111 12.04 -24.63 41.20
C ARG E 111 10.84 -24.61 42.12
N GLY E 112 11.12 -24.61 43.42
CA GLY E 112 10.10 -24.53 44.43
C GLY E 112 10.27 -23.17 45.11
N TYR E 113 9.19 -22.60 45.60
CA TYR E 113 9.33 -21.33 46.25
C TYR E 113 8.60 -21.33 47.57
N LEU E 114 9.32 -20.91 48.61
CA LEU E 114 8.71 -20.79 49.91
C LEU E 114 9.43 -19.72 50.71
N GLN E 115 8.88 -18.51 50.76
CA GLN E 115 9.51 -17.43 51.56
C GLN E 115 8.54 -16.67 52.45
N PHE E 116 9.06 -16.10 53.53
CA PHE E 116 8.20 -15.39 54.47
C PHE E 116 8.64 -13.97 54.75
N ALA E 117 7.68 -13.12 55.07
CA ALA E 117 8.03 -11.76 55.34
C ALA E 117 7.28 -11.20 56.53
N TYR E 118 7.99 -10.49 57.38
CA TYR E 118 7.32 -9.87 58.49
C TYR E 118 7.48 -8.36 58.45
N GLU E 119 6.35 -7.67 58.34
CA GLU E 119 6.31 -6.23 58.31
C GLU E 119 6.78 -5.78 56.92
N GLY E 120 6.73 -6.68 55.95
CA GLY E 120 7.12 -6.32 54.62
C GLY E 120 8.59 -6.61 54.37
N ARG E 121 9.32 -6.97 55.41
CA ARG E 121 10.73 -7.29 55.25
C ARG E 121 10.92 -8.79 55.18
N ASP E 122 11.98 -9.24 54.48
CA ASP E 122 12.30 -10.65 54.32
C ASP E 122 12.51 -11.18 55.70
N TYR E 123 11.95 -12.36 55.97
CA TYR E 123 12.10 -12.94 57.31
C TYR E 123 12.90 -14.22 57.23
N ILE E 124 12.36 -15.18 56.50
CA ILE E 124 13.01 -16.45 56.30
C ILE E 124 12.47 -17.03 55.03
N ALA E 125 13.34 -17.69 54.27
CA ALA E 125 12.93 -18.31 53.03
C ALA E 125 13.66 -19.59 52.85
N LEU E 126 13.01 -20.47 52.11
CA LEU E 126 13.55 -21.76 51.80
C LEU E 126 14.45 -21.55 50.58
N ASN E 127 15.67 -22.08 50.67
CA ASN E 127 16.65 -22.02 49.58
C ASN E 127 16.20 -22.93 48.46
N GLU E 128 16.85 -22.78 47.31
CA GLU E 128 16.57 -23.55 46.07
C GLU E 128 16.62 -25.06 46.33
N ASP E 129 17.55 -25.47 47.19
CA ASP E 129 17.70 -26.86 47.50
C ASP E 129 16.48 -27.45 48.22
N LEU E 130 15.62 -26.59 48.72
CA LEU E 130 14.44 -27.06 49.44
C LEU E 130 14.87 -27.84 50.67
N LYS E 131 16.10 -27.60 51.12
CA LYS E 131 16.67 -28.28 52.28
C LYS E 131 17.21 -27.35 53.34
N THR E 132 17.67 -26.16 52.95
CA THR E 132 18.22 -25.19 53.90
C THR E 132 17.47 -23.85 53.98
N TRP E 133 17.69 -23.13 55.06
CA TRP E 133 16.99 -21.86 55.21
C TRP E 133 17.92 -20.68 55.12
N THR E 134 17.34 -19.49 55.25
CA THR E 134 18.07 -18.23 55.21
C THR E 134 17.30 -17.28 56.08
N ALA E 135 17.87 -16.91 57.20
CA ALA E 135 17.16 -16.02 58.11
C ALA E 135 17.67 -14.58 58.05
N ALA E 136 16.77 -13.72 57.55
CA ALA E 136 17.00 -12.28 57.38
C ALA E 136 17.69 -11.59 58.55
N ASP E 137 17.21 -11.85 59.76
CA ASP E 137 17.83 -11.24 60.93
C ASP E 137 17.93 -12.15 62.14
N MET E 138 18.26 -11.56 63.28
CA MET E 138 18.40 -12.33 64.50
C MET E 138 17.13 -13.05 64.86
N ALA E 139 16.01 -12.34 64.93
CA ALA E 139 14.76 -12.98 65.24
C ALA E 139 14.57 -14.22 64.35
N ALA E 140 14.79 -14.06 63.06
CA ALA E 140 14.61 -15.14 62.11
C ALA E 140 15.53 -16.31 62.44
N GLN E 141 16.66 -16.02 63.08
CA GLN E 141 17.57 -17.09 63.44
C GLN E 141 16.79 -18.09 64.30
N ILE E 142 16.23 -17.59 65.39
CA ILE E 142 15.44 -18.41 66.29
C ILE E 142 14.43 -19.23 65.49
N THR E 143 13.66 -18.57 64.63
CA THR E 143 12.72 -19.34 63.87
C THR E 143 13.48 -20.38 63.05
N ARG E 144 14.52 -19.99 62.31
CA ARG E 144 15.27 -20.98 61.52
C ARG E 144 15.72 -22.17 62.39
N ARG E 145 16.36 -21.89 63.51
CA ARG E 145 16.83 -22.96 64.38
C ARG E 145 15.72 -23.93 64.70
N LYS E 146 14.59 -23.42 65.14
CA LYS E 146 13.45 -24.25 65.47
C LYS E 146 12.99 -25.09 64.27
N TRP E 147 12.95 -24.48 63.09
CA TRP E 147 12.51 -25.18 61.90
C TRP E 147 13.48 -26.25 61.39
N GLU E 148 14.74 -26.14 61.76
CA GLU E 148 15.73 -27.10 61.34
C GLU E 148 15.60 -28.34 62.23
N GLN E 149 15.60 -28.11 63.53
CA GLN E 149 15.50 -29.20 64.46
C GLN E 149 14.24 -29.99 64.24
N SER E 150 13.33 -29.53 63.40
CA SER E 150 12.10 -30.29 63.20
C SER E 150 12.01 -30.74 61.74
N GLY E 151 13.04 -30.49 60.97
CA GLY E 151 13.00 -30.91 59.59
C GLY E 151 11.78 -30.41 58.83
N ALA E 152 11.14 -29.38 59.36
CA ALA E 152 9.98 -28.78 58.72
C ALA E 152 10.21 -28.55 57.20
N ALA E 153 11.48 -28.37 56.85
CA ALA E 153 11.85 -28.14 55.46
C ALA E 153 11.41 -29.30 54.57
N GLU E 154 11.59 -30.52 55.04
CA GLU E 154 11.19 -31.67 54.26
C GLU E 154 9.71 -31.58 53.92
N HIS E 155 8.92 -31.15 54.90
CA HIS E 155 7.50 -31.04 54.70
C HIS E 155 7.12 -30.17 53.54
N TYR E 156 7.77 -29.01 53.46
CA TYR E 156 7.50 -28.07 52.35
C TYR E 156 8.01 -28.67 51.02
N LYS E 157 9.22 -29.25 51.09
CA LYS E 157 9.87 -29.84 49.93
C LYS E 157 8.94 -30.87 49.31
N ALA E 158 8.24 -31.60 50.15
CA ALA E 158 7.33 -32.61 49.66
C ALA E 158 6.22 -31.94 48.85
N TYR E 159 5.57 -30.94 49.46
CA TYR E 159 4.48 -30.23 48.78
C TYR E 159 4.91 -29.54 47.49
N LEU E 160 6.03 -28.82 47.57
CA LEU E 160 6.54 -28.10 46.43
C LEU E 160 6.90 -28.97 45.22
N GLU E 161 7.51 -30.12 45.46
CA GLU E 161 7.84 -30.98 44.35
C GLU E 161 6.67 -31.91 43.95
N GLY E 162 5.75 -32.16 44.87
CA GLY E 162 4.64 -33.02 44.54
C GLY E 162 3.31 -32.35 44.23
N GLU E 163 2.48 -32.22 45.26
CA GLU E 163 1.14 -31.62 45.15
C GLU E 163 1.09 -30.39 44.25
N CYS E 164 2.04 -29.47 44.49
CA CYS E 164 2.14 -28.25 43.73
C CYS E 164 2.17 -28.57 42.26
N VAL E 165 3.07 -29.47 41.90
CA VAL E 165 3.20 -29.82 40.51
C VAL E 165 2.03 -30.59 40.01
N GLU E 166 1.59 -31.55 40.82
CA GLU E 166 0.49 -32.38 40.40
C GLU E 166 -0.73 -31.53 40.09
N TRP E 167 -1.07 -30.62 40.98
CA TRP E 167 -2.24 -29.79 40.74
C TRP E 167 -2.08 -28.74 39.62
N LEU E 168 -0.88 -28.18 39.50
CA LEU E 168 -0.63 -27.22 38.45
C LEU E 168 -0.94 -27.88 37.11
N HIS E 169 -0.49 -29.13 36.94
CA HIS E 169 -0.79 -29.84 35.69
C HIS E 169 -2.31 -29.90 35.49
N ARG E 170 -2.99 -30.36 36.53
CA ARG E 170 -4.45 -30.46 36.47
C ARG E 170 -5.02 -29.13 36.01
N TYR E 171 -4.75 -28.07 36.76
CA TYR E 171 -5.27 -26.76 36.42
C TYR E 171 -4.99 -26.39 34.98
N LEU E 172 -3.73 -26.43 34.58
CA LEU E 172 -3.34 -26.11 33.21
C LEU E 172 -4.21 -26.85 32.21
N LYS E 173 -4.52 -28.12 32.51
CA LYS E 173 -5.34 -28.91 31.62
C LYS E 173 -6.75 -28.39 31.54
N ASN E 174 -7.21 -27.71 32.60
CA ASN E 174 -8.56 -27.14 32.59
C ASN E 174 -8.48 -25.72 32.04
N GLY E 175 -7.38 -25.05 32.36
CA GLY E 175 -7.18 -23.68 31.90
C GLY E 175 -7.19 -23.53 30.39
N ASN E 176 -7.11 -24.66 29.67
CA ASN E 176 -7.13 -24.61 28.22
C ASN E 176 -8.51 -24.11 27.77
N ALA E 177 -8.67 -22.79 27.78
CA ALA E 177 -9.90 -22.09 27.39
C ALA E 177 -9.54 -20.68 26.88
N THR E 178 -8.61 -20.02 27.58
CA THR E 178 -8.15 -18.67 27.25
C THR E 178 -6.86 -18.30 28.00
N LEU E 179 -6.49 -19.15 28.97
CA LEU E 179 -5.29 -18.97 29.82
C LEU E 179 -4.04 -19.64 29.21
N LEU E 180 -4.04 -19.79 27.89
CA LEU E 180 -2.94 -20.38 27.12
C LEU E 180 -2.40 -19.31 26.18
N ARG E 181 -3.30 -18.40 25.82
CA ARG E 181 -3.00 -17.30 24.90
C ARG E 181 -2.42 -16.06 25.58
N THR E 182 -1.60 -15.34 24.81
CA THR E 182 -0.97 -14.09 25.23
C THR E 182 -1.37 -12.99 24.25
N ASP E 183 -1.35 -11.74 24.72
CA ASP E 183 -1.71 -10.61 23.86
C ASP E 183 -0.46 -9.83 23.47
N SER E 184 -0.32 -9.58 22.18
CA SER E 184 0.82 -8.83 21.65
C SER E 184 0.60 -7.32 21.74
N PRO E 185 1.60 -6.58 22.24
CA PRO E 185 1.45 -5.13 22.38
C PRO E 185 1.28 -4.39 21.06
N LYS E 186 0.28 -3.52 21.00
CA LYS E 186 0.09 -2.73 19.79
C LYS E 186 0.85 -1.44 20.11
N ALA E 187 1.52 -0.84 19.13
CA ALA E 187 2.32 0.35 19.40
C ALA E 187 2.11 1.54 18.51
N HIS E 188 2.63 2.69 18.96
CA HIS E 188 2.55 3.95 18.22
C HIS E 188 3.22 5.08 19.02
N VAL E 189 3.66 6.11 18.31
CA VAL E 189 4.32 7.24 18.95
C VAL E 189 3.45 8.47 18.85
N THR E 190 3.70 9.44 19.71
CA THR E 190 2.93 10.67 19.69
C THR E 190 3.84 11.88 19.90
N HIS E 191 3.46 12.94 19.19
CA HIS E 191 4.18 14.21 19.20
C HIS E 191 3.65 15.16 20.25
N HIS E 192 4.55 15.70 21.06
CA HIS E 192 4.14 16.63 22.09
C HIS E 192 5.09 17.82 22.13
N PRO E 193 4.57 19.04 21.92
CA PRO E 193 5.42 20.23 21.97
C PRO E 193 6.01 20.25 23.38
N ARG E 194 7.33 20.34 23.48
CA ARG E 194 7.96 20.29 24.79
C ARG E 194 8.65 21.56 25.29
N SER E 195 9.16 22.38 24.38
CA SER E 195 9.87 23.59 24.80
C SER E 195 10.19 24.53 23.66
N LYS E 196 11.38 25.11 23.74
CA LYS E 196 11.87 26.01 22.72
C LYS E 196 12.53 25.19 21.60
N GLY E 197 11.80 25.00 20.49
CA GLY E 197 12.31 24.24 19.36
C GLY E 197 12.43 22.74 19.57
N GLU E 198 12.10 22.30 20.78
CA GLU E 198 12.14 20.89 21.16
C GLU E 198 10.75 20.30 21.31
N VAL E 199 10.70 18.97 21.30
CA VAL E 199 9.45 18.26 21.47
C VAL E 199 9.72 17.00 22.26
N THR E 200 8.65 16.26 22.53
CA THR E 200 8.72 15.00 23.25
C THR E 200 7.98 13.93 22.48
N LEU E 201 8.68 12.82 22.29
CA LEU E 201 8.10 11.70 21.59
C LEU E 201 7.72 10.71 22.69
N ARG E 202 6.55 10.10 22.53
CA ARG E 202 6.10 9.12 23.51
C ARG E 202 5.80 7.80 22.81
N CYS E 203 6.63 6.78 23.06
CA CYS E 203 6.43 5.46 22.46
C CYS E 203 5.39 4.81 23.39
N TRP E 204 4.25 4.46 22.83
CA TRP E 204 3.19 3.87 23.61
C TRP E 204 2.95 2.41 23.26
N ALA E 205 2.79 1.58 24.29
CA ALA E 205 2.52 0.18 24.08
C ALA E 205 1.19 -0.05 24.76
N LEU E 206 0.25 -0.59 24.01
CA LEU E 206 -1.07 -0.86 24.57
C LEU E 206 -1.65 -2.24 24.31
N GLY E 207 -2.54 -2.67 25.23
CA GLY E 207 -3.22 -3.94 25.12
C GLY E 207 -2.36 -5.18 25.08
N PHE E 208 -1.36 -5.24 25.95
CA PHE E 208 -0.49 -6.40 25.96
C PHE E 208 -0.56 -7.26 27.21
N TYR E 209 -0.18 -8.53 27.08
CA TYR E 209 -0.17 -9.48 28.19
C TYR E 209 0.73 -10.64 27.78
N PRO E 210 1.58 -11.11 28.68
CA PRO E 210 1.74 -10.59 30.04
C PRO E 210 2.31 -9.18 30.10
N ALA E 211 2.38 -8.62 31.28
CA ALA E 211 2.85 -7.29 31.47
C ALA E 211 4.34 -7.10 31.24
N ASP E 212 5.14 -8.16 31.32
CA ASP E 212 6.57 -7.97 31.13
C ASP E 212 6.74 -7.41 29.73
N ILE E 213 7.54 -6.35 29.60
CA ILE E 213 7.73 -5.71 28.31
C ILE E 213 8.89 -4.75 28.38
N THR E 214 9.43 -4.37 27.23
CA THR E 214 10.55 -3.43 27.22
C THR E 214 10.51 -2.42 26.11
N LEU E 215 10.68 -1.14 26.47
CA LEU E 215 10.68 -0.01 25.54
C LEU E 215 12.02 0.71 25.60
N THR E 216 12.50 1.14 24.43
CA THR E 216 13.77 1.87 24.35
C THR E 216 13.80 2.85 23.17
N TRP E 217 14.49 3.97 23.34
CA TRP E 217 14.62 4.97 22.27
C TRP E 217 16.05 4.96 21.72
N GLN E 218 16.15 4.98 20.41
CA GLN E 218 17.45 4.97 19.74
C GLN E 218 17.71 6.16 18.84
N LEU E 219 18.91 6.71 19.01
CA LEU E 219 19.40 7.85 18.23
C LEU E 219 20.69 7.39 17.55
N ASN E 220 20.56 6.89 16.32
CA ASN E 220 21.72 6.38 15.58
C ASN E 220 22.22 5.08 16.23
N GLY E 221 21.38 4.04 16.19
CA GLY E 221 21.75 2.74 16.75
C GLY E 221 21.88 2.68 18.27
N GLU E 222 22.46 3.71 18.87
CA GLU E 222 22.66 3.77 20.32
C GLU E 222 21.34 3.96 21.08
N GLU E 223 21.15 3.17 22.15
CA GLU E 223 19.95 3.28 22.97
C GLU E 223 20.11 4.44 23.96
N LEU E 224 19.08 5.29 24.04
CA LEU E 224 19.11 6.43 24.95
C LEU E 224 18.65 6.04 26.32
N THR E 225 19.58 5.54 27.13
CA THR E 225 19.25 5.14 28.49
C THR E 225 19.56 6.25 29.50
N GLN E 226 19.15 7.47 29.15
CA GLN E 226 19.35 8.63 30.01
C GLN E 226 18.49 9.78 29.49
N ASP E 227 17.77 10.44 30.41
CA ASP E 227 16.88 11.54 30.08
C ASP E 227 15.62 10.99 29.44
N MET E 228 15.46 9.68 29.54
CA MET E 228 14.31 9.02 28.97
C MET E 228 13.23 8.95 30.06
N GLU E 229 11.98 8.95 29.63
CA GLU E 229 10.87 8.90 30.57
C GLU E 229 10.09 7.60 30.45
N LEU E 230 10.00 6.90 31.57
CA LEU E 230 9.27 5.64 31.62
C LEU E 230 7.97 5.84 32.37
N VAL E 231 7.48 4.76 32.95
CA VAL E 231 6.27 4.75 33.73
C VAL E 231 6.01 3.29 34.03
N GLU E 232 6.00 2.90 35.30
CA GLU E 232 5.78 1.51 35.67
C GLU E 232 4.59 0.97 34.91
N THR E 233 4.76 -0.20 34.32
CA THR E 233 3.69 -0.81 33.55
C THR E 233 2.40 -0.87 34.36
N ARG E 234 1.29 -0.57 33.73
CA ARG E 234 0.07 -0.60 34.48
C ARG E 234 -1.09 -1.31 33.83
N PRO E 235 -2.02 -1.81 34.65
CA PRO E 235 -3.20 -2.53 34.15
C PRO E 235 -4.19 -1.59 33.47
N ALA E 236 -4.59 -1.96 32.27
CA ALA E 236 -5.57 -1.19 31.53
C ALA E 236 -6.92 -1.48 32.20
N GLY E 237 -6.96 -2.52 33.02
CA GLY E 237 -8.18 -2.88 33.70
C GLY E 237 -9.01 -3.94 32.99
N ASP E 238 -8.61 -4.29 31.77
CA ASP E 238 -9.33 -5.29 31.00
C ASP E 238 -8.55 -6.60 30.98
N GLY E 239 -7.39 -6.61 31.61
CA GLY E 239 -6.57 -7.81 31.63
C GLY E 239 -5.26 -7.51 30.95
N THR E 240 -5.31 -6.58 30.00
CA THR E 240 -4.13 -6.18 29.28
C THR E 240 -3.31 -5.10 30.02
N PHE E 241 -2.16 -4.70 29.49
CA PHE E 241 -1.33 -3.71 30.16
C PHE E 241 -0.85 -2.59 29.23
N GLN E 242 -0.31 -1.53 29.81
CA GLN E 242 0.18 -0.41 29.04
C GLN E 242 1.41 0.11 29.72
N LYS E 243 2.17 0.89 28.97
CA LYS E 243 3.39 1.51 29.46
C LYS E 243 3.88 2.40 28.34
N TRP E 244 4.69 3.41 28.68
CA TRP E 244 5.24 4.29 27.66
C TRP E 244 6.56 4.91 28.01
N ALA E 245 7.36 5.17 26.99
CA ALA E 245 8.65 5.80 27.19
C ALA E 245 8.65 7.03 26.31
N SER E 246 9.40 8.04 26.74
CA SER E 246 9.46 9.29 26.00
C SER E 246 10.81 9.97 26.14
N VAL E 247 11.11 10.81 25.15
CA VAL E 247 12.35 11.55 25.11
C VAL E 247 12.11 12.93 24.51
N VAL E 248 13.04 13.84 24.80
CA VAL E 248 12.99 15.23 24.32
C VAL E 248 13.88 15.40 23.09
N VAL E 249 13.23 15.41 21.92
CA VAL E 249 13.92 15.52 20.63
C VAL E 249 13.76 16.87 19.93
N PRO E 250 14.89 17.55 19.63
CA PRO E 250 14.88 18.86 18.95
C PRO E 250 14.00 18.81 17.69
N LEU E 251 12.91 19.58 17.73
CA LEU E 251 11.93 19.63 16.65
C LEU E 251 12.55 19.61 15.26
N GLY E 252 11.95 18.83 14.37
CA GLY E 252 12.45 18.71 13.02
C GLY E 252 13.38 17.52 12.83
N LYS E 253 13.99 17.07 13.93
CA LYS E 253 14.91 15.94 13.92
C LYS E 253 14.23 14.69 14.50
N GLU E 254 12.92 14.59 14.24
CA GLU E 254 12.13 13.47 14.72
C GLU E 254 12.61 12.11 14.26
N GLN E 255 12.72 11.95 12.94
CA GLN E 255 13.12 10.67 12.35
C GLN E 255 14.43 10.07 12.84
N ASN E 256 15.32 10.90 13.38
CA ASN E 256 16.59 10.40 13.88
C ASN E 256 16.41 9.66 15.20
N TYR E 257 15.15 9.39 15.52
CA TYR E 257 14.79 8.71 16.76
C TYR E 257 13.77 7.58 16.56
N THR E 258 14.10 6.40 17.08
CA THR E 258 13.25 5.23 16.99
C THR E 258 13.19 4.47 18.32
N CYS E 259 12.06 3.80 18.57
CA CYS E 259 11.88 3.01 19.79
C CYS E 259 11.42 1.61 19.48
N ARG E 260 12.13 0.64 20.02
CA ARG E 260 11.77 -0.73 19.81
C ARG E 260 10.89 -1.18 20.97
N VAL E 261 10.02 -2.14 20.70
CA VAL E 261 9.14 -2.68 21.71
C VAL E 261 9.34 -4.19 21.82
N TYR E 262 10.10 -4.60 22.80
CA TYR E 262 10.32 -6.01 23.01
C TYR E 262 9.23 -6.63 23.88
N HIS E 263 8.62 -7.72 23.39
CA HIS E 263 7.58 -8.42 24.14
C HIS E 263 7.44 -9.89 23.69
N GLU E 264 7.45 -10.83 24.64
CA GLU E 264 7.35 -12.25 24.30
C GLU E 264 6.30 -12.57 23.25
N GLY E 265 5.09 -12.11 23.49
CA GLY E 265 4.00 -12.37 22.55
C GLY E 265 4.21 -11.76 21.20
N LEU E 266 5.31 -11.05 21.01
CA LEU E 266 5.56 -10.43 19.72
C LEU E 266 6.48 -11.29 18.86
N PRO E 267 6.13 -11.45 17.59
CA PRO E 267 6.93 -12.25 16.66
C PRO E 267 8.37 -11.80 16.71
N GLU E 268 8.56 -10.51 16.46
CA GLU E 268 9.87 -9.88 16.48
C GLU E 268 9.66 -8.49 17.02
N PRO E 269 10.69 -7.91 17.64
CA PRO E 269 10.58 -6.56 18.22
C PRO E 269 9.98 -5.56 17.24
N LEU E 270 9.16 -4.65 17.74
CA LEU E 270 8.55 -3.63 16.89
C LEU E 270 9.44 -2.41 16.81
N THR E 271 9.43 -1.78 15.63
CA THR E 271 10.24 -0.58 15.43
C THR E 271 9.31 0.57 15.07
N LEU E 272 9.39 1.63 15.89
CA LEU E 272 8.56 2.81 15.73
C LEU E 272 9.33 4.11 15.58
N ARG E 273 8.66 5.04 14.92
CA ARG E 273 9.18 6.38 14.67
C ARG E 273 7.97 7.29 14.48
N TRP E 274 8.13 8.57 14.81
CA TRP E 274 7.06 9.56 14.69
C TRP E 274 6.51 9.61 13.28
N GLU E 275 5.18 9.48 13.17
CA GLU E 275 4.50 9.54 11.88
C GLU E 275 3.64 10.81 11.80
N PRO E 276 4.23 11.93 11.31
CA PRO E 276 3.57 13.23 11.16
C PRO E 276 2.37 13.25 10.21
N ILE F 1 8.50 -0.45 59.60
CA ILE F 1 8.78 0.31 58.34
C ILE F 1 7.55 0.38 57.42
N GLN F 2 7.49 1.43 56.62
CA GLN F 2 6.40 1.66 55.68
C GLN F 2 6.93 1.85 54.25
N LYS F 3 6.02 2.13 53.31
CA LYS F 3 6.41 2.33 51.93
C LYS F 3 5.41 3.20 51.18
N THR F 4 5.87 4.40 50.80
CA THR F 4 5.06 5.40 50.09
C THR F 4 4.53 4.98 48.75
N PRO F 5 3.22 4.94 48.63
CA PRO F 5 2.47 4.55 47.43
C PRO F 5 2.74 5.34 46.19
N GLN F 6 2.91 4.65 45.06
CA GLN F 6 3.12 5.29 43.79
C GLN F 6 1.77 5.32 43.10
N ILE F 7 1.25 6.52 42.89
CA ILE F 7 -0.03 6.65 42.26
C ILE F 7 0.11 6.90 40.78
N GLN F 8 -0.87 6.49 40.01
CA GLN F 8 -0.85 6.71 38.57
C GLN F 8 -2.27 6.87 38.13
N VAL F 9 -2.59 7.95 37.42
CA VAL F 9 -3.97 8.09 36.96
C VAL F 9 -3.90 8.02 35.46
N TYR F 10 -4.84 7.34 34.83
CA TYR F 10 -4.81 7.23 33.36
C TYR F 10 -6.08 6.60 32.82
N SER F 11 -6.43 6.92 31.59
CA SER F 11 -7.66 6.36 31.03
C SER F 11 -7.37 4.97 30.53
N ARG F 12 -8.40 4.14 30.41
CA ARG F 12 -8.17 2.79 29.91
C ARG F 12 -7.80 2.89 28.45
N HIS F 13 -8.70 3.47 27.67
CA HIS F 13 -8.53 3.66 26.23
C HIS F 13 -8.04 5.06 25.96
N PRO F 14 -7.51 5.29 24.75
CA PRO F 14 -7.01 6.62 24.43
C PRO F 14 -8.15 7.59 24.71
N PRO F 15 -7.86 8.71 25.39
CA PRO F 15 -8.88 9.71 25.71
C PRO F 15 -9.41 10.48 24.49
N GLU F 16 -10.73 10.59 24.41
CA GLU F 16 -11.35 11.31 23.32
C GLU F 16 -12.50 12.11 23.91
N ASN F 17 -12.23 13.39 24.21
CA ASN F 17 -13.22 14.29 24.81
C ASN F 17 -14.58 14.04 24.23
N GLY F 18 -15.57 13.80 25.08
CA GLY F 18 -16.90 13.51 24.58
C GLY F 18 -17.24 12.04 24.54
N LYS F 19 -16.25 11.18 24.27
CA LYS F 19 -16.46 9.73 24.22
C LYS F 19 -16.22 9.15 25.61
N PRO F 20 -17.05 8.15 26.04
CA PRO F 20 -16.86 7.53 27.36
C PRO F 20 -15.50 6.82 27.50
N ASN F 21 -15.22 6.30 28.68
CA ASN F 21 -13.94 5.64 28.88
C ASN F 21 -13.93 5.18 30.35
N ILE F 22 -12.74 4.85 30.82
CA ILE F 22 -12.54 4.39 32.18
C ILE F 22 -11.32 5.14 32.72
N LEU F 23 -11.41 5.60 33.95
CA LEU F 23 -10.29 6.29 34.54
C LEU F 23 -9.71 5.38 35.61
N ASN F 24 -8.44 5.02 35.48
CA ASN F 24 -7.82 4.16 36.49
C ASN F 24 -6.92 4.93 37.42
N CYS F 25 -6.96 4.59 38.70
CA CYS F 25 -6.04 5.17 39.66
C CYS F 25 -5.28 3.94 40.10
N TYR F 26 -4.03 3.81 39.66
CA TYR F 26 -3.22 2.65 40.02
C TYR F 26 -2.28 2.96 41.19
N VAL F 27 -2.61 2.49 42.39
CA VAL F 27 -1.75 2.77 43.54
C VAL F 27 -0.95 1.51 43.78
N THR F 28 0.34 1.65 43.97
CA THR F 28 1.21 0.50 44.14
C THR F 28 2.40 0.78 45.03
N GLN F 29 3.24 -0.23 45.25
CA GLN F 29 4.43 -0.07 46.09
C GLN F 29 4.20 0.35 47.56
N PHE F 30 3.01 0.12 48.08
CA PHE F 30 2.74 0.52 49.45
C PHE F 30 2.64 -0.61 50.46
N HIS F 31 2.73 -0.21 51.73
CA HIS F 31 2.69 -1.13 52.83
C HIS F 31 2.69 -0.32 54.13
N PRO F 32 1.90 -0.71 55.12
CA PRO F 32 0.95 -1.82 55.26
C PRO F 32 -0.14 -1.75 54.21
N PRO F 33 -0.92 -2.83 54.06
CA PRO F 33 -2.01 -2.88 53.06
C PRO F 33 -3.14 -1.91 53.28
N HIS F 34 -3.34 -1.45 54.51
CA HIS F 34 -4.47 -0.55 54.74
C HIS F 34 -4.32 0.73 53.93
N ILE F 35 -5.29 1.02 53.07
CA ILE F 35 -5.18 2.22 52.22
C ILE F 35 -6.52 2.85 51.86
N GLU F 36 -6.57 4.18 51.83
CA GLU F 36 -7.80 4.86 51.48
C GLU F 36 -7.58 5.51 50.10
N ILE F 37 -8.49 5.23 49.17
CA ILE F 37 -8.39 5.74 47.81
C ILE F 37 -9.67 6.40 47.31
N GLN F 38 -9.59 7.71 47.04
CA GLN F 38 -10.70 8.52 46.51
C GLN F 38 -10.40 9.00 45.11
N MET F 39 -11.39 8.92 44.24
CA MET F 39 -11.21 9.42 42.90
C MET F 39 -12.11 10.65 42.74
N LEU F 40 -11.54 11.70 42.15
CA LEU F 40 -12.26 12.95 42.04
C LEU F 40 -12.58 13.49 40.66
N LYS F 41 -13.60 14.36 40.63
CA LYS F 41 -14.05 15.04 39.41
C LYS F 41 -14.28 16.47 39.86
N ASN F 42 -13.40 17.36 39.45
CA ASN F 42 -13.53 18.76 39.83
C ASN F 42 -13.50 18.92 41.32
N GLY F 43 -12.64 18.17 41.99
CA GLY F 43 -12.53 18.30 43.44
C GLY F 43 -13.54 17.58 44.29
N LYS F 44 -14.68 17.18 43.71
CA LYS F 44 -15.73 16.45 44.42
C LYS F 44 -15.43 14.96 44.26
N LYS F 45 -15.68 14.19 45.31
CA LYS F 45 -15.44 12.75 45.30
C LYS F 45 -16.42 11.99 44.40
N ILE F 46 -15.91 11.04 43.64
CA ILE F 46 -16.77 10.25 42.76
C ILE F 46 -17.26 9.08 43.57
N PRO F 47 -18.58 8.85 43.58
CA PRO F 47 -19.29 7.78 44.30
C PRO F 47 -18.97 6.29 44.04
N LYS F 48 -19.60 5.70 43.03
CA LYS F 48 -19.36 4.28 42.72
C LYS F 48 -17.99 4.05 42.09
N VAL F 49 -17.00 3.85 42.94
CA VAL F 49 -15.65 3.62 42.47
C VAL F 49 -15.28 2.16 42.69
N GLU F 50 -14.94 1.46 41.62
CA GLU F 50 -14.53 0.06 41.69
C GLU F 50 -13.13 -0.05 42.29
N MET F 51 -12.98 -0.91 43.28
CA MET F 51 -11.70 -1.13 43.97
C MET F 51 -11.31 -2.60 43.82
N SER F 52 -10.12 -2.87 43.27
CA SER F 52 -9.67 -4.25 43.13
C SER F 52 -9.43 -4.88 44.52
N ASP F 53 -9.13 -6.18 44.57
CA ASP F 53 -8.91 -6.85 45.85
C ASP F 53 -7.45 -6.90 46.25
N MET F 54 -7.23 -6.87 47.56
CA MET F 54 -5.89 -6.89 48.13
C MET F 54 -4.88 -7.79 47.44
N SER F 55 -3.84 -7.20 46.87
CA SER F 55 -2.88 -8.06 46.24
C SER F 55 -1.51 -7.60 46.60
N PHE F 56 -0.51 -8.39 46.25
CA PHE F 56 0.86 -7.99 46.54
C PHE F 56 1.85 -8.65 45.61
N SER F 57 3.04 -8.08 45.47
CA SER F 57 3.95 -8.65 44.52
C SER F 57 5.18 -9.22 45.16
N LYS F 58 6.00 -9.87 44.31
CA LYS F 58 7.24 -10.48 44.71
C LYS F 58 8.00 -9.64 45.70
N ASP F 59 8.02 -8.33 45.56
CA ASP F 59 8.77 -7.53 46.53
C ASP F 59 8.01 -7.27 47.80
N TRP F 60 6.93 -8.02 48.04
CA TRP F 60 6.10 -7.94 49.25
C TRP F 60 5.24 -6.73 49.41
N SER F 61 5.09 -5.93 48.36
CA SER F 61 4.28 -4.71 48.52
C SER F 61 2.89 -4.88 47.93
N PHE F 62 1.92 -4.19 48.50
CA PHE F 62 0.54 -4.29 48.00
C PHE F 62 0.22 -3.27 46.92
N TYR F 63 -0.91 -3.50 46.25
CA TYR F 63 -1.34 -2.61 45.19
C TYR F 63 -2.83 -2.78 44.96
N ILE F 64 -3.46 -1.70 44.55
CA ILE F 64 -4.89 -1.70 44.28
C ILE F 64 -5.11 -0.95 43.00
N LEU F 65 -6.17 -1.30 42.31
CA LEU F 65 -6.49 -0.61 41.09
C LEU F 65 -7.94 -0.17 41.20
N ALA F 66 -8.11 1.13 41.44
CA ALA F 66 -9.43 1.73 41.57
C ALA F 66 -9.73 2.32 40.23
N HIS F 67 -10.96 2.15 39.78
CA HIS F 67 -11.34 2.68 38.48
C HIS F 67 -12.80 3.12 38.44
N THR F 68 -13.15 3.88 37.40
CA THR F 68 -14.49 4.39 37.23
C THR F 68 -14.75 4.94 35.83
N GLU F 69 -16.03 4.97 35.46
CA GLU F 69 -16.47 5.47 34.17
C GLU F 69 -16.36 6.98 34.18
N PHE F 70 -16.12 7.55 33.00
CA PHE F 70 -16.02 9.00 32.87
C PHE F 70 -15.87 9.35 31.41
N THR F 71 -16.23 10.58 31.11
CA THR F 71 -16.13 11.12 29.78
C THR F 71 -15.30 12.40 29.90
N PRO F 72 -14.05 12.36 29.44
CA PRO F 72 -13.22 13.55 29.54
C PRO F 72 -13.71 14.77 28.76
N THR F 73 -13.75 15.92 29.43
CA THR F 73 -14.11 17.16 28.78
C THR F 73 -12.78 17.92 28.73
N GLU F 74 -12.81 19.22 28.44
CA GLU F 74 -11.55 19.96 28.37
C GLU F 74 -11.30 20.81 29.60
N THR F 75 -12.31 20.94 30.46
CA THR F 75 -12.17 21.74 31.66
C THR F 75 -12.30 20.94 32.97
N ASP F 76 -12.94 19.78 32.91
CA ASP F 76 -13.10 18.95 34.11
C ASP F 76 -11.74 18.51 34.59
N THR F 77 -11.57 18.56 35.90
CA THR F 77 -10.31 18.21 36.51
C THR F 77 -10.38 16.93 37.33
N TYR F 78 -10.03 15.81 36.71
CA TYR F 78 -10.04 14.52 37.38
C TYR F 78 -8.74 14.24 38.14
N ALA F 79 -8.88 13.68 39.32
CA ALA F 79 -7.71 13.38 40.14
C ALA F 79 -7.96 12.21 41.06
N CYS F 80 -6.89 11.77 41.71
CA CYS F 80 -6.94 10.69 42.66
C CYS F 80 -6.23 11.10 43.93
N ARG F 81 -6.90 10.98 45.08
CA ARG F 81 -6.28 11.29 46.37
C ARG F 81 -6.17 10.00 47.18
N VAL F 82 -4.98 9.75 47.68
CA VAL F 82 -4.69 8.54 48.39
C VAL F 82 -4.21 8.77 49.80
N LYS F 83 -4.95 8.28 50.78
CA LYS F 83 -4.53 8.44 52.17
C LYS F 83 -3.81 7.15 52.54
N HIS F 84 -2.78 7.24 53.37
CA HIS F 84 -2.02 6.06 53.77
C HIS F 84 -1.02 6.38 54.87
N ASP F 85 -0.77 5.44 55.76
CA ASP F 85 0.13 5.69 56.88
C ASP F 85 1.55 6.13 56.53
N SER F 86 2.09 5.66 55.42
CA SER F 86 3.46 6.02 55.03
C SER F 86 3.61 7.50 54.69
N MET F 87 2.50 8.22 54.70
CA MET F 87 2.48 9.65 54.41
C MET F 87 1.70 10.35 55.50
N ALA F 88 2.17 11.54 55.83
CA ALA F 88 1.53 12.36 56.86
C ALA F 88 0.28 13.05 56.31
N GLU F 89 0.38 13.50 55.07
CA GLU F 89 -0.72 14.18 54.44
C GLU F 89 -1.06 13.41 53.17
N PRO F 90 -2.33 13.41 52.77
CA PRO F 90 -2.79 12.72 51.56
C PRO F 90 -1.93 13.11 50.39
N LYS F 91 -2.16 12.47 49.27
CA LYS F 91 -1.39 12.79 48.09
C LYS F 91 -2.40 12.81 46.96
N THR F 92 -2.44 13.89 46.22
CA THR F 92 -3.38 13.95 45.11
C THR F 92 -2.59 14.04 43.84
N VAL F 93 -3.00 13.28 42.84
CA VAL F 93 -2.33 13.36 41.57
C VAL F 93 -3.41 13.51 40.51
N TYR F 94 -3.23 14.49 39.61
CA TYR F 94 -4.21 14.81 38.60
C TYR F 94 -4.01 14.04 37.35
N TRP F 95 -5.12 13.70 36.71
CA TRP F 95 -5.08 12.96 35.45
C TRP F 95 -4.37 13.83 34.38
N ASP F 96 -3.84 13.19 33.35
CA ASP F 96 -3.15 13.92 32.31
C ASP F 96 -3.22 13.13 31.03
N ARG F 97 -4.13 13.51 30.13
CA ARG F 97 -4.30 12.76 28.88
C ARG F 97 -3.05 12.45 28.08
N ASP F 98 -1.97 13.16 28.34
CA ASP F 98 -0.76 12.90 27.59
C ASP F 98 0.11 11.87 28.33
N MET F 99 -0.17 11.70 29.63
CA MET F 99 0.58 10.76 30.46
C MET F 99 -0.20 9.44 30.60
N GLY G 1 22.83 -6.19 -69.88
CA GLY G 1 23.71 -5.43 -68.95
C GLY G 1 23.73 -5.99 -67.54
N PRO G 2 24.40 -5.29 -66.60
CA PRO G 2 24.52 -5.69 -65.20
C PRO G 2 23.30 -5.37 -64.35
N HIS G 3 23.22 -5.99 -63.18
CA HIS G 3 22.09 -5.80 -62.28
C HIS G 3 22.45 -5.74 -60.81
N SER G 4 21.49 -5.32 -60.01
CA SER G 4 21.74 -5.22 -58.57
C SER G 4 20.47 -5.20 -57.75
N MET G 5 20.68 -5.32 -56.45
CA MET G 5 19.61 -5.28 -55.49
C MET G 5 20.16 -4.76 -54.18
N ARG G 6 19.52 -3.73 -53.63
CA ARG G 6 19.94 -3.19 -52.34
C ARG G 6 18.74 -2.96 -51.45
N TYR G 7 18.97 -2.97 -50.16
CA TYR G 7 17.95 -2.69 -49.20
C TYR G 7 18.47 -1.60 -48.29
N PHE G 8 18.01 -0.37 -48.54
CA PHE G 8 18.40 0.78 -47.71
C PHE G 8 17.48 0.85 -46.47
N GLU G 9 18.06 0.72 -45.29
CA GLU G 9 17.26 0.75 -44.09
C GLU G 9 17.66 1.89 -43.12
N THR G 10 16.65 2.67 -42.72
CA THR G 10 16.86 3.78 -41.80
C THR G 10 16.05 3.64 -40.54
N ALA G 11 16.62 4.05 -39.43
CA ALA G 11 15.91 4.02 -38.16
C ALA G 11 16.20 5.38 -37.57
N VAL G 12 15.16 6.20 -37.41
CA VAL G 12 15.41 7.53 -36.90
C VAL G 12 14.66 7.90 -35.63
N SER G 13 15.40 8.17 -34.58
CA SER G 13 14.80 8.59 -33.31
C SER G 13 14.72 10.15 -33.21
N ARG G 14 13.56 10.62 -32.78
CA ARG G 14 13.30 12.05 -32.62
C ARG G 14 13.27 12.32 -31.15
N PRO G 15 13.58 13.55 -30.75
CA PRO G 15 13.57 13.90 -29.34
C PRO G 15 12.15 14.08 -28.82
N GLY G 16 11.96 13.82 -27.53
CA GLY G 16 10.64 13.96 -26.97
C GLY G 16 9.74 13.07 -27.81
N LEU G 17 9.97 11.77 -27.72
CA LEU G 17 9.22 10.78 -28.50
C LEU G 17 9.97 9.47 -28.42
N GLU G 18 9.32 8.39 -27.98
CA GLU G 18 10.02 7.11 -27.88
C GLU G 18 9.71 6.24 -29.07
N GLU G 19 10.44 5.14 -29.20
CA GLU G 19 10.26 4.22 -30.33
C GLU G 19 10.50 4.92 -31.67
N PRO G 20 11.72 4.77 -32.20
CA PRO G 20 12.10 5.37 -33.47
C PRO G 20 11.30 4.88 -34.67
N ARG G 21 11.32 5.65 -35.73
CA ARG G 21 10.62 5.28 -36.94
C ARG G 21 11.61 4.46 -37.78
N TYR G 22 11.15 3.31 -38.28
CA TYR G 22 11.99 2.40 -39.06
C TYR G 22 11.51 2.41 -40.48
N ILE G 23 12.41 2.50 -41.43
CA ILE G 23 11.96 2.49 -42.82
C ILE G 23 12.88 1.64 -43.64
N SER G 24 12.31 0.96 -44.62
CA SER G 24 13.10 0.09 -45.47
C SER G 24 12.66 0.17 -46.92
N VAL G 25 13.59 0.56 -47.75
CA VAL G 25 13.26 0.68 -49.14
C VAL G 25 14.22 -0.27 -49.82
N GLY G 26 13.70 -1.07 -50.73
CA GLY G 26 14.57 -2.00 -51.41
C GLY G 26 14.53 -1.58 -52.85
N TYR G 27 15.60 -1.83 -53.60
CA TYR G 27 15.63 -1.46 -55.00
C TYR G 27 16.23 -2.60 -55.77
N VAL G 28 15.83 -2.79 -57.02
CA VAL G 28 16.46 -3.79 -57.90
C VAL G 28 16.85 -2.96 -59.13
N ASP G 29 18.14 -2.88 -59.40
CA ASP G 29 18.62 -2.07 -60.50
C ASP G 29 18.25 -0.61 -60.20
N ASN G 30 18.47 -0.26 -58.94
CA ASN G 30 18.22 1.07 -58.42
C ASN G 30 16.87 1.62 -58.69
N LYS G 31 15.88 0.75 -58.66
CA LYS G 31 14.51 1.15 -58.92
C LYS G 31 13.73 0.68 -57.71
N GLU G 32 13.13 1.60 -56.95
CA GLU G 32 12.36 1.21 -55.77
C GLU G 32 11.33 0.16 -56.16
N PHE G 33 11.22 -0.90 -55.37
CA PHE G 33 10.22 -1.91 -55.70
C PHE G 33 9.50 -2.44 -54.49
N VAL G 34 9.94 -2.06 -53.29
CA VAL G 34 9.26 -2.51 -52.07
C VAL G 34 9.54 -1.52 -50.95
N ARG G 35 8.55 -1.25 -50.13
CA ARG G 35 8.78 -0.26 -49.08
C ARG G 35 8.10 -0.59 -47.79
N PHE G 36 8.74 -0.30 -46.67
CA PHE G 36 8.14 -0.56 -45.38
C PHE G 36 8.35 0.66 -44.49
N ASP G 37 7.30 1.07 -43.78
CA ASP G 37 7.36 2.23 -42.91
C ASP G 37 6.71 1.97 -41.58
N SER G 38 7.47 1.88 -40.50
CA SER G 38 6.84 1.62 -39.22
C SER G 38 5.80 2.68 -38.89
N ASP G 39 5.77 3.77 -39.62
CA ASP G 39 4.82 4.83 -39.34
C ASP G 39 3.48 4.64 -39.99
N ALA G 40 3.29 3.56 -40.74
CA ALA G 40 2.01 3.37 -41.39
C ALA G 40 0.98 2.89 -40.38
N GLU G 41 -0.28 2.94 -40.83
CA GLU G 41 -1.42 2.53 -40.04
C GLU G 41 -1.18 1.04 -39.82
N ASN G 42 -0.90 0.34 -40.91
CA ASN G 42 -0.61 -1.08 -40.86
C ASN G 42 0.78 -1.35 -41.49
N PRO G 43 1.83 -1.34 -40.66
CA PRO G 43 3.20 -1.59 -41.11
C PRO G 43 3.32 -2.89 -41.87
N ARG G 44 3.87 -2.88 -43.07
CA ARG G 44 4.02 -4.10 -43.87
C ARG G 44 4.59 -3.79 -45.24
N TYR G 45 5.68 -4.44 -45.62
CA TYR G 45 6.25 -4.21 -46.94
C TYR G 45 5.16 -4.08 -48.03
N GLU G 46 5.14 -2.97 -48.76
CA GLU G 46 4.16 -2.81 -49.81
C GLU G 46 4.86 -2.93 -51.16
N PRO G 47 4.18 -3.47 -52.17
CA PRO G 47 4.84 -3.57 -53.47
C PRO G 47 4.92 -2.15 -53.97
N ARG G 48 5.92 -1.81 -54.76
CA ARG G 48 6.01 -0.46 -55.26
C ARG G 48 6.33 -0.42 -56.73
N ALA G 49 5.65 -1.26 -57.49
CA ALA G 49 5.87 -1.29 -58.90
C ALA G 49 4.86 -2.28 -59.40
N PRO G 50 4.21 -1.99 -60.53
CA PRO G 50 3.20 -2.89 -61.08
C PRO G 50 3.61 -4.37 -61.03
N TRP G 51 4.75 -4.70 -61.65
CA TRP G 51 5.19 -6.09 -61.64
C TRP G 51 5.20 -6.74 -60.27
N MET G 52 6.00 -6.22 -59.36
CA MET G 52 6.06 -6.79 -58.03
C MET G 52 4.69 -7.11 -57.42
N GLU G 53 3.61 -6.66 -58.04
CA GLU G 53 2.29 -6.93 -57.49
C GLU G 53 1.86 -8.39 -57.65
N GLN G 54 2.60 -9.15 -58.43
CA GLN G 54 2.28 -10.54 -58.67
C GLN G 54 2.95 -11.45 -57.63
N GLU G 55 3.09 -11.02 -56.38
CA GLU G 55 3.78 -11.88 -55.44
C GLU G 55 2.97 -12.77 -54.53
N GLY G 56 1.89 -12.24 -53.95
CA GLY G 56 1.07 -13.06 -53.06
C GLY G 56 1.39 -12.96 -51.58
N PRO G 57 0.36 -13.01 -50.71
CA PRO G 57 0.45 -12.91 -49.25
C PRO G 57 1.54 -13.70 -48.55
N GLU G 58 1.69 -14.97 -48.90
CA GLU G 58 2.74 -15.78 -48.28
C GLU G 58 4.04 -14.97 -48.28
N TYR G 59 4.33 -14.36 -49.43
CA TYR G 59 5.52 -13.54 -49.61
C TYR G 59 5.51 -12.35 -48.66
N TRP G 60 4.62 -11.41 -48.93
CA TRP G 60 4.49 -10.21 -48.12
C TRP G 60 4.51 -10.50 -46.61
N GLU G 61 3.75 -11.50 -46.19
CA GLU G 61 3.75 -11.85 -44.81
C GLU G 61 5.21 -12.06 -44.39
N ARG G 62 5.86 -13.03 -45.02
CA ARG G 62 7.24 -13.38 -44.72
C ARG G 62 8.11 -12.14 -44.68
N GLU G 63 7.96 -11.27 -45.65
CA GLU G 63 8.76 -10.08 -45.67
C GLU G 63 8.41 -9.19 -44.52
N THR G 64 7.13 -8.87 -44.37
CA THR G 64 6.76 -7.98 -43.27
C THR G 64 7.28 -8.51 -41.95
N GLN G 65 7.40 -9.82 -41.84
CA GLN G 65 7.95 -10.35 -40.60
C GLN G 65 9.39 -9.87 -40.43
N LYS G 66 10.21 -10.11 -41.44
CA LYS G 66 11.61 -9.72 -41.40
C LYS G 66 11.69 -8.23 -41.09
N ALA G 67 10.90 -7.41 -41.76
CA ALA G 67 10.94 -5.99 -41.47
C ALA G 67 10.69 -5.76 -39.97
N LYS G 68 9.66 -6.39 -39.40
CA LYS G 68 9.38 -6.25 -37.96
C LYS G 68 10.62 -6.65 -37.18
N GLY G 69 11.41 -7.53 -37.76
CA GLY G 69 12.61 -8.00 -37.10
C GLY G 69 13.72 -6.98 -37.11
N GLN G 70 13.88 -6.35 -38.27
CA GLN G 70 14.92 -5.36 -38.40
C GLN G 70 14.61 -4.27 -37.41
N GLU G 71 13.41 -3.72 -37.52
CA GLU G 71 12.99 -2.66 -36.61
C GLU G 71 13.51 -2.91 -35.20
N GLN G 72 13.33 -4.09 -34.66
CA GLN G 72 13.79 -4.29 -33.30
C GLN G 72 15.27 -4.17 -33.12
N TRP G 73 15.98 -4.71 -34.11
CA TRP G 73 17.43 -4.73 -34.11
C TRP G 73 17.93 -3.27 -34.07
N PHE G 74 17.42 -2.47 -35.00
CA PHE G 74 17.78 -1.07 -35.05
C PHE G 74 17.41 -0.37 -33.74
N ARG G 75 16.16 -0.53 -33.34
CA ARG G 75 15.64 0.04 -32.10
C ARG G 75 16.63 -0.13 -30.97
N VAL G 76 17.29 -1.28 -30.89
CA VAL G 76 18.22 -1.51 -29.81
C VAL G 76 19.63 -1.08 -30.10
N SER G 77 20.04 -1.26 -31.34
CA SER G 77 21.38 -0.85 -31.73
C SER G 77 21.46 0.65 -31.43
N LEU G 78 20.40 1.35 -31.79
CA LEU G 78 20.26 2.79 -31.52
C LEU G 78 20.51 3.11 -30.04
N ARG G 79 19.88 2.36 -29.12
CA ARG G 79 20.08 2.61 -27.70
C ARG G 79 21.55 2.43 -27.41
N ASN G 80 22.16 1.38 -27.91
CA ASN G 80 23.58 1.20 -27.62
C ASN G 80 24.46 2.33 -28.15
N LEU G 81 24.30 2.64 -29.44
CA LEU G 81 25.06 3.72 -30.10
C LEU G 81 25.03 4.92 -29.23
N LEU G 82 23.81 5.25 -28.81
CA LEU G 82 23.57 6.38 -27.95
C LEU G 82 24.54 6.43 -26.77
N GLY G 83 24.81 5.25 -26.20
CA GLY G 83 25.69 5.16 -25.06
C GLY G 83 27.14 5.26 -25.47
N TYR G 84 27.46 4.67 -26.62
CA TYR G 84 28.82 4.68 -27.11
C TYR G 84 29.29 6.11 -27.28
N TYR G 85 28.46 6.94 -27.88
CA TYR G 85 28.93 8.30 -28.07
C TYR G 85 28.60 9.23 -26.96
N ASN G 86 28.17 8.67 -25.85
CA ASN G 86 27.93 9.50 -24.70
C ASN G 86 26.98 10.64 -25.01
N GLN G 87 26.07 10.43 -25.95
CA GLN G 87 25.12 11.46 -26.31
C GLN G 87 24.06 11.43 -25.25
N SER G 88 23.76 12.55 -24.60
CA SER G 88 22.73 12.50 -23.59
C SER G 88 21.42 12.36 -24.34
N ALA G 89 20.34 12.19 -23.61
CA ALA G 89 19.03 12.07 -24.21
C ALA G 89 18.54 13.48 -24.60
N GLY G 90 17.61 13.52 -25.54
CA GLY G 90 17.11 14.81 -25.96
C GLY G 90 17.49 15.22 -27.37
N GLY G 91 18.29 14.37 -28.00
CA GLY G 91 18.73 14.66 -29.35
C GLY G 91 17.98 13.85 -30.37
N SER G 92 18.32 14.06 -31.62
CA SER G 92 17.70 13.33 -32.72
C SER G 92 18.82 12.41 -33.28
N HIS G 93 18.49 11.15 -33.57
CA HIS G 93 19.53 10.30 -34.10
C HIS G 93 19.16 9.40 -35.24
N THR G 94 20.17 8.97 -35.97
CA THR G 94 19.91 8.14 -37.15
C THR G 94 20.78 6.90 -37.35
N LEU G 95 20.16 5.76 -37.63
CA LEU G 95 20.98 4.61 -37.90
C LEU G 95 20.65 4.13 -39.28
N GLN G 96 21.68 4.12 -40.14
CA GLN G 96 21.46 3.70 -41.52
C GLN G 96 22.21 2.48 -41.94
N GLN G 97 21.55 1.65 -42.74
CA GLN G 97 22.14 0.41 -43.24
C GLN G 97 21.85 0.19 -44.72
N MET G 98 22.90 -0.19 -45.46
CA MET G 98 22.79 -0.47 -46.89
C MET G 98 23.28 -1.92 -47.08
N SER G 99 22.49 -2.74 -47.75
CA SER G 99 22.92 -4.10 -47.99
C SER G 99 22.42 -4.55 -49.36
N GLY G 100 23.10 -5.53 -49.95
CA GLY G 100 22.67 -5.98 -51.27
C GLY G 100 23.78 -6.68 -52.01
N CYS G 101 23.59 -6.86 -53.31
CA CYS G 101 24.59 -7.59 -54.08
C CYS G 101 24.58 -7.14 -55.53
N ASP G 102 25.72 -7.28 -56.22
CA ASP G 102 25.84 -6.89 -57.64
C ASP G 102 26.07 -8.06 -58.57
N LEU G 103 25.52 -7.98 -59.78
CA LEU G 103 25.70 -9.05 -60.76
C LEU G 103 26.25 -8.53 -62.06
N GLY G 104 27.07 -9.33 -62.71
CA GLY G 104 27.63 -8.92 -63.98
C GLY G 104 26.56 -9.03 -65.05
N SER G 105 26.95 -8.90 -66.32
CA SER G 105 25.97 -9.00 -67.42
C SER G 105 25.54 -10.46 -67.58
N ASP G 106 26.28 -11.35 -66.95
CA ASP G 106 26.04 -12.80 -67.00
C ASP G 106 25.15 -13.26 -65.87
N TRP G 107 24.81 -12.35 -64.97
CA TRP G 107 23.96 -12.64 -63.81
C TRP G 107 24.64 -13.29 -62.64
N ARG G 108 25.94 -13.54 -62.76
CA ARG G 108 26.64 -14.14 -61.63
C ARG G 108 26.98 -13.06 -60.60
N LEU G 109 27.27 -13.48 -59.39
CA LEU G 109 27.63 -12.55 -58.33
C LEU G 109 28.89 -11.80 -58.68
N LEU G 110 29.10 -10.61 -58.10
CA LEU G 110 30.32 -9.83 -58.34
C LEU G 110 30.78 -9.24 -57.02
N ARG G 111 29.82 -8.88 -56.17
CA ARG G 111 30.16 -8.29 -54.90
C ARG G 111 28.95 -8.26 -53.99
N GLY G 112 29.21 -8.32 -52.69
CA GLY G 112 28.15 -8.23 -51.70
C GLY G 112 28.35 -6.89 -51.02
N TYR G 113 27.29 -6.30 -50.49
CA TYR G 113 27.45 -5.01 -49.83
C TYR G 113 26.73 -5.04 -48.51
N LEU G 114 27.42 -4.60 -47.48
CA LEU G 114 26.80 -4.50 -46.19
C LEU G 114 27.53 -3.44 -45.40
N GLN G 115 26.94 -2.24 -45.32
CA GLN G 115 27.55 -1.15 -44.52
C GLN G 115 26.60 -0.38 -43.62
N PHE G 116 27.14 0.13 -42.52
CA PHE G 116 26.33 0.86 -41.57
C PHE G 116 26.79 2.28 -41.29
N ALA G 117 25.83 3.14 -41.01
CA ALA G 117 26.13 4.52 -40.72
C ALA G 117 25.36 5.04 -39.52
N TYR G 118 26.04 5.76 -38.66
CA TYR G 118 25.40 6.36 -37.52
C TYR G 118 25.57 7.86 -37.61
N GLU G 119 24.45 8.56 -37.62
CA GLU G 119 24.43 10.01 -37.64
C GLU G 119 24.87 10.46 -39.00
N GLY G 120 24.82 9.57 -39.97
CA GLY G 120 25.24 9.97 -41.30
C GLY G 120 26.69 9.63 -41.56
N ARG G 121 27.45 9.33 -40.52
CA ARG G 121 28.84 8.98 -40.74
C ARG G 121 29.04 7.45 -40.83
N ASP G 122 30.04 7.04 -41.59
CA ASP G 122 30.37 5.63 -41.75
C ASP G 122 30.60 5.10 -40.37
N TYR G 123 30.08 3.90 -40.09
CA TYR G 123 30.23 3.33 -38.75
C TYR G 123 31.04 2.04 -38.81
N ILE G 124 30.52 1.10 -39.57
CA ILE G 124 31.19 -0.18 -39.78
C ILE G 124 30.65 -0.79 -41.04
N ALA G 125 31.55 -1.38 -41.80
CA ALA G 125 31.11 -2.02 -43.04
C ALA G 125 31.83 -3.32 -43.28
N LEU G 126 31.16 -4.18 -44.00
CA LEU G 126 31.72 -5.47 -44.35
C LEU G 126 32.63 -5.27 -45.55
N ASN G 127 33.84 -5.82 -45.44
CA ASN G 127 34.81 -5.73 -46.51
C ASN G 127 34.39 -6.63 -47.68
N GLU G 128 35.04 -6.45 -48.83
CA GLU G 128 34.78 -7.22 -50.05
C GLU G 128 34.84 -8.73 -49.83
N ASP G 129 35.75 -9.14 -48.96
CA ASP G 129 35.91 -10.55 -48.66
C ASP G 129 34.70 -11.12 -47.96
N LEU G 130 33.87 -10.27 -47.39
CA LEU G 130 32.69 -10.75 -46.71
C LEU G 130 33.12 -11.55 -45.48
N LYS G 131 34.34 -11.27 -45.02
CA LYS G 131 34.91 -11.99 -43.89
C LYS G 131 35.46 -11.09 -42.81
N THR G 132 35.90 -9.89 -43.20
CA THR G 132 36.47 -8.91 -42.27
C THR G 132 35.73 -7.60 -42.24
N TRP G 133 35.88 -6.84 -41.15
CA TRP G 133 35.18 -5.57 -41.02
C TRP G 133 36.10 -4.39 -41.10
N THR G 134 35.51 -3.21 -40.96
CA THR G 134 36.23 -1.93 -40.99
C THR G 134 35.50 -0.99 -40.06
N ALA G 135 36.12 -0.60 -38.96
CA ALA G 135 35.43 0.29 -38.04
C ALA G 135 35.91 1.71 -38.10
N ALA G 136 35.00 2.57 -38.57
CA ALA G 136 35.20 4.01 -38.72
C ALA G 136 35.86 4.68 -37.51
N ASP G 137 35.42 4.39 -36.31
CA ASP G 137 36.04 5.04 -35.16
C ASP G 137 36.17 4.16 -33.95
N MET G 138 36.46 4.75 -32.79
CA MET G 138 36.60 3.97 -31.57
C MET G 138 35.33 3.23 -31.21
N ALA G 139 34.21 3.94 -31.10
CA ALA G 139 32.95 3.29 -30.80
C ALA G 139 32.75 2.09 -31.74
N ALA G 140 32.99 2.30 -33.03
CA ALA G 140 32.84 1.21 -33.99
C ALA G 140 33.74 0.03 -33.65
N GLN G 141 34.89 0.29 -33.04
CA GLN G 141 35.79 -0.79 -32.67
C GLN G 141 35.02 -1.79 -31.80
N ILE G 142 34.43 -1.29 -30.72
CA ILE G 142 33.66 -2.13 -29.83
C ILE G 142 32.68 -2.97 -30.64
N THR G 143 31.88 -2.34 -31.48
CA THR G 143 30.95 -3.13 -32.27
C THR G 143 31.71 -4.17 -33.10
N ARG G 144 32.80 -3.77 -33.76
CA ARG G 144 33.54 -4.71 -34.59
C ARG G 144 33.99 -5.91 -33.77
N ARG G 145 34.62 -5.65 -32.63
CA ARG G 145 35.11 -6.74 -31.78
C ARG G 145 33.99 -7.73 -31.47
N LYS G 146 32.88 -7.21 -31.00
CA LYS G 146 31.72 -8.02 -30.67
C LYS G 146 31.23 -8.83 -31.88
N TRP G 147 31.18 -8.22 -33.05
CA TRP G 147 30.75 -8.95 -34.23
C TRP G 147 31.75 -10.00 -34.71
N GLU G 148 33.02 -9.82 -34.38
CA GLU G 148 34.01 -10.80 -34.80
C GLU G 148 33.88 -12.04 -33.91
N GLN G 149 33.90 -11.85 -32.59
CA GLN G 149 33.79 -12.95 -31.67
C GLN G 149 32.52 -13.73 -31.84
N SER G 150 31.60 -13.27 -32.67
CA SER G 150 30.35 -13.97 -32.89
C SER G 150 30.20 -14.41 -34.35
N GLY G 151 31.26 -14.26 -35.14
CA GLY G 151 31.21 -14.67 -36.53
C GLY G 151 30.02 -14.17 -37.31
N ALA G 152 29.37 -13.14 -36.78
CA ALA G 152 28.21 -12.56 -37.44
C ALA G 152 28.48 -12.31 -38.92
N ALA G 153 29.76 -12.16 -39.27
CA ALA G 153 30.14 -11.90 -40.65
C ALA G 153 29.67 -13.01 -41.58
N GLU G 154 29.87 -14.25 -41.14
CA GLU G 154 29.46 -15.39 -41.93
C GLU G 154 27.96 -15.29 -42.23
N HIS G 155 27.18 -14.97 -41.21
CA HIS G 155 25.75 -14.84 -41.38
C HIS G 155 25.42 -13.91 -42.54
N TYR G 156 26.05 -12.73 -42.59
CA TYR G 156 25.75 -11.83 -43.70
C TYR G 156 26.24 -12.41 -45.05
N LYS G 157 27.43 -13.02 -45.01
CA LYS G 157 28.07 -13.61 -46.16
C LYS G 157 27.12 -14.60 -46.80
N ALA G 158 26.49 -15.39 -45.95
CA ALA G 158 25.53 -16.37 -46.42
C ALA G 158 24.42 -15.73 -47.25
N TYR G 159 23.76 -14.74 -46.65
CA TYR G 159 22.68 -14.05 -47.32
C TYR G 159 23.12 -13.34 -48.60
N LEU G 160 24.20 -12.61 -48.49
CA LEU G 160 24.70 -11.85 -49.61
C LEU G 160 25.01 -12.72 -50.80
N GLU G 161 25.65 -13.85 -50.56
CA GLU G 161 25.98 -14.69 -51.70
C GLU G 161 24.85 -15.61 -52.11
N GLY G 162 23.91 -15.84 -51.21
CA GLY G 162 22.81 -16.72 -51.53
C GLY G 162 21.50 -16.02 -51.84
N GLU G 163 20.64 -15.97 -50.81
CA GLU G 163 19.31 -15.38 -50.92
C GLU G 163 19.27 -14.12 -51.79
N CYS G 164 20.27 -13.24 -51.57
CA CYS G 164 20.35 -12.01 -52.33
C CYS G 164 20.36 -12.31 -53.80
N VAL G 165 21.26 -13.20 -54.20
CA VAL G 165 21.35 -13.54 -55.62
C VAL G 165 20.18 -14.37 -56.11
N GLU G 166 19.76 -15.30 -55.27
CA GLU G 166 18.67 -16.13 -55.70
C GLU G 166 17.45 -15.25 -56.01
N TRP G 167 17.11 -14.35 -55.09
CA TRP G 167 15.93 -13.54 -55.34
C TRP G 167 16.07 -12.49 -56.44
N LEU G 168 17.24 -11.87 -56.54
CA LEU G 168 17.46 -10.91 -57.60
C LEU G 168 17.15 -11.61 -58.94
N HIS G 169 17.60 -12.86 -59.09
CA HIS G 169 17.32 -13.60 -60.33
C HIS G 169 15.80 -13.67 -60.52
N ARG G 170 15.12 -14.12 -59.47
CA ARG G 170 13.67 -14.21 -59.52
C ARG G 170 13.05 -12.86 -59.99
N TYR G 171 13.31 -11.81 -59.22
CA TYR G 171 12.77 -10.50 -59.56
C TYR G 171 13.06 -10.12 -61.00
N LEU G 172 14.34 -10.19 -61.40
CA LEU G 172 14.74 -9.86 -62.77
C LEU G 172 13.89 -10.61 -63.78
N LYS G 173 13.57 -11.85 -63.46
CA LYS G 173 12.77 -12.63 -64.38
C LYS G 173 11.38 -12.06 -64.49
N ASN G 174 10.87 -11.41 -63.43
CA ASN G 174 9.53 -10.83 -63.51
C ASN G 174 9.56 -9.37 -64.02
N GLY G 175 10.68 -8.69 -63.77
CA GLY G 175 10.82 -7.31 -64.20
C GLY G 175 11.21 -7.19 -65.66
N ASN G 176 10.91 -8.24 -66.42
CA ASN G 176 11.22 -8.27 -67.85
C ASN G 176 10.23 -7.35 -68.56
N ALA G 177 10.02 -6.18 -67.97
CA ALA G 177 9.11 -5.19 -68.53
C ALA G 177 9.56 -3.75 -68.26
N THR G 178 9.70 -3.39 -66.98
CA THR G 178 10.11 -2.03 -66.58
C THR G 178 11.63 -1.84 -66.46
N LEU G 179 12.37 -2.93 -66.19
CA LEU G 179 13.83 -2.84 -66.05
C LEU G 179 14.62 -3.08 -67.35
N LEU G 180 14.16 -4.03 -68.18
CA LEU G 180 14.83 -4.36 -69.45
C LEU G 180 14.73 -3.17 -70.42
N ARG G 181 15.05 -1.97 -69.91
CA ARG G 181 14.99 -0.73 -70.69
C ARG G 181 16.00 0.31 -70.22
N THR G 182 16.34 1.23 -71.13
CA THR G 182 17.28 2.32 -70.88
C THR G 182 16.93 3.48 -71.81
N ASP G 183 16.58 4.61 -71.24
CA ASP G 183 16.20 5.76 -72.04
C ASP G 183 17.42 6.58 -72.42
N SER G 184 17.56 6.82 -73.71
CA SER G 184 18.68 7.57 -74.27
C SER G 184 18.44 9.06 -74.14
N PRO G 185 19.44 9.81 -73.68
CA PRO G 185 19.28 11.26 -73.53
C PRO G 185 19.11 12.00 -74.84
N LYS G 186 18.12 12.88 -74.91
CA LYS G 186 17.90 13.66 -76.10
C LYS G 186 18.66 14.95 -75.78
N ALA G 187 19.35 15.53 -76.76
CA ALA G 187 20.13 16.74 -76.46
C ALA G 187 19.91 17.94 -77.38
N HIS G 188 20.42 19.08 -76.93
CA HIS G 188 20.32 20.35 -77.66
C HIS G 188 20.97 21.48 -76.87
N VAL G 189 21.40 22.52 -77.57
CA VAL G 189 22.05 23.66 -76.92
C VAL G 189 21.18 24.91 -77.03
N THR G 190 21.38 25.84 -76.10
CA THR G 190 20.62 27.09 -76.11
C THR G 190 21.50 28.31 -75.94
N HIS G 191 21.11 29.37 -76.64
CA HIS G 191 21.86 30.61 -76.62
C HIS G 191 21.30 31.56 -75.57
N HIS G 192 22.21 32.11 -74.77
CA HIS G 192 21.81 33.04 -73.72
C HIS G 192 22.75 34.22 -73.68
N PRO G 193 22.22 35.44 -73.87
CA PRO G 193 23.08 36.63 -73.82
C PRO G 193 23.69 36.63 -72.42
N ARG G 194 25.01 36.74 -72.34
CA ARG G 194 25.66 36.68 -71.03
C ARG G 194 26.34 37.94 -70.53
N SER G 195 26.84 38.76 -71.45
CA SER G 195 27.54 39.98 -71.03
C SER G 195 27.84 40.93 -72.18
N LYS G 196 29.00 41.55 -72.11
CA LYS G 196 29.46 42.48 -73.12
C LYS G 196 30.11 41.66 -74.26
N GLY G 197 29.36 41.47 -75.34
CA GLY G 197 29.86 40.71 -76.49
C GLY G 197 30.01 39.21 -76.30
N GLU G 198 29.71 38.75 -75.08
CA GLU G 198 29.80 37.34 -74.72
C GLU G 198 28.41 36.76 -74.53
N VAL G 199 28.35 35.43 -74.56
CA VAL G 199 27.09 34.73 -74.37
C VAL G 199 27.37 33.46 -73.58
N THR G 200 26.30 32.70 -73.35
CA THR G 200 26.41 31.45 -72.62
C THR G 200 25.67 30.35 -73.37
N LEU G 201 26.38 29.26 -73.60
CA LEU G 201 25.81 28.11 -74.29
C LEU G 201 25.44 27.11 -73.20
N ARG G 202 24.28 26.50 -73.33
CA ARG G 202 23.82 25.52 -72.37
C ARG G 202 23.52 24.19 -73.07
N CYS G 203 24.38 23.19 -72.84
CA CYS G 203 24.20 21.87 -73.41
C CYS G 203 23.18 21.21 -72.50
N TRP G 204 22.02 20.88 -73.05
CA TRP G 204 20.95 20.27 -72.29
C TRP G 204 20.70 18.79 -72.62
N ALA G 205 20.63 17.97 -71.57
CA ALA G 205 20.37 16.55 -71.76
C ALA G 205 19.05 16.27 -71.09
N LEU G 206 18.10 15.72 -71.84
CA LEU G 206 16.77 15.44 -71.29
C LEU G 206 16.16 14.06 -71.58
N GLY G 207 15.27 13.63 -70.68
CA GLY G 207 14.58 12.36 -70.81
C GLY G 207 15.47 11.14 -70.84
N PHE G 208 16.46 11.08 -69.96
CA PHE G 208 17.36 9.95 -69.97
C PHE G 208 17.31 9.08 -68.72
N TYR G 209 17.69 7.81 -68.86
CA TYR G 209 17.74 6.86 -67.75
C TYR G 209 18.64 5.70 -68.14
N PRO G 210 19.47 5.22 -67.21
CA PRO G 210 19.62 5.69 -65.84
C PRO G 210 20.18 7.12 -65.76
N ALA G 211 20.30 7.63 -64.55
CA ALA G 211 20.77 8.99 -64.35
C ALA G 211 22.25 9.22 -64.62
N ASP G 212 23.08 8.19 -64.54
CA ASP G 212 24.50 8.42 -64.78
C ASP G 212 24.63 9.01 -66.17
N ILE G 213 25.42 10.06 -66.30
CA ILE G 213 25.58 10.71 -67.60
C ILE G 213 26.72 11.70 -67.54
N THR G 214 27.27 12.08 -68.69
CA THR G 214 28.37 13.02 -68.69
C THR G 214 28.33 14.06 -69.79
N LEU G 215 28.48 15.32 -69.39
CA LEU G 215 28.49 16.48 -70.30
C LEU G 215 29.84 17.21 -70.26
N THR G 216 30.30 17.68 -71.42
CA THR G 216 31.57 18.39 -71.55
C THR G 216 31.54 19.35 -72.72
N TRP G 217 32.27 20.46 -72.57
CA TRP G 217 32.37 21.45 -73.64
C TRP G 217 33.79 21.45 -74.22
N GLN G 218 33.88 21.50 -75.54
CA GLN G 218 35.18 21.50 -76.19
C GLN G 218 35.43 22.71 -77.07
N LEU G 219 36.64 23.24 -76.95
CA LEU G 219 37.11 24.38 -77.72
C LEU G 219 38.40 23.95 -78.41
N ASN G 220 38.26 23.43 -79.63
CA ASN G 220 39.42 22.95 -80.39
C ASN G 220 39.93 21.65 -79.78
N GLY G 221 39.09 20.61 -79.78
CA GLY G 221 39.48 19.31 -79.24
C GLY G 221 39.62 19.22 -77.73
N GLU G 222 40.23 20.23 -77.12
CA GLU G 222 40.43 20.30 -75.66
C GLU G 222 39.13 20.50 -74.88
N GLU G 223 38.93 19.69 -73.84
CA GLU G 223 37.74 19.79 -73.01
C GLU G 223 37.89 20.95 -72.05
N LEU G 224 36.83 21.75 -71.92
CA LEU G 224 36.85 22.90 -71.02
C LEU G 224 36.38 22.53 -69.62
N THR G 225 37.31 22.02 -68.81
CA THR G 225 37.03 21.61 -67.43
C THR G 225 37.34 22.72 -66.43
N GLN G 226 36.91 23.93 -66.76
CA GLN G 226 37.13 25.09 -65.90
C GLN G 226 36.29 26.23 -66.41
N ASP G 227 35.54 26.87 -65.51
CA ASP G 227 34.65 27.98 -65.87
C ASP G 227 33.39 27.42 -66.51
N MET G 228 33.23 26.11 -66.35
CA MET G 228 32.07 25.45 -66.93
C MET G 228 31.01 25.38 -65.85
N GLU G 229 29.75 25.39 -66.26
CA GLU G 229 28.66 25.32 -65.32
C GLU G 229 27.88 24.03 -65.45
N LEU G 230 27.82 23.29 -64.33
CA LEU G 230 27.11 22.03 -64.29
C LEU G 230 25.83 22.21 -63.53
N VAL G 231 25.36 21.12 -62.95
CA VAL G 231 24.15 21.12 -62.16
C VAL G 231 23.89 19.65 -61.89
N GLU G 232 23.80 19.28 -60.61
CA GLU G 232 23.59 17.89 -60.25
C GLU G 232 22.40 17.33 -60.99
N THR G 233 22.59 16.17 -61.59
CA THR G 233 21.53 15.52 -62.34
C THR G 233 20.26 15.44 -61.53
N ARG G 234 19.16 15.81 -62.12
CA ARG G 234 17.91 15.77 -61.39
C ARG G 234 16.76 15.05 -62.06
N PRO G 235 15.83 14.53 -61.25
CA PRO G 235 14.67 13.80 -61.74
C PRO G 235 13.65 14.72 -62.40
N ALA G 236 13.28 14.35 -63.61
CA ALA G 236 12.28 15.10 -64.33
C ALA G 236 10.96 14.83 -63.64
N GLY G 237 10.90 13.76 -62.85
CA GLY G 237 9.68 13.42 -62.15
C GLY G 237 8.88 12.33 -62.84
N ASP G 238 9.26 11.99 -64.07
CA ASP G 238 8.57 10.96 -64.82
C ASP G 238 9.39 9.67 -64.83
N GLY G 239 10.56 9.69 -64.19
CA GLY G 239 11.38 8.49 -64.19
C GLY G 239 12.66 8.78 -64.95
N THR G 240 12.61 9.75 -65.84
CA THR G 240 13.78 10.14 -66.59
C THR G 240 14.57 11.20 -65.85
N PHE G 241 15.69 11.66 -66.42
CA PHE G 241 16.48 12.65 -65.73
C PHE G 241 16.99 13.76 -66.64
N GLN G 242 17.48 14.83 -66.01
CA GLN G 242 18.01 15.97 -66.75
C GLN G 242 19.25 16.50 -66.09
N LYS G 243 20.00 17.26 -66.87
CA LYS G 243 21.22 17.88 -66.41
C LYS G 243 21.67 18.80 -67.53
N TRP G 244 22.52 19.77 -67.21
CA TRP G 244 23.06 20.69 -68.23
C TRP G 244 24.39 21.34 -67.88
N ALA G 245 25.19 21.58 -68.90
CA ALA G 245 26.48 22.21 -68.70
C ALA G 245 26.49 23.43 -69.57
N SER G 246 27.18 24.47 -69.11
CA SER G 246 27.24 25.71 -69.85
C SER G 246 28.58 26.41 -69.72
N VAL G 247 28.85 27.26 -70.70
CA VAL G 247 30.10 28.00 -70.75
C VAL G 247 29.84 29.38 -71.32
N VAL G 248 30.76 30.30 -71.05
CA VAL G 248 30.68 31.67 -71.54
C VAL G 248 31.55 31.85 -72.80
N VAL G 249 30.89 31.86 -73.96
CA VAL G 249 31.57 31.98 -75.26
C VAL G 249 31.41 33.34 -75.97
N PRO G 250 32.54 34.05 -76.24
CA PRO G 250 32.51 35.35 -76.92
C PRO G 250 31.64 35.31 -78.18
N LEU G 251 30.55 36.08 -78.14
CA LEU G 251 29.58 36.14 -79.23
C LEU G 251 30.21 36.14 -80.62
N GLY G 252 29.60 35.37 -81.53
CA GLY G 252 30.11 35.26 -82.88
C GLY G 252 31.03 34.06 -83.03
N LYS G 253 31.62 33.62 -81.92
CA LYS G 253 32.52 32.48 -81.94
C LYS G 253 31.87 31.21 -81.39
N GLU G 254 30.56 31.10 -81.62
CA GLU G 254 29.77 29.96 -81.15
C GLU G 254 30.25 28.59 -81.64
N GLN G 255 30.36 28.45 -82.97
CA GLN G 255 30.76 27.17 -83.56
C GLN G 255 32.10 26.58 -83.08
N ASN G 256 32.97 27.42 -82.54
CA ASN G 256 34.26 26.93 -82.06
C ASN G 256 34.10 26.20 -80.74
N TYR G 257 32.84 25.89 -80.41
CA TYR G 257 32.50 25.20 -79.17
C TYR G 257 31.48 24.07 -79.35
N THR G 258 31.85 22.88 -78.84
CA THR G 258 31.00 21.70 -78.92
C THR G 258 30.94 20.93 -77.59
N CYS G 259 29.79 20.28 -77.33
CA CYS G 259 29.62 19.48 -76.12
C CYS G 259 29.14 18.08 -76.45
N ARG G 260 29.86 17.09 -75.92
CA ARG G 260 29.52 15.70 -76.15
C ARG G 260 28.67 15.24 -74.97
N VAL G 261 27.81 14.27 -75.23
CA VAL G 261 26.94 13.71 -74.20
C VAL G 261 27.10 12.21 -74.08
N TYR G 262 27.92 11.80 -73.13
CA TYR G 262 28.16 10.38 -72.92
C TYR G 262 27.13 9.73 -72.04
N HIS G 263 26.53 8.66 -72.52
CA HIS G 263 25.51 7.93 -71.75
C HIS G 263 25.37 6.48 -72.23
N GLU G 264 25.34 5.56 -71.29
CA GLU G 264 25.24 4.15 -71.65
C GLU G 264 24.16 3.87 -72.70
N GLY G 265 22.94 4.31 -72.44
CA GLY G 265 21.87 4.05 -73.39
C GLY G 265 22.11 4.62 -74.78
N LEU G 266 23.18 5.37 -74.95
CA LEU G 266 23.48 5.98 -76.25
C LEU G 266 24.39 5.13 -77.11
N PRO G 267 24.04 4.96 -78.40
CA PRO G 267 24.83 4.16 -79.34
C PRO G 267 26.26 4.63 -79.30
N GLU G 268 26.43 5.92 -79.54
CA GLU G 268 27.73 6.55 -79.52
C GLU G 268 27.50 7.93 -78.97
N PRO G 269 28.52 8.52 -78.31
CA PRO G 269 28.42 9.86 -77.72
C PRO G 269 27.81 10.85 -78.69
N LEU G 270 26.99 11.77 -78.18
CA LEU G 270 26.36 12.79 -79.02
C LEU G 270 27.27 14.01 -79.14
N THR G 271 27.22 14.68 -80.28
CA THR G 271 28.02 15.89 -80.49
C THR G 271 27.10 17.05 -80.82
N LEU G 272 27.19 18.10 -80.02
CA LEU G 272 26.34 19.25 -80.19
C LEU G 272 27.08 20.57 -80.34
N ARG G 273 26.39 21.50 -80.99
CA ARG G 273 26.87 22.85 -81.22
C ARG G 273 25.64 23.74 -81.38
N TRP G 274 25.81 25.02 -81.06
CA TRP G 274 24.73 26.00 -81.16
C TRP G 274 24.16 26.06 -82.58
N GLU G 275 22.85 25.93 -82.67
CA GLU G 275 22.16 26.00 -83.96
C GLU G 275 21.31 27.27 -84.03
N PRO G 276 21.89 28.37 -84.55
CA PRO G 276 21.23 29.68 -84.70
C PRO G 276 20.01 29.66 -85.63
N ILE H 1 26.58 15.68 -36.39
CA ILE H 1 26.85 16.49 -37.63
C ILE H 1 25.62 16.56 -38.52
N GLN H 2 25.53 17.63 -39.30
CA GLN H 2 24.41 17.87 -40.23
C GLN H 2 24.90 18.09 -41.65
N LYS H 3 23.98 18.38 -42.56
CA LYS H 3 24.36 18.60 -43.95
C LYS H 3 23.35 19.48 -44.70
N THR H 4 23.80 20.68 -45.08
CA THR H 4 22.96 21.66 -45.76
C THR H 4 22.37 21.25 -47.12
N PRO H 5 21.07 21.15 -47.18
CA PRO H 5 20.27 20.76 -48.36
C PRO H 5 20.50 21.53 -49.63
N GLN H 6 20.72 20.84 -50.73
CA GLN H 6 20.91 21.55 -51.98
C GLN H 6 19.56 21.59 -52.66
N ILE H 7 19.07 22.79 -52.89
CA ILE H 7 17.78 22.95 -53.54
C ILE H 7 17.90 23.22 -55.03
N GLN H 8 16.86 22.86 -55.77
CA GLN H 8 16.86 23.08 -57.20
C GLN H 8 15.42 23.19 -57.62
N VAL H 9 15.05 24.29 -58.28
CA VAL H 9 13.67 24.42 -58.75
C VAL H 9 13.69 24.40 -60.24
N TYR H 10 12.79 23.65 -60.85
CA TYR H 10 12.81 23.57 -62.30
C TYR H 10 11.54 22.90 -62.84
N SER H 11 11.13 23.29 -64.03
CA SER H 11 9.93 22.71 -64.61
C SER H 11 10.24 21.34 -65.16
N ARG H 12 9.23 20.49 -65.25
CA ARG H 12 9.47 19.16 -65.79
C ARG H 12 9.84 19.31 -67.24
N HIS H 13 8.89 19.81 -68.00
CA HIS H 13 9.04 20.03 -69.43
C HIS H 13 9.50 21.43 -69.70
N PRO H 14 9.99 21.69 -70.92
CA PRO H 14 10.44 23.05 -71.22
C PRO H 14 9.31 24.04 -70.92
N PRO H 15 9.62 25.13 -70.20
CA PRO H 15 8.61 26.14 -69.85
C PRO H 15 8.04 26.90 -71.05
N GLU H 16 6.72 26.98 -71.11
CA GLU H 16 6.04 27.69 -72.18
C GLU H 16 4.90 28.47 -71.54
N ASN H 17 5.17 29.73 -71.19
CA ASN H 17 4.17 30.60 -70.57
C ASN H 17 2.80 30.33 -71.15
N GLY H 18 1.82 30.06 -70.31
CA GLY H 18 0.50 29.77 -70.83
C GLY H 18 0.19 28.29 -70.92
N LYS H 19 1.21 27.47 -71.16
CA LYS H 19 1.00 26.02 -71.23
C LYS H 19 1.26 25.42 -69.84
N PRO H 20 0.46 24.40 -69.44
CA PRO H 20 0.64 23.76 -68.13
C PRO H 20 2.02 23.11 -68.02
N ASN H 21 2.33 22.57 -66.85
CA ASN H 21 3.62 21.94 -66.64
C ASN H 21 3.67 21.41 -65.22
N ILE H 22 4.87 21.14 -64.73
CA ILE H 22 5.10 20.64 -63.39
C ILE H 22 6.31 21.38 -62.84
N LEU H 23 6.19 21.87 -61.63
CA LEU H 23 7.31 22.53 -61.04
C LEU H 23 7.89 21.63 -59.95
N ASN H 24 9.16 21.26 -60.09
CA ASN H 24 9.84 20.41 -59.12
C ASN H 24 10.75 21.20 -58.22
N CYS H 25 10.74 20.83 -56.95
CA CYS H 25 11.65 21.42 -56.01
C CYS H 25 12.43 20.17 -55.60
N TYR H 26 13.69 20.08 -56.01
CA TYR H 26 14.53 18.92 -55.69
C TYR H 26 15.51 19.22 -54.58
N VAL H 27 15.19 18.78 -53.36
CA VAL H 27 16.04 19.05 -52.22
C VAL H 27 16.91 17.81 -51.99
N THR H 28 18.22 17.97 -51.88
CA THR H 28 19.06 16.81 -51.70
C THR H 28 20.25 17.06 -50.82
N GLN H 29 21.10 16.06 -50.64
CA GLN H 29 22.31 16.21 -49.82
C GLN H 29 22.13 16.55 -48.33
N PHE H 30 20.91 16.41 -47.82
CA PHE H 30 20.68 16.77 -46.44
C PHE H 30 20.63 15.63 -45.45
N HIS H 31 20.73 15.99 -44.18
CA HIS H 31 20.71 15.06 -43.06
C HIS H 31 20.72 15.85 -41.76
N PRO H 32 19.93 15.44 -40.76
CA PRO H 32 19.00 14.33 -40.62
C PRO H 32 17.87 14.38 -41.65
N PRO H 33 17.14 13.29 -41.80
CA PRO H 33 16.05 13.25 -42.78
C PRO H 33 14.89 14.18 -42.55
N HIS H 34 14.68 14.64 -41.32
CA HIS H 34 13.56 15.53 -41.04
C HIS H 34 13.70 16.83 -41.81
N ILE H 35 12.73 17.15 -42.64
CA ILE H 35 12.83 18.35 -43.46
C ILE H 35 11.47 18.99 -43.77
N GLU H 36 11.39 20.31 -43.84
CA GLU H 36 10.12 20.94 -44.17
C GLU H 36 10.28 21.58 -45.54
N ILE H 37 9.35 21.32 -46.45
CA ILE H 37 9.45 21.85 -47.81
C ILE H 37 8.19 22.50 -48.35
N GLN H 38 8.23 23.83 -48.54
CA GLN H 38 7.09 24.59 -49.08
C GLN H 38 7.38 25.10 -50.48
N MET H 39 6.35 25.06 -51.32
CA MET H 39 6.48 25.57 -52.67
C MET H 39 5.59 26.80 -52.78
N LEU H 40 6.14 27.88 -53.33
CA LEU H 40 5.39 29.11 -53.41
C LEU H 40 5.05 29.68 -54.77
N LYS H 41 4.02 30.53 -54.76
CA LYS H 41 3.53 31.22 -55.95
C LYS H 41 3.26 32.63 -55.49
N ASN H 42 4.15 33.53 -55.83
CA ASN H 42 4.02 34.93 -55.47
C ASN H 42 4.03 35.09 -53.98
N GLY H 43 4.92 34.36 -53.31
CA GLY H 43 5.02 34.50 -51.87
C GLY H 43 4.04 33.70 -51.02
N LYS H 44 2.93 33.28 -51.63
CA LYS H 44 1.90 32.49 -50.94
C LYS H 44 2.21 31.02 -51.10
N LYS H 45 1.96 30.24 -50.05
CA LYS H 45 2.22 28.81 -50.08
C LYS H 45 1.23 28.04 -50.98
N ILE H 46 1.76 27.11 -51.77
CA ILE H 46 0.92 26.31 -52.66
C ILE H 46 0.47 25.11 -51.85
N PRO H 47 -0.85 24.84 -51.86
CA PRO H 47 -1.53 23.75 -51.15
C PRO H 47 -1.16 22.30 -51.48
N LYS H 48 -1.82 21.71 -52.46
CA LYS H 48 -1.54 20.33 -52.80
C LYS H 48 -0.18 20.12 -53.46
N VAL H 49 0.83 19.92 -52.62
CA VAL H 49 2.17 19.69 -53.10
C VAL H 49 2.57 18.24 -52.87
N GLU H 50 2.91 17.55 -53.97
CA GLU H 50 3.33 16.15 -53.91
C GLU H 50 4.73 16.06 -53.32
N MET H 51 4.91 15.14 -52.38
CA MET H 51 6.18 14.94 -51.70
C MET H 51 6.61 13.48 -51.87
N SER H 52 7.79 13.24 -52.46
CA SER H 52 8.29 11.87 -52.64
C SER H 52 8.50 11.21 -51.28
N ASP H 53 8.87 9.93 -51.28
CA ASP H 53 9.08 9.27 -49.98
C ASP H 53 10.55 9.26 -49.57
N MET H 54 10.77 9.26 -48.27
CA MET H 54 12.10 9.27 -47.70
C MET H 54 13.14 8.42 -48.43
N SER H 55 14.14 9.03 -49.01
CA SER H 55 15.13 8.19 -49.66
C SER H 55 16.52 8.68 -49.37
N PHE H 56 17.53 7.89 -49.68
CA PHE H 56 18.91 8.30 -49.45
C PHE H 56 19.83 7.62 -50.41
N SER H 57 21.03 8.18 -50.59
CA SER H 57 21.96 7.63 -51.56
C SER H 57 23.21 7.14 -50.93
N LYS H 58 24.01 6.44 -51.75
CA LYS H 58 25.29 5.85 -51.37
C LYS H 58 26.03 6.70 -50.37
N ASP H 59 26.03 8.01 -50.51
CA ASP H 59 26.76 8.81 -49.53
C ASP H 59 25.99 9.03 -48.22
N TRP H 60 24.93 8.26 -48.00
CA TRP H 60 24.16 8.35 -46.76
C TRP H 60 23.26 9.55 -46.58
N SER H 61 23.09 10.37 -47.60
CA SER H 61 22.28 11.57 -47.44
C SER H 61 20.89 11.43 -48.01
N PHE H 62 19.90 12.02 -47.37
CA PHE H 62 18.54 11.89 -47.88
C PHE H 62 18.20 12.88 -48.96
N TYR H 63 17.06 12.68 -49.61
CA TYR H 63 16.60 13.59 -50.67
C TYR H 63 15.12 13.43 -50.89
N ILE H 64 14.47 14.52 -51.25
CA ILE H 64 13.03 14.48 -51.50
C ILE H 64 12.73 15.20 -52.76
N LEU H 65 11.64 14.83 -53.40
CA LEU H 65 11.29 15.55 -54.60
C LEU H 65 9.84 15.95 -54.43
N ALA H 66 9.66 17.26 -54.22
CA ALA H 66 8.35 17.85 -54.08
C ALA H 66 8.06 18.48 -55.42
N HIS H 67 6.82 18.34 -55.88
CA HIS H 67 6.42 18.92 -57.16
C HIS H 67 4.95 19.32 -57.16
N THR H 68 4.57 20.08 -58.18
CA THR H 68 3.19 20.54 -58.30
C THR H 68 2.91 21.10 -59.70
N GLU H 69 1.63 21.15 -60.05
CA GLU H 69 1.16 21.67 -61.34
C GLU H 69 1.24 23.18 -61.34
N PHE H 70 1.46 23.76 -62.50
CA PHE H 70 1.54 25.21 -62.62
C PHE H 70 1.67 25.61 -64.07
N THR H 71 1.38 26.87 -64.34
CA THR H 71 1.47 27.42 -65.68
C THR H 71 2.16 28.77 -65.49
N PRO H 72 3.44 28.90 -65.87
CA PRO H 72 4.24 30.12 -65.74
C PRO H 72 3.74 31.41 -66.40
N THR H 73 3.70 32.47 -65.61
CA THR H 73 3.29 33.78 -66.13
C THR H 73 4.59 34.59 -66.23
N GLU H 74 4.50 35.91 -66.39
CA GLU H 74 5.71 36.70 -66.52
C GLU H 74 6.04 37.49 -65.27
N THR H 75 5.08 37.59 -64.35
CA THR H 75 5.29 38.33 -63.12
C THR H 75 5.25 37.44 -61.85
N ASP H 76 4.63 36.25 -61.97
CA ASP H 76 4.56 35.33 -60.84
C ASP H 76 5.94 34.86 -60.43
N THR H 77 6.19 34.91 -59.13
CA THR H 77 7.47 34.54 -58.60
C THR H 77 7.43 33.18 -57.87
N TYR H 78 7.50 32.09 -58.65
CA TYR H 78 7.49 30.75 -58.06
C TYR H 78 8.81 30.47 -57.35
N ALA H 79 8.72 29.85 -56.19
CA ALA H 79 9.90 29.57 -55.41
C ALA H 79 9.68 28.39 -54.50
N CYS H 80 10.75 27.97 -53.83
CA CYS H 80 10.69 26.87 -52.90
C CYS H 80 11.45 27.24 -51.63
N ARG H 81 10.79 27.12 -50.48
CA ARG H 81 11.46 27.44 -49.24
C ARG H 81 11.64 26.12 -48.49
N VAL H 82 12.84 25.92 -47.97
CA VAL H 82 13.19 24.70 -47.28
C VAL H 82 13.67 24.89 -45.86
N LYS H 83 12.92 24.43 -44.88
CA LYS H 83 13.36 24.56 -43.49
C LYS H 83 14.13 23.26 -43.15
N HIS H 84 15.14 23.38 -42.29
CA HIS H 84 15.95 22.21 -41.92
C HIS H 84 16.95 22.54 -40.81
N ASP H 85 17.26 21.56 -39.96
CA ASP H 85 18.17 21.79 -38.86
C ASP H 85 19.56 22.23 -39.23
N SER H 86 20.06 21.79 -40.38
CA SER H 86 21.43 22.16 -40.77
C SER H 86 21.53 23.65 -41.06
N MET H 87 20.38 24.32 -41.05
CA MET H 87 20.32 25.75 -41.29
C MET H 87 19.57 26.46 -40.16
N ALA H 88 20.02 27.67 -39.84
CA ALA H 88 19.42 28.47 -38.79
C ALA H 88 18.18 29.18 -39.33
N GLU H 89 18.25 29.65 -40.56
CA GLU H 89 17.14 30.33 -41.18
C GLU H 89 16.79 29.59 -42.47
N PRO H 90 15.50 29.56 -42.84
CA PRO H 90 15.04 28.88 -44.05
C PRO H 90 15.86 29.27 -45.23
N LYS H 91 15.62 28.64 -46.36
CA LYS H 91 16.35 28.96 -47.57
C LYS H 91 15.33 28.96 -48.67
N THR H 92 15.26 30.05 -49.40
CA THR H 92 14.31 30.11 -50.48
C THR H 92 15.08 30.23 -51.75
N VAL H 93 14.66 29.50 -52.78
CA VAL H 93 15.33 29.63 -54.06
C VAL H 93 14.23 29.77 -55.09
N TYR H 94 14.37 30.77 -55.94
CA TYR H 94 13.35 31.05 -56.95
C TYR H 94 13.55 30.31 -58.24
N TRP H 95 12.42 29.96 -58.86
CA TRP H 95 12.45 29.26 -60.13
C TRP H 95 13.17 30.12 -61.14
N ASP H 96 13.64 29.53 -62.23
CA ASP H 96 14.33 30.28 -63.27
C ASP H 96 14.23 29.49 -64.57
N ARG H 97 13.32 29.87 -65.45
CA ARG H 97 13.13 29.14 -66.68
C ARG H 97 14.39 28.83 -67.48
N ASP H 98 15.46 29.61 -67.27
CA ASP H 98 16.70 29.38 -68.00
C ASP H 98 17.63 28.38 -67.29
N MET H 99 17.38 28.18 -66.01
CA MET H 99 18.16 27.25 -65.19
C MET H 99 17.42 25.91 -65.08
N SER I 1 -45.42 49.21 -12.64
CA SER I 1 -44.01 49.37 -13.08
C SER I 1 -43.06 48.90 -11.99
N ALA I 2 -41.92 48.37 -12.42
CA ALA I 2 -40.91 47.84 -11.48
C ALA I 2 -40.44 48.79 -10.40
N LEU I 3 -40.07 48.24 -9.26
CA LEU I 3 -39.54 49.02 -8.14
C LEU I 3 -38.05 49.06 -8.38
N GLN I 4 -37.39 50.12 -7.92
CA GLN I 4 -35.93 50.23 -8.06
C GLN I 4 -35.47 50.32 -6.62
N ASN I 5 -34.56 49.46 -6.18
CA ASN I 5 -34.09 49.52 -4.80
C ASN I 5 -33.31 50.80 -4.44
N ALA I 6 -33.20 51.06 -3.14
CA ALA I 6 -32.46 52.20 -2.63
C ALA I 6 -31.01 52.05 -3.08
N ALA I 7 -30.26 53.14 -3.00
CA ALA I 7 -28.86 53.09 -3.41
C ALA I 7 -28.17 52.18 -2.40
N SER I 8 -28.73 52.16 -1.19
CA SER I 8 -28.20 51.34 -0.11
C SER I 8 -28.43 49.87 -0.41
N ILE I 9 -27.33 49.14 -0.54
CA ILE I 9 -27.42 47.74 -0.85
C ILE I 9 -27.24 46.84 0.38
N ALA I 10 -27.33 45.53 0.14
CA ALA I 10 -27.15 44.57 1.23
C ALA I 10 -25.75 44.82 1.83
N SER J 1 26.42 -12.82 11.98
CA SER J 1 27.75 -12.71 11.31
C SER J 1 28.86 -13.08 12.28
N ALA J 2 29.93 -13.64 11.76
CA ALA J 2 31.03 -14.08 12.59
C ALA J 2 31.67 -13.05 13.53
N LEU J 3 32.18 -13.55 14.65
CA LEU J 3 32.90 -12.72 15.59
C LEU J 3 34.37 -12.72 15.12
N GLN J 4 35.07 -11.62 15.41
CA GLN J 4 36.48 -11.48 15.09
C GLN J 4 37.14 -11.31 16.46
N ASN J 5 38.16 -12.11 16.74
CA ASN J 5 38.85 -12.03 18.02
C ASN J 5 39.63 -10.73 18.22
N ALA J 6 39.87 -10.41 19.49
CA ALA J 6 40.62 -9.23 19.89
C ALA J 6 42.01 -9.39 19.30
N ALA J 7 42.71 -8.28 19.11
CA ALA J 7 44.06 -8.32 18.56
C ALA J 7 44.89 -9.16 19.51
N SER J 8 44.46 -9.15 20.76
CA SER J 8 45.12 -9.91 21.81
C SER J 8 44.87 -11.40 21.59
N ILE J 9 45.95 -12.15 21.42
CA ILE J 9 45.85 -13.55 21.18
C ILE J 9 46.20 -14.41 22.40
N ALA J 10 46.20 -15.72 22.24
CA ALA J 10 46.53 -16.62 23.33
C ALA J 10 48.01 -16.41 23.69
N SER K 1 -3.77 -26.52 44.67
CA SER K 1 -4.22 -26.79 46.06
C SER K 1 -3.34 -26.11 47.10
N ALA K 2 -3.97 -25.41 48.02
CA ALA K 2 -3.23 -24.70 49.06
C ALA K 2 -2.21 -25.53 49.81
N LEU K 3 -1.15 -24.88 50.26
CA LEU K 3 -0.14 -25.56 51.03
C LEU K 3 -0.61 -25.50 52.50
N GLN K 4 -0.24 -26.52 53.27
CA GLN K 4 -0.52 -26.60 54.69
C GLN K 4 0.81 -26.46 55.38
N ASN K 5 1.11 -25.32 56.00
CA ASN K 5 2.41 -25.16 56.70
C ASN K 5 2.75 -26.35 57.65
N ALA K 6 4.01 -26.40 58.03
CA ALA K 6 4.47 -27.43 58.91
C ALA K 6 4.01 -27.15 60.36
N ALA K 7 3.99 -28.16 61.19
CA ALA K 7 3.57 -27.97 62.54
C ALA K 7 4.34 -26.83 63.19
N SER K 8 5.62 -26.75 62.94
CA SER K 8 6.39 -25.71 63.61
C SER K 8 6.05 -24.33 63.04
N ILE K 9 5.85 -23.42 63.96
CA ILE K 9 5.49 -22.06 63.61
C ILE K 9 6.60 -21.06 63.94
N ALA K 10 6.46 -19.85 63.39
CA ALA K 10 7.43 -18.78 63.59
C ALA K 10 7.85 -18.71 65.04
N SER L 1 14.32 -10.47 -51.42
CA SER L 1 13.96 -10.71 -50.00
C SER L 1 14.89 -10.02 -49.00
N ALA L 2 14.27 -9.31 -48.07
CA ALA L 2 14.99 -8.59 -47.03
C ALA L 2 16.01 -9.40 -46.28
N LEU L 3 17.05 -8.76 -45.82
CA LEU L 3 18.07 -9.45 -45.03
C LEU L 3 17.66 -9.39 -43.56
N GLN L 4 18.03 -10.41 -42.81
CA GLN L 4 17.76 -10.50 -41.39
C GLN L 4 19.08 -10.29 -40.65
N ASN L 5 19.36 -9.13 -40.12
CA ASN L 5 20.63 -8.95 -39.42
C ASN L 5 20.97 -10.08 -38.46
N ALA L 6 22.25 -10.14 -38.09
CA ALA L 6 22.75 -11.15 -37.15
C ALA L 6 22.33 -10.83 -35.69
N ALA L 7 22.25 -11.86 -34.86
CA ALA L 7 21.82 -11.66 -33.51
C ALA L 7 22.59 -10.55 -32.85
N SER L 8 23.87 -10.40 -33.17
CA SER L 8 24.61 -9.35 -32.50
C SER L 8 24.24 -7.99 -33.07
N ILE L 9 24.02 -7.04 -32.15
CA ILE L 9 23.61 -5.70 -32.52
C ILE L 9 24.69 -4.71 -32.21
N ALA L 10 24.56 -3.51 -32.78
CA ALA L 10 25.52 -2.42 -32.55
C ALA L 10 25.92 -2.37 -31.09
#